data_8JN4
#
_entry.id   8JN4
#
_cell.length_a   1.00
_cell.length_b   1.00
_cell.length_c   1.00
_cell.angle_alpha   90.00
_cell.angle_beta   90.00
_cell.angle_gamma   90.00
#
_symmetry.space_group_name_H-M   'P 1'
#
loop_
_entity.id
_entity.type
_entity.pdbx_description
1 polymer 'Envelope protein'
2 polymer 'Membrane protein'
3 polymer 'Human antibody DENV-290 heavy chain'
4 polymer 'Human antibody DENV-290 light chain'
5 branched alpha-D-mannopyranose-(1-3)-[beta-D-mannopyranose-(1-6)]beta-D-mannopyranose-(1-4)-2-acetamido-2-deoxy-beta-D-glucopyranose-(1-4)-2-acetamido-2-deoxy-beta-D-glucopyranose
6 branched beta-D-mannopyranose-(1-4)-2-acetamido-2-deoxy-beta-D-glucopyranose-(1-4)-2-acetamido-2-deoxy-beta-D-glucopyranose
7 branched 2-acetamido-2-deoxy-beta-D-glucopyranose-(1-4)-2-acetamido-2-deoxy-beta-D-glucopyranose
#
loop_
_entity_poly.entity_id
_entity_poly.type
_entity_poly.pdbx_seq_one_letter_code
_entity_poly.pdbx_strand_id
1 'polypeptide(L)'
;MRCVGVGNRDFVEGLSGATWVDVVLEHGGCVTTMAKNKPTLDIELQKTEATQLATLRKLCIEGKITNITTDSRCPTQGEA
VLPEEQDQNYVCKHTYVDRGWGNGCGLFGKGSLVTCAKFQCLEPIEGKVVQYENLKYTVIITVHTGDQHQVGNETQGVTA
EITPQASTTEAILPEYGTLGLECSPRTGLDFNEMILLTMKNKAWMVHRQWFFDLPLPWASGATTETPTWNRKELLVTFKN
AHAKKQEVVVLGSQEGAMHTALTGATEIQNSGGTSIFAGHLKCRLKMDKLELKGMSYAMCTNTFVLKKEVSETQHGTILI
KVEYKGEDAPCKIPFSTEDGQGKAHNGRLITANPVVTKKEEPVNIEAEPPFGESNIVIGIGDNALKINWYKKGSSIGKMF
EATARGARRMAILGDTAWDFGSVGGVLNSLGKMVHQIFGSAYTALFSGVSWVMKIGIGVLLTWIGLNSKNTSMSFSCIAI
GIITLYLGAVVQA
;
A,C,E
2 'polypeptide(L)' SVALAPHVGMGLDTRTQTWMSAEGAWRQVEKVETWALRHPGFTILALFLAHYIGTSLTQKVVIFILLMLVTPSMT B,D,F
3 'polypeptide(L)'
;QVELVESGGDVVQPGKSLRLSCAASGFTFTNYAMHWLRQAPGKGLEWVAVISSDVNDKYYADSVKGRFTISRDNSKNTLY
LQMNSLTPEDTAVYYCAREQAVGTNPWAFDYWGQGTLVTVSS
;
H
4 'polypeptide(L)'
;HIVMTQSPLSLSVTPGQPASISCKSSQISSWGSDGKTYLYWYLQKPGQSPQLLIYEVSSRFSGVSDRFSGSGSGTDFTLK
ISRVQAEDVGLYYCMQGLHLPLTFGQGTRLEIK
;
L
#
loop_
_chem_comp.id
_chem_comp.type
_chem_comp.name
_chem_comp.formula
BMA D-saccharide, beta linking beta-D-mannopyranose 'C6 H12 O6'
MAN D-saccharide, alpha linking alpha-D-mannopyranose 'C6 H12 O6'
NAG D-saccharide, beta linking 2-acetamido-2-deoxy-beta-D-glucopyranose 'C8 H15 N O6'
#
# COMPACT_ATOMS: atom_id res chain seq x y z
N MET A 1 32.49 -25.92 54.64
CA MET A 1 31.47 -26.22 53.63
C MET A 1 31.05 -24.94 52.91
N ARG A 2 31.08 -24.96 51.58
CA ARG A 2 30.90 -23.73 50.83
C ARG A 2 29.47 -23.21 50.98
N CYS A 3 29.31 -21.90 50.76
CA CYS A 3 28.02 -21.21 50.72
C CYS A 3 27.19 -21.48 51.98
N VAL A 4 27.87 -21.58 53.11
CA VAL A 4 27.18 -21.69 54.41
C VAL A 4 27.15 -20.27 54.97
N GLY A 5 25.98 -19.65 54.85
CA GLY A 5 25.81 -18.26 55.21
C GLY A 5 25.01 -17.53 54.17
N VAL A 6 24.89 -18.14 52.98
CA VAL A 6 24.06 -17.57 51.92
C VAL A 6 22.61 -17.55 52.38
N GLY A 7 21.93 -16.43 52.12
CA GLY A 7 20.58 -16.27 52.61
C GLY A 7 19.61 -17.28 52.03
N ASN A 8 19.78 -17.62 50.76
CA ASN A 8 18.79 -18.43 50.05
C ASN A 8 19.11 -19.91 50.01
N ARG A 9 20.11 -20.37 50.78
CA ARG A 9 20.48 -21.77 50.78
C ARG A 9 19.34 -22.62 51.32
N ASP A 10 19.10 -23.77 50.69
CA ASP A 10 18.02 -24.66 51.09
C ASP A 10 18.43 -26.10 50.80
N PHE A 11 18.17 -26.99 51.75
CA PHE A 11 18.58 -28.38 51.64
C PHE A 11 17.68 -29.13 50.67
N VAL A 12 18.28 -30.06 49.92
CA VAL A 12 17.54 -31.02 49.11
C VAL A 12 17.99 -32.40 49.58
N GLU A 13 17.26 -32.97 50.53
CA GLU A 13 17.72 -34.15 51.27
C GLU A 13 16.97 -35.42 50.90
N GLY A 14 16.52 -35.54 49.65
CA GLY A 14 15.80 -36.74 49.24
C GLY A 14 16.20 -37.25 47.88
N LEU A 15 16.62 -38.51 47.80
CA LEU A 15 16.96 -39.15 46.53
C LEU A 15 15.92 -40.21 46.20
N SER A 16 15.70 -40.43 44.90
CA SER A 16 14.65 -41.32 44.44
C SER A 16 15.10 -42.05 43.18
N GLY A 17 14.43 -43.16 42.91
CA GLY A 17 14.70 -43.92 41.69
C GLY A 17 16.13 -44.41 41.65
N ALA A 18 16.80 -44.16 40.52
CA ALA A 18 18.20 -44.54 40.36
C ALA A 18 19.11 -43.46 40.95
N THR A 19 18.83 -43.13 42.21
CA THR A 19 19.61 -42.18 42.98
C THR A 19 19.79 -40.85 42.23
N TRP A 20 18.67 -40.33 41.73
CA TRP A 20 18.67 -39.04 41.04
C TRP A 20 17.64 -38.15 41.70
N VAL A 21 17.94 -36.85 41.79
CA VAL A 21 17.03 -35.87 42.35
C VAL A 21 17.04 -34.63 41.46
N ASP A 22 15.85 -34.10 41.17
CA ASP A 22 15.75 -32.87 40.41
C ASP A 22 15.99 -31.67 41.33
N VAL A 23 16.46 -30.57 40.74
CA VAL A 23 16.75 -29.37 41.50
C VAL A 23 16.80 -28.19 40.53
N VAL A 24 16.28 -27.05 40.97
CA VAL A 24 16.26 -25.83 40.16
C VAL A 24 17.38 -24.94 40.68
N LEU A 25 18.41 -24.74 39.86
CA LEU A 25 19.56 -23.93 40.26
C LEU A 25 19.29 -22.46 39.96
N GLU A 26 19.50 -21.61 40.96
CA GLU A 26 19.19 -20.19 40.86
C GLU A 26 20.40 -19.37 41.30
N HIS A 27 20.54 -18.18 40.71
CA HIS A 27 21.68 -17.33 41.02
C HIS A 27 21.64 -16.80 42.45
N GLY A 28 20.47 -16.81 43.10
CA GLY A 28 20.38 -16.24 44.44
C GLY A 28 21.18 -17.01 45.47
N GLY A 29 21.08 -18.34 45.44
CA GLY A 29 21.70 -19.14 46.48
C GLY A 29 22.01 -20.54 46.01
N CYS A 30 22.63 -21.31 46.91
CA CYS A 30 23.07 -22.65 46.60
C CYS A 30 22.08 -23.69 47.09
N VAL A 31 22.45 -24.96 46.92
CA VAL A 31 21.65 -26.10 47.33
C VAL A 31 22.56 -27.08 48.07
N THR A 32 22.18 -27.44 49.29
CA THR A 32 22.95 -28.41 50.07
C THR A 32 22.27 -29.77 50.02
N THR A 33 22.59 -30.51 48.96
CA THR A 33 21.94 -31.80 48.74
C THR A 33 22.57 -32.88 49.62
N MET A 34 21.71 -33.66 50.27
CA MET A 34 22.13 -34.73 51.16
C MET A 34 21.66 -36.07 50.60
N ALA A 35 22.34 -37.13 51.03
CA ALA A 35 21.93 -38.49 50.68
C ALA A 35 22.58 -39.45 51.67
N LYS A 36 22.05 -40.67 51.71
CA LYS A 36 22.55 -41.69 52.61
C LYS A 36 23.82 -42.31 52.03
N ASN A 37 24.92 -42.23 52.78
CA ASN A 37 26.21 -42.77 52.37
C ASN A 37 26.67 -42.16 51.04
N LYS A 38 26.41 -40.87 50.87
CA LYS A 38 26.88 -40.10 49.74
C LYS A 38 27.41 -38.77 50.24
N PRO A 39 28.40 -38.19 49.57
CA PRO A 39 28.91 -36.90 50.01
C PRO A 39 27.85 -35.81 49.89
N THR A 40 27.92 -34.84 50.81
CA THR A 40 26.91 -33.76 50.86
C THR A 40 27.45 -32.53 50.12
N LEU A 41 27.41 -32.61 48.81
CA LEU A 41 27.98 -31.56 47.99
C LEU A 41 27.04 -30.36 47.88
N ASP A 42 27.62 -29.19 47.58
CA ASP A 42 26.89 -27.93 47.46
C ASP A 42 27.01 -27.46 46.01
N ILE A 43 25.91 -26.95 45.46
CA ILE A 43 25.87 -26.55 44.06
C ILE A 43 25.39 -25.11 43.96
N GLU A 44 26.17 -24.27 43.27
CA GLU A 44 25.77 -22.92 42.92
C GLU A 44 25.73 -22.80 41.41
N LEU A 45 24.71 -22.13 40.89
CA LEU A 45 24.78 -21.62 39.54
C LEU A 45 25.54 -20.29 39.57
N GLN A 46 26.80 -20.33 39.15
CA GLN A 46 27.69 -19.19 39.32
C GLN A 46 27.40 -18.06 38.36
N LYS A 47 27.36 -18.34 37.06
CA LYS A 47 27.13 -17.29 36.07
C LYS A 47 26.64 -17.86 34.75
N THR A 48 25.79 -17.11 34.06
CA THR A 48 25.37 -17.41 32.70
C THR A 48 25.93 -16.31 31.81
N GLU A 49 26.67 -16.71 30.77
CA GLU A 49 27.35 -15.77 29.90
C GLU A 49 26.96 -16.01 28.45
N ALA A 50 26.89 -14.92 27.69
CA ALA A 50 26.58 -14.95 26.27
C ALA A 50 27.78 -14.40 25.52
N THR A 51 28.35 -15.23 24.64
CA THR A 51 29.62 -14.85 24.01
C THR A 51 29.40 -13.85 22.87
N GLN A 52 28.52 -14.17 21.93
CA GLN A 52 28.30 -13.35 20.75
C GLN A 52 26.90 -12.76 20.79
N LEU A 53 26.77 -11.51 20.35
CA LEU A 53 25.50 -10.80 20.36
C LEU A 53 25.26 -10.13 19.02
N ALA A 54 24.00 -10.14 18.59
CA ALA A 54 23.58 -9.47 17.37
C ALA A 54 22.75 -8.24 17.71
N THR A 55 22.84 -7.23 16.86
CA THR A 55 22.17 -5.95 17.07
C THR A 55 20.83 -5.99 16.35
N LEU A 56 19.76 -6.24 17.10
CA LEU A 56 18.43 -6.36 16.50
C LEU A 56 17.90 -5.02 16.04
N ARG A 57 18.04 -3.98 16.87
CA ARG A 57 17.52 -2.66 16.54
C ARG A 57 18.15 -1.64 17.47
N LYS A 58 18.60 -0.52 16.90
CA LYS A 58 19.21 0.56 17.68
C LYS A 58 18.21 1.67 17.87
N LEU A 59 17.88 1.97 19.12
CA LEU A 59 17.26 3.22 19.49
C LEU A 59 18.36 4.23 19.83
N CYS A 60 17.99 5.50 19.95
CA CYS A 60 18.97 6.49 20.35
C CYS A 60 18.32 7.61 21.14
N ILE A 61 19.14 8.27 21.97
CA ILE A 61 18.67 9.15 23.03
C ILE A 61 19.03 10.60 22.78
N GLU A 62 20.31 10.87 22.50
CA GLU A 62 20.74 12.23 22.21
C GLU A 62 20.39 12.59 20.78
N GLY A 63 20.96 13.68 20.28
CA GLY A 63 20.75 14.03 18.89
C GLY A 63 21.37 15.37 18.57
N LYS A 64 21.35 15.72 17.29
CA LYS A 64 21.86 17.01 16.85
C LYS A 64 21.11 17.44 15.60
N ILE A 65 20.85 18.74 15.51
CA ILE A 65 20.20 19.33 14.34
C ILE A 65 21.25 20.14 13.58
N THR A 66 21.55 19.72 12.35
CA THR A 66 22.68 20.30 11.64
C THR A 66 22.29 21.44 10.70
N ASN A 67 21.47 21.16 9.70
CA ASN A 67 21.09 22.14 8.70
C ASN A 67 19.59 22.40 8.78
N ILE A 68 19.21 23.67 8.88
CA ILE A 68 17.82 24.07 9.02
C ILE A 68 17.45 24.93 7.81
N THR A 69 16.45 24.49 7.06
CA THR A 69 15.96 25.22 5.89
C THR A 69 14.44 25.26 5.90
N THR A 70 13.89 26.41 5.51
CA THR A 70 12.44 26.61 5.51
C THR A 70 12.03 27.16 4.15
N ASP A 71 10.92 26.66 3.61
CA ASP A 71 10.34 27.18 2.39
C ASP A 71 8.84 27.39 2.61
N SER A 72 8.42 28.65 2.70
CA SER A 72 7.03 28.96 2.94
C SER A 72 6.25 28.97 1.62
N ARG A 73 4.95 29.22 1.73
CA ARG A 73 4.06 29.26 0.59
C ARG A 73 2.98 30.30 0.83
N CYS A 74 2.43 30.83 -0.27
CA CYS A 74 1.42 31.87 -0.18
C CYS A 74 0.13 31.31 0.39
N PRO A 75 -0.76 32.17 0.92
CA PRO A 75 -1.89 31.67 1.71
C PRO A 75 -2.81 30.72 0.97
N THR A 76 -2.99 30.89 -0.34
CA THR A 76 -3.92 30.04 -1.08
C THR A 76 -3.26 29.30 -2.23
N GLN A 77 -1.97 29.52 -2.47
CA GLN A 77 -1.32 28.82 -3.59
C GLN A 77 -1.12 27.34 -3.28
N GLY A 78 -1.24 26.95 -2.01
CA GLY A 78 -1.26 25.55 -1.67
C GLY A 78 -0.27 25.12 -0.61
N GLU A 79 0.19 23.88 -0.71
CA GLU A 79 1.11 23.31 0.26
C GLU A 79 2.54 23.79 -0.01
N ALA A 80 3.38 23.71 1.02
CA ALA A 80 4.78 24.07 0.91
C ALA A 80 5.63 22.81 0.76
N VAL A 81 6.63 22.89 -0.11
CA VAL A 81 7.46 21.74 -0.43
C VAL A 81 8.92 22.17 -0.42
N LEU A 82 9.77 21.34 0.19
CA LEU A 82 11.21 21.51 0.16
C LEU A 82 11.85 20.32 -0.55
N PRO A 83 12.91 20.54 -1.33
CA PRO A 83 13.55 19.42 -2.04
C PRO A 83 14.10 18.35 -1.12
N GLU A 84 14.49 18.69 0.11
CA GLU A 84 15.08 17.72 1.03
C GLU A 84 14.05 17.05 1.91
N GLU A 85 12.76 17.29 1.67
CA GLU A 85 11.72 16.61 2.44
C GLU A 85 11.77 15.11 2.20
N GLN A 86 11.99 14.70 0.95
CA GLN A 86 12.04 13.28 0.61
C GLN A 86 13.32 12.60 1.08
N ASP A 87 14.32 13.35 1.53
CA ASP A 87 15.51 12.74 2.09
C ASP A 87 15.17 12.08 3.42
N GLN A 88 15.73 10.90 3.64
CA GLN A 88 15.35 10.11 4.80
C GLN A 88 15.87 10.67 6.12
N ASN A 89 16.95 11.46 6.09
CA ASN A 89 17.55 11.98 7.32
C ASN A 89 17.21 13.44 7.57
N TYR A 90 16.21 13.98 6.89
CA TYR A 90 15.72 15.33 7.15
C TYR A 90 14.35 15.24 7.81
N VAL A 91 14.26 15.74 9.05
CA VAL A 91 13.00 15.72 9.77
C VAL A 91 12.23 17.00 9.51
N CYS A 92 11.19 16.91 8.69
CA CYS A 92 10.41 18.08 8.32
C CYS A 92 9.06 18.09 9.04
N LYS A 93 8.47 19.28 9.16
CA LYS A 93 7.14 19.43 9.70
C LYS A 93 6.45 20.63 9.08
N HIS A 94 5.19 20.46 8.73
CA HIS A 94 4.40 21.50 8.09
C HIS A 94 3.56 22.26 9.12
N THR A 95 3.56 23.58 9.01
CA THR A 95 2.80 24.42 9.91
C THR A 95 2.20 25.57 9.10
N TYR A 96 1.33 26.33 9.75
CA TYR A 96 0.66 27.47 9.14
C TYR A 96 1.15 28.76 9.76
N VAL A 97 1.35 29.75 8.90
CA VAL A 97 1.72 31.11 9.30
C VAL A 97 0.85 32.08 8.51
N ASP A 98 0.86 33.34 8.93
CA ASP A 98 0.09 34.38 8.25
C ASP A 98 1.03 35.26 7.44
N ARG A 99 0.64 35.55 6.20
CA ARG A 99 1.49 36.28 5.27
C ARG A 99 0.72 37.44 4.66
N GLY A 100 1.45 38.46 4.26
CA GLY A 100 0.86 39.64 3.67
C GLY A 100 1.90 40.44 2.93
N TRP A 101 1.54 41.69 2.61
CA TRP A 101 2.46 42.55 1.88
C TRP A 101 3.69 42.89 2.71
N GLY A 102 3.61 42.79 4.04
CA GLY A 102 4.80 42.91 4.85
C GLY A 102 5.80 41.80 4.55
N ASN A 103 5.30 40.61 4.24
CA ASN A 103 6.12 39.49 3.84
C ASN A 103 6.35 39.43 2.33
N GLY A 104 5.83 40.41 1.58
CA GLY A 104 5.97 40.42 0.14
C GLY A 104 5.13 39.41 -0.60
N CYS A 105 4.01 38.98 -0.02
CA CYS A 105 3.25 37.88 -0.61
C CYS A 105 2.18 38.38 -1.58
N GLY A 106 1.41 39.40 -1.19
CA GLY A 106 0.39 39.95 -2.05
C GLY A 106 -1.02 39.50 -1.75
N LEU A 107 -1.21 38.41 -1.02
CA LEU A 107 -2.53 37.97 -0.59
C LEU A 107 -2.52 37.82 0.93
N PHE A 108 -3.52 38.39 1.59
CA PHE A 108 -3.58 38.30 3.04
C PHE A 108 -4.35 37.06 3.46
N GLY A 109 -3.68 36.21 4.24
CA GLY A 109 -4.28 34.96 4.66
C GLY A 109 -3.29 34.16 5.46
N LYS A 110 -3.57 32.86 5.58
CA LYS A 110 -2.73 31.94 6.34
C LYS A 110 -1.97 31.05 5.36
N GLY A 111 -0.67 31.28 5.24
CA GLY A 111 0.16 30.50 4.34
C GLY A 111 0.56 29.17 4.94
N SER A 112 1.36 28.43 4.17
CA SER A 112 1.89 27.15 4.59
C SER A 112 3.40 27.24 4.71
N LEU A 113 3.94 26.68 5.80
CA LEU A 113 5.37 26.76 6.05
C LEU A 113 5.86 25.39 6.50
N VAL A 114 7.01 24.98 5.99
CA VAL A 114 7.63 23.71 6.33
C VAL A 114 9.10 23.94 6.64
N THR A 115 9.58 23.33 7.72
CA THR A 115 10.98 23.45 8.13
C THR A 115 11.61 22.06 8.18
N CYS A 116 12.74 21.91 7.50
CA CYS A 116 13.46 20.65 7.47
C CYS A 116 14.80 20.81 8.16
N ALA A 117 15.11 19.87 9.06
CA ALA A 117 16.35 19.90 9.81
C ALA A 117 17.09 18.58 9.62
N LYS A 118 18.35 18.65 9.18
CA LYS A 118 19.14 17.45 9.00
C LYS A 118 19.45 16.83 10.36
N PHE A 119 19.24 15.52 10.46
CA PHE A 119 19.28 14.84 11.74
C PHE A 119 20.28 13.68 11.71
N GLN A 120 21.24 13.73 12.63
CA GLN A 120 22.07 12.58 12.96
C GLN A 120 22.08 12.47 14.47
N CYS A 121 22.20 11.23 14.96
CA CYS A 121 21.95 10.95 16.37
C CYS A 121 23.22 10.46 17.05
N LEU A 122 23.42 10.87 18.29
CA LEU A 122 24.63 10.58 19.04
C LEU A 122 24.33 9.66 20.22
N GLU A 123 25.28 8.77 20.52
CA GLU A 123 25.15 7.83 21.62
C GLU A 123 23.86 7.01 21.55
N PRO A 124 23.74 6.08 20.62
CA PRO A 124 22.51 5.30 20.51
C PRO A 124 22.48 4.14 21.50
N ILE A 125 21.26 3.67 21.75
CA ILE A 125 21.03 2.43 22.48
C ILE A 125 21.21 1.30 21.48
N GLU A 126 21.68 0.14 21.94
CA GLU A 126 22.05 -0.92 21.01
C GLU A 126 21.00 -2.00 20.87
N GLY A 127 20.37 -2.44 21.95
CA GLY A 127 19.34 -3.45 21.81
C GLY A 127 19.84 -4.78 21.29
N LYS A 128 20.92 -5.31 21.85
CA LYS A 128 21.46 -6.58 21.39
C LYS A 128 20.59 -7.75 21.85
N VAL A 129 20.48 -8.76 21.00
CA VAL A 129 19.70 -9.96 21.26
C VAL A 129 20.63 -11.16 21.21
N VAL A 130 20.44 -12.09 22.14
CA VAL A 130 21.27 -13.29 22.23
C VAL A 130 20.46 -14.47 21.68
N GLN A 131 21.09 -15.30 20.86
CA GLN A 131 20.49 -16.53 20.42
C GLN A 131 21.11 -17.71 21.16
N TYR A 132 20.39 -18.84 21.17
CA TYR A 132 20.82 -19.99 21.94
C TYR A 132 22.01 -20.70 21.31
N GLU A 133 22.46 -20.22 20.14
CA GLU A 133 23.64 -20.77 19.48
C GLU A 133 24.80 -20.95 20.45
N ASN A 134 25.17 -19.87 21.14
CA ASN A 134 26.30 -19.89 22.07
C ASN A 134 25.90 -19.19 23.38
N LEU A 135 25.35 -19.99 24.29
CA LEU A 135 25.02 -19.56 25.64
C LEU A 135 25.65 -20.56 26.60
N LYS A 136 26.23 -20.07 27.69
CA LYS A 136 27.08 -20.91 28.52
C LYS A 136 26.74 -20.70 30.00
N TYR A 137 25.91 -21.59 30.55
CA TYR A 137 25.71 -21.64 31.99
C TYR A 137 26.93 -22.28 32.64
N THR A 138 27.22 -21.84 33.86
CA THR A 138 28.38 -22.33 34.60
C THR A 138 27.96 -22.70 36.01
N VAL A 139 28.18 -23.95 36.38
CA VAL A 139 27.81 -24.47 37.69
C VAL A 139 29.07 -24.89 38.43
N ILE A 140 29.23 -24.43 39.67
CA ILE A 140 30.37 -24.78 40.50
C ILE A 140 29.86 -25.66 41.63
N ILE A 141 30.52 -26.80 41.83
CA ILE A 141 30.09 -27.82 42.78
C ILE A 141 31.20 -28.00 43.81
N THR A 142 30.84 -27.94 45.08
CA THR A 142 31.78 -28.10 46.18
C THR A 142 31.32 -29.21 47.11
N VAL A 143 32.23 -30.12 47.42
CA VAL A 143 31.91 -31.21 48.33
C VAL A 143 32.23 -30.80 49.77
N HIS A 144 31.42 -31.27 50.71
CA HIS A 144 31.65 -31.03 52.12
C HIS A 144 32.81 -31.91 52.55
N THR A 145 34.02 -31.50 52.16
CA THR A 145 35.24 -32.24 52.44
C THR A 145 35.76 -31.99 53.85
N GLY A 146 35.15 -31.07 54.59
CA GLY A 146 35.64 -30.73 55.91
C GLY A 146 37.01 -30.10 55.85
N ASP A 147 37.27 -29.32 54.80
CA ASP A 147 38.54 -28.65 54.65
C ASP A 147 38.63 -27.47 55.62
N GLN A 148 39.88 -27.06 55.90
CA GLN A 148 40.09 -25.99 56.87
C GLN A 148 39.59 -24.66 56.36
N HIS A 149 39.77 -24.38 55.08
CA HIS A 149 39.39 -23.11 54.47
C HIS A 149 38.10 -23.22 53.65
N GLN A 150 37.21 -24.12 54.02
CA GLN A 150 36.01 -24.40 53.25
C GLN A 150 34.78 -23.67 53.76
N VAL A 151 34.87 -22.96 54.89
CA VAL A 151 33.71 -22.54 55.66
C VAL A 151 32.77 -21.65 54.84
N GLY A 152 33.33 -20.67 54.16
CA GLY A 152 32.51 -19.76 53.38
C GLY A 152 33.21 -19.34 52.11
N ASN A 153 34.19 -20.14 51.70
CA ASN A 153 35.07 -19.75 50.60
C ASN A 153 34.34 -19.88 49.27
N GLU A 154 34.29 -18.79 48.52
CA GLU A 154 33.54 -18.73 47.28
C GLU A 154 34.40 -19.00 46.05
N THR A 155 35.67 -19.37 46.22
CA THR A 155 36.59 -19.53 45.11
C THR A 155 37.27 -20.90 45.08
N GLN A 156 36.65 -21.93 45.65
CA GLN A 156 37.17 -23.29 45.55
C GLN A 156 35.98 -24.24 45.31
N GLY A 157 35.98 -24.89 44.15
CA GLY A 157 34.95 -25.87 43.81
C GLY A 157 35.16 -26.37 42.40
N VAL A 158 34.56 -27.52 42.13
CA VAL A 158 34.62 -28.10 40.79
C VAL A 158 33.61 -27.43 39.89
N THR A 159 34.04 -27.09 38.68
CA THR A 159 33.23 -26.30 37.75
C THR A 159 32.72 -27.19 36.63
N ALA A 160 31.42 -27.12 36.38
CA ALA A 160 30.80 -27.78 35.24
C ALA A 160 30.14 -26.72 34.36
N GLU A 161 30.19 -26.94 33.05
CA GLU A 161 29.71 -25.96 32.08
C GLU A 161 28.63 -26.60 31.20
N ILE A 162 27.55 -25.84 30.99
CA ILE A 162 26.37 -26.37 30.33
C ILE A 162 25.96 -25.49 29.16
N THR A 163 26.25 -25.94 27.94
CA THR A 163 25.76 -25.28 26.74
C THR A 163 24.48 -25.97 26.28
N PRO A 164 23.54 -25.22 25.68
CA PRO A 164 22.38 -25.89 25.08
C PRO A 164 22.76 -26.85 23.97
N GLN A 165 23.94 -26.71 23.37
CA GLN A 165 24.40 -27.70 22.40
C GLN A 165 24.73 -29.02 23.09
N ALA A 166 25.41 -28.97 24.24
CA ALA A 166 25.77 -30.16 25.00
C ALA A 166 25.34 -29.93 26.45
N SER A 167 24.08 -30.29 26.75
CA SER A 167 23.53 -30.05 28.08
C SER A 167 24.13 -31.00 29.10
N THR A 168 24.23 -32.28 28.76
CA THR A 168 24.76 -33.27 29.69
C THR A 168 26.26 -33.05 29.89
N THR A 169 26.69 -33.10 31.14
CA THR A 169 28.10 -32.95 31.48
C THR A 169 28.40 -33.76 32.73
N GLU A 170 29.69 -33.94 33.00
CA GLU A 170 30.15 -34.71 34.14
C GLU A 170 31.09 -33.87 34.99
N ALA A 171 30.82 -33.81 36.30
CA ALA A 171 31.66 -33.09 37.24
C ALA A 171 32.58 -34.09 37.94
N ILE A 172 33.86 -34.05 37.58
CA ILE A 172 34.84 -34.99 38.13
C ILE A 172 35.33 -34.38 39.43
N LEU A 173 34.66 -34.70 40.53
CA LEU A 173 35.13 -34.27 41.83
C LEU A 173 36.44 -34.99 42.15
N PRO A 174 37.35 -34.35 42.89
CA PRO A 174 38.72 -34.88 42.98
C PRO A 174 38.80 -36.31 43.51
N GLU A 175 38.16 -36.60 44.64
CA GLU A 175 38.31 -37.89 45.30
C GLU A 175 36.99 -38.60 45.56
N TYR A 176 35.86 -37.95 45.37
CA TYR A 176 34.55 -38.51 45.69
C TYR A 176 33.84 -39.11 44.50
N GLY A 177 34.45 -39.11 43.32
CA GLY A 177 33.83 -39.65 42.13
C GLY A 177 33.35 -38.55 41.20
N THR A 178 32.59 -38.97 40.19
CA THR A 178 32.06 -38.07 39.18
C THR A 178 30.57 -37.86 39.40
N LEU A 179 30.16 -36.60 39.41
CA LEU A 179 28.76 -36.24 39.63
C LEU A 179 28.06 -36.13 38.28
N GLY A 180 27.21 -37.11 37.98
CA GLY A 180 26.36 -37.03 36.81
C GLY A 180 25.43 -35.84 36.92
N LEU A 181 25.32 -35.04 35.86
CA LEU A 181 24.58 -33.79 35.91
C LEU A 181 23.88 -33.58 34.58
N GLU A 182 22.55 -33.64 34.58
CA GLU A 182 21.70 -33.57 33.40
C GLU A 182 20.75 -32.39 33.57
N CYS A 183 20.98 -31.32 32.81
CA CYS A 183 20.22 -30.10 32.96
C CYS A 183 19.33 -29.86 31.75
N SER A 184 18.58 -28.75 31.79
CA SER A 184 17.74 -28.31 30.68
C SER A 184 17.99 -26.83 30.45
N PRO A 185 19.13 -26.50 29.84
CA PRO A 185 19.48 -25.08 29.67
C PRO A 185 18.54 -24.30 28.77
N ARG A 186 17.81 -24.98 27.89
CA ARG A 186 16.98 -24.26 26.93
C ARG A 186 15.70 -23.71 27.56
N THR A 187 15.27 -24.27 28.70
CA THR A 187 14.01 -23.88 29.32
C THR A 187 14.18 -23.18 30.65
N GLY A 188 15.41 -22.93 31.10
CA GLY A 188 15.60 -22.25 32.37
C GLY A 188 15.01 -20.86 32.37
N LEU A 189 15.20 -20.12 31.28
CA LEU A 189 14.67 -18.77 31.14
C LEU A 189 14.40 -18.51 29.66
N ASP A 190 13.42 -17.65 29.40
CA ASP A 190 12.96 -17.38 28.04
C ASP A 190 13.84 -16.32 27.39
N PHE A 191 15.02 -16.77 26.96
CA PHE A 191 15.97 -15.84 26.35
C PHE A 191 15.54 -15.39 24.96
N ASN A 192 14.56 -16.07 24.36
CA ASN A 192 14.12 -15.67 23.03
C ASN A 192 13.38 -14.34 23.07
N GLU A 193 12.45 -14.19 24.01
CA GLU A 193 11.62 -12.99 24.08
C GLU A 193 12.24 -11.93 24.99
N MET A 194 13.53 -11.65 24.83
CA MET A 194 14.22 -10.69 25.67
C MET A 194 15.39 -10.12 24.87
N ILE A 195 15.60 -8.81 24.99
CA ILE A 195 16.70 -8.10 24.34
C ILE A 195 17.52 -7.39 25.39
N LEU A 196 18.85 -7.49 25.27
CA LEU A 196 19.79 -6.95 26.24
C LEU A 196 20.28 -5.59 25.76
N LEU A 197 19.44 -4.57 25.95
CA LEU A 197 19.80 -3.24 25.48
C LEU A 197 20.99 -2.72 26.26
N THR A 198 21.92 -2.07 25.56
CA THR A 198 23.16 -1.58 26.16
C THR A 198 23.31 -0.10 25.82
N MET A 199 22.99 0.76 26.77
CA MET A 199 23.21 2.19 26.62
C MET A 199 24.36 2.63 27.50
N LYS A 200 25.13 3.60 27.01
CA LYS A 200 26.33 4.09 27.69
C LYS A 200 27.25 2.89 27.90
N ASN A 201 27.46 2.43 29.12
CA ASN A 201 28.19 1.20 29.40
C ASN A 201 27.35 0.15 30.09
N LYS A 202 26.27 0.56 30.75
CA LYS A 202 25.43 -0.38 31.47
C LYS A 202 24.49 -1.11 30.51
N ALA A 203 24.26 -2.40 30.77
CA ALA A 203 23.41 -3.22 29.94
C ALA A 203 22.33 -3.85 30.80
N TRP A 204 21.08 -3.69 30.40
CA TRP A 204 19.96 -4.28 31.11
C TRP A 204 19.41 -5.47 30.32
N MET A 205 18.29 -6.01 30.80
CA MET A 205 17.64 -7.17 30.18
C MET A 205 16.14 -6.89 30.16
N VAL A 206 15.58 -6.61 28.99
CA VAL A 206 14.22 -6.10 28.88
C VAL A 206 13.39 -7.01 27.98
N HIS A 207 12.08 -6.91 28.16
CA HIS A 207 11.13 -7.68 27.36
C HIS A 207 11.16 -7.22 25.91
N ARG A 208 10.81 -8.14 25.00
CA ARG A 208 10.92 -7.82 23.57
C ARG A 208 9.87 -6.81 23.14
N GLN A 209 8.61 -7.05 23.52
CA GLN A 209 7.55 -6.11 23.15
C GLN A 209 7.75 -4.76 23.84
N TRP A 210 8.23 -4.77 25.07
CA TRP A 210 8.50 -3.52 25.77
C TRP A 210 9.57 -2.73 25.04
N PHE A 211 10.63 -3.40 24.59
CA PHE A 211 11.68 -2.72 23.83
C PHE A 211 11.14 -2.16 22.53
N PHE A 212 10.35 -2.97 21.81
CA PHE A 212 9.83 -2.53 20.52
C PHE A 212 8.83 -1.39 20.66
N ASP A 213 8.15 -1.29 21.81
CA ASP A 213 7.19 -0.20 22.04
C ASP A 213 7.85 0.89 22.88
N LEU A 214 8.71 1.66 22.23
CA LEU A 214 9.32 2.82 22.86
C LEU A 214 9.26 4.02 21.95
N PRO A 215 9.04 5.21 22.49
CA PRO A 215 8.91 6.42 21.67
C PRO A 215 10.26 7.07 21.35
N LEU A 216 11.12 6.33 20.66
CA LEU A 216 12.42 6.84 20.27
C LEU A 216 12.73 6.44 18.83
N PRO A 217 13.50 7.24 18.11
CA PRO A 217 13.91 6.85 16.76
C PRO A 217 14.69 5.55 16.77
N TRP A 218 14.49 4.72 15.75
CA TRP A 218 15.18 3.45 15.64
C TRP A 218 15.70 3.23 14.24
N ALA A 219 16.87 2.61 14.15
CA ALA A 219 17.41 2.09 12.91
C ALA A 219 17.55 0.59 13.03
N SER A 220 17.69 -0.07 11.87
CA SER A 220 17.66 -1.53 11.84
C SER A 220 18.84 -2.17 12.55
N GLY A 221 19.88 -1.41 12.86
CA GLY A 221 21.04 -1.99 13.52
C GLY A 221 21.77 -3.01 12.68
N ALA A 222 22.02 -2.65 11.42
CA ALA A 222 22.67 -3.54 10.47
C ALA A 222 24.09 -3.12 10.13
N THR A 223 24.79 -2.49 11.09
CA THR A 223 26.21 -2.15 10.95
C THR A 223 26.49 -1.28 9.73
N THR A 224 25.62 -0.29 9.51
CA THR A 224 25.86 0.68 8.45
C THR A 224 26.51 1.93 9.04
N GLU A 225 27.50 2.48 8.31
CA GLU A 225 28.24 3.63 8.81
C GLU A 225 27.32 4.82 9.08
N THR A 226 26.22 4.91 8.34
CA THR A 226 25.21 5.95 8.56
C THR A 226 23.84 5.31 8.61
N PRO A 227 23.23 5.17 9.78
CA PRO A 227 21.94 4.47 9.86
C PRO A 227 20.77 5.38 9.51
N THR A 228 19.59 4.79 9.35
CA THR A 228 18.41 5.52 8.93
C THR A 228 17.38 5.50 10.06
N TRP A 229 17.09 6.67 10.62
CA TRP A 229 16.18 6.76 11.75
C TRP A 229 14.74 6.84 11.25
N ASN A 230 13.88 6.00 11.82
CA ASN A 230 12.52 5.88 11.30
C ASN A 230 11.60 6.96 11.86
N ARG A 231 11.61 7.16 13.17
CA ARG A 231 10.79 8.18 13.80
C ARG A 231 11.70 9.25 14.39
N LYS A 232 12.10 10.21 13.57
CA LYS A 232 12.97 11.29 14.02
C LYS A 232 12.20 12.41 14.70
N GLU A 233 10.88 12.44 14.58
CA GLU A 233 10.07 13.49 15.19
C GLU A 233 9.86 13.29 16.68
N LEU A 234 10.26 12.14 17.23
CA LEU A 234 10.09 11.89 18.65
C LEU A 234 11.14 12.57 19.51
N LEU A 235 12.19 13.12 18.90
CA LEU A 235 13.23 13.83 19.63
C LEU A 235 13.28 15.30 19.33
N VAL A 236 12.71 15.76 18.22
CA VAL A 236 12.88 17.12 17.75
C VAL A 236 11.56 17.86 17.93
N THR A 237 11.64 19.05 18.52
CA THR A 237 10.44 19.87 18.72
C THR A 237 10.43 21.03 17.73
N PHE A 238 9.25 21.31 17.17
CA PHE A 238 9.07 22.39 16.20
C PHE A 238 8.22 23.47 16.85
N LYS A 239 8.88 24.38 17.56
CA LYS A 239 8.17 25.46 18.23
C LYS A 239 7.67 26.49 17.23
N ASN A 240 6.46 26.99 17.47
CA ASN A 240 5.88 28.06 16.66
C ASN A 240 5.23 29.07 17.60
N ALA A 241 5.76 30.28 17.62
CA ALA A 241 5.33 31.29 18.58
C ALA A 241 4.42 32.30 17.90
N HIS A 242 3.18 32.36 18.40
CA HIS A 242 2.13 33.28 17.92
C HIS A 242 2.11 33.41 16.39
N ALA A 243 2.38 32.30 15.70
CA ALA A 243 2.08 32.12 14.28
C ALA A 243 2.71 33.22 13.42
N LYS A 244 4.03 33.29 13.43
CA LYS A 244 4.76 34.03 12.40
C LYS A 244 5.93 33.28 11.81
N LYS A 245 6.53 32.35 12.56
CA LYS A 245 7.61 31.50 12.05
C LYS A 245 7.82 30.38 13.06
N GLN A 246 8.50 29.33 12.62
CA GLN A 246 8.79 28.21 13.50
C GLN A 246 10.28 27.90 13.48
N GLU A 247 10.79 27.41 14.61
CA GLU A 247 12.17 26.99 14.74
C GLU A 247 12.24 25.55 15.21
N VAL A 248 13.46 25.05 15.35
CA VAL A 248 13.72 23.63 15.55
C VAL A 248 14.61 23.45 16.79
N VAL A 249 14.23 22.52 17.65
CA VAL A 249 14.96 22.22 18.87
C VAL A 249 15.17 20.71 18.96
N VAL A 250 16.39 20.32 19.37
CA VAL A 250 16.78 18.92 19.42
C VAL A 250 16.31 18.21 20.69
N LEU A 251 15.94 18.95 21.73
CA LEU A 251 15.32 18.39 22.94
C LEU A 251 16.25 17.41 23.64
N GLY A 252 17.38 17.90 24.13
CA GLY A 252 18.21 17.26 25.14
C GLY A 252 18.57 15.78 24.93
N SER A 253 18.92 15.16 26.05
CA SER A 253 19.39 13.79 26.10
C SER A 253 18.42 12.97 26.95
N GLN A 254 17.98 11.83 26.42
CA GLN A 254 17.02 10.97 27.08
C GLN A 254 17.68 9.91 27.94
N GLU A 255 18.93 10.13 28.35
CA GLU A 255 19.64 9.13 29.14
C GLU A 255 19.00 8.93 30.50
N GLY A 256 18.58 10.02 31.15
CA GLY A 256 17.90 9.89 32.42
C GLY A 256 16.50 9.34 32.29
N ALA A 257 15.80 9.72 31.21
CA ALA A 257 14.48 9.16 30.96
C ALA A 257 14.54 7.66 30.75
N MET A 258 15.58 7.15 30.07
CA MET A 258 15.76 5.71 29.96
C MET A 258 15.98 5.06 31.32
N HIS A 259 16.82 5.67 32.16
CA HIS A 259 17.08 5.11 33.48
C HIS A 259 15.83 5.08 34.34
N THR A 260 14.93 6.04 34.16
CA THR A 260 13.63 5.97 34.82
C THR A 260 12.72 4.92 34.20
N ALA A 261 12.71 4.81 32.87
CA ALA A 261 11.85 3.83 32.21
C ALA A 261 12.25 2.41 32.57
N LEU A 262 13.51 2.21 32.94
CA LEU A 262 14.05 0.87 33.08
C LEU A 262 13.86 0.28 34.47
N THR A 263 13.01 0.86 35.32
CA THR A 263 12.76 0.27 36.62
C THR A 263 12.09 -1.08 36.49
N GLY A 264 12.57 -2.05 37.26
CA GLY A 264 12.06 -3.40 37.22
C GLY A 264 12.74 -4.34 36.26
N ALA A 265 13.80 -3.89 35.58
CA ALA A 265 14.55 -4.72 34.64
C ALA A 265 15.95 -4.97 35.20
N THR A 266 16.32 -6.24 35.30
CA THR A 266 17.58 -6.59 35.94
C THR A 266 18.77 -6.13 35.11
N GLU A 267 19.79 -5.62 35.79
CA GLU A 267 20.98 -5.13 35.11
C GLU A 267 21.95 -6.28 34.85
N ILE A 268 22.81 -6.09 33.86
CA ILE A 268 23.75 -7.12 33.42
C ILE A 268 25.13 -6.49 33.34
N GLN A 269 26.16 -7.30 33.62
CA GLN A 269 27.53 -6.86 33.40
C GLN A 269 27.80 -6.77 31.90
N ASN A 270 28.46 -5.70 31.48
CA ASN A 270 28.75 -5.50 30.07
C ASN A 270 30.24 -5.55 29.74
N SER A 271 31.11 -5.36 30.73
CA SER A 271 32.54 -5.39 30.49
C SER A 271 32.97 -6.76 29.98
N GLY A 272 33.79 -6.76 28.92
CA GLY A 272 34.20 -8.02 28.31
C GLY A 272 33.00 -8.79 27.82
N GLY A 273 32.99 -10.09 28.11
CA GLY A 273 31.83 -10.90 27.81
C GLY A 273 30.62 -10.43 28.61
N THR A 274 29.47 -10.37 27.93
CA THR A 274 28.24 -9.86 28.54
C THR A 274 27.63 -10.91 29.46
N SER A 275 28.38 -11.23 30.52
CA SER A 275 27.93 -12.23 31.48
C SER A 275 26.72 -11.71 32.26
N ILE A 276 25.69 -12.55 32.36
CA ILE A 276 24.49 -12.19 33.08
C ILE A 276 24.56 -12.73 34.50
N PHE A 277 23.86 -12.08 35.41
CA PHE A 277 23.86 -12.52 36.81
C PHE A 277 22.45 -12.64 37.36
N ALA A 278 21.45 -12.83 36.51
CA ALA A 278 20.08 -13.07 36.93
C ALA A 278 19.51 -14.23 36.12
N GLY A 279 18.56 -14.92 36.73
CA GLY A 279 17.96 -16.07 36.09
C GLY A 279 18.28 -17.36 36.82
N HIS A 280 17.65 -18.45 36.37
CA HIS A 280 17.79 -19.75 37.01
C HIS A 280 17.94 -20.84 35.95
N LEU A 281 18.39 -22.00 36.40
CA LEU A 281 18.58 -23.17 35.56
C LEU A 281 17.97 -24.39 36.24
N LYS A 282 17.32 -25.24 35.45
CA LYS A 282 16.77 -26.48 35.98
C LYS A 282 17.70 -27.64 35.66
N CYS A 283 17.92 -28.50 36.66
CA CYS A 283 18.90 -29.55 36.52
C CYS A 283 18.41 -30.81 37.20
N ARG A 284 18.92 -31.94 36.73
CA ARG A 284 18.72 -33.23 37.35
C ARG A 284 20.08 -33.80 37.72
N LEU A 285 20.24 -34.20 38.98
CA LEU A 285 21.51 -34.70 39.48
C LEU A 285 21.47 -36.21 39.58
N LYS A 286 22.44 -36.88 38.97
CA LYS A 286 22.56 -38.33 39.01
C LYS A 286 23.79 -38.68 39.83
N MET A 287 23.58 -39.07 41.08
CA MET A 287 24.67 -39.31 42.02
C MET A 287 24.96 -40.79 42.21
N ASP A 288 24.79 -41.60 41.16
CA ASP A 288 25.09 -43.02 41.28
C ASP A 288 26.59 -43.26 41.33
N LYS A 289 27.37 -42.46 40.62
CA LYS A 289 28.82 -42.61 40.57
C LYS A 289 29.52 -41.74 41.61
N LEU A 290 29.10 -41.85 42.87
CA LEU A 290 29.69 -41.08 43.96
C LEU A 290 30.21 -42.02 45.03
N GLU A 291 31.52 -42.07 45.20
CA GLU A 291 32.11 -42.71 46.36
C GLU A 291 32.15 -41.72 47.52
N LEU A 292 32.49 -42.23 48.69
CA LEU A 292 32.65 -41.41 49.89
C LEU A 292 34.09 -41.54 50.37
N LYS A 293 34.74 -40.39 50.58
CA LYS A 293 36.17 -40.39 50.89
C LYS A 293 36.45 -41.10 52.20
N GLY A 294 37.42 -42.00 52.17
CA GLY A 294 37.89 -42.67 53.37
C GLY A 294 36.85 -43.50 54.09
N MET A 295 36.06 -44.25 53.33
CA MET A 295 35.13 -45.18 53.98
C MET A 295 35.89 -46.31 54.67
N SER A 296 37.10 -46.61 54.22
CA SER A 296 37.92 -47.66 54.80
C SER A 296 38.85 -47.14 55.90
N TYR A 297 38.76 -45.86 56.24
CA TYR A 297 39.60 -45.32 57.31
C TYR A 297 39.16 -45.88 58.65
N ALA A 298 40.06 -45.79 59.63
CA ALA A 298 39.75 -46.23 60.98
C ALA A 298 39.10 -45.09 61.76
N MET A 299 38.81 -45.37 63.03
CA MET A 299 38.24 -44.35 63.90
C MET A 299 39.33 -43.73 64.77
N CYS A 300 39.29 -42.41 64.90
CA CYS A 300 40.31 -41.73 65.68
C CYS A 300 40.13 -42.03 67.16
N THR A 301 41.20 -41.80 67.94
CA THR A 301 41.22 -42.19 69.34
C THR A 301 41.85 -41.14 70.25
N ASN A 302 41.87 -39.87 69.86
CA ASN A 302 42.50 -38.83 70.65
C ASN A 302 41.55 -37.66 70.86
N THR A 303 41.83 -36.90 71.91
CA THR A 303 41.01 -35.74 72.25
C THR A 303 41.15 -34.64 71.21
N PHE A 304 40.07 -33.89 71.01
CA PHE A 304 40.05 -32.75 70.12
C PHE A 304 40.12 -31.46 70.93
N VAL A 305 40.35 -30.34 70.23
CA VAL A 305 40.29 -29.01 70.82
C VAL A 305 39.60 -28.08 69.84
N LEU A 306 38.74 -27.20 70.35
CA LEU A 306 38.07 -26.23 69.49
C LEU A 306 38.99 -25.09 69.12
N LYS A 307 38.84 -24.59 67.90
CA LYS A 307 39.56 -23.41 67.43
C LYS A 307 38.68 -22.17 67.39
N LYS A 308 37.50 -22.26 66.79
CA LYS A 308 36.52 -21.20 66.82
C LYS A 308 35.25 -21.72 67.47
N GLU A 309 34.62 -20.91 68.30
CA GLU A 309 33.45 -21.35 69.01
C GLU A 309 32.31 -21.65 68.03
N VAL A 310 31.43 -22.56 68.45
CA VAL A 310 30.32 -22.96 67.60
C VAL A 310 29.37 -21.78 67.38
N SER A 311 28.93 -21.62 66.14
CA SER A 311 28.01 -20.55 65.78
C SER A 311 26.93 -21.11 64.88
N GLU A 312 25.79 -20.43 64.86
CA GLU A 312 24.59 -20.91 64.18
C GLU A 312 24.44 -20.25 62.82
N THR A 313 24.35 -21.05 61.78
CA THR A 313 23.84 -20.55 60.52
C THR A 313 22.36 -20.24 60.68
N GLN A 314 21.87 -19.26 59.93
CA GLN A 314 20.51 -18.79 60.10
C GLN A 314 19.45 -19.84 59.71
N HIS A 315 19.90 -21.02 59.31
CA HIS A 315 19.01 -22.17 59.11
C HIS A 315 19.14 -23.17 60.25
N GLY A 316 19.69 -22.74 61.37
CA GLY A 316 19.77 -23.61 62.54
C GLY A 316 20.72 -24.79 62.35
N THR A 317 21.86 -24.56 61.72
CA THR A 317 22.88 -25.58 61.54
C THR A 317 24.19 -25.03 62.09
N ILE A 318 24.88 -25.83 62.90
CA ILE A 318 26.03 -25.38 63.67
C ILE A 318 27.30 -25.72 62.91
N LEU A 319 28.11 -24.72 62.63
CA LEU A 319 29.48 -24.97 62.21
C LEU A 319 30.41 -25.16 63.41
N ILE A 320 31.19 -26.23 63.37
CA ILE A 320 32.11 -26.60 64.43
C ILE A 320 33.47 -26.78 63.78
N LYS A 321 34.46 -26.01 64.23
CA LYS A 321 35.81 -26.12 63.69
C LYS A 321 36.71 -26.69 64.77
N VAL A 322 37.14 -27.93 64.59
CA VAL A 322 37.90 -28.65 65.61
C VAL A 322 39.29 -28.99 65.09
N GLU A 323 40.21 -29.18 66.02
CA GLU A 323 41.58 -29.57 65.74
C GLU A 323 41.80 -30.97 66.31
N TYR A 324 42.36 -31.87 65.49
CA TYR A 324 42.47 -33.26 65.91
C TYR A 324 43.42 -33.40 67.11
N LYS A 325 44.68 -33.01 66.93
CA LYS A 325 45.70 -33.18 67.96
C LYS A 325 45.86 -34.66 68.32
N GLY A 326 46.00 -35.50 67.29
CA GLY A 326 46.19 -36.92 67.49
C GLY A 326 47.21 -37.47 66.52
N GLU A 327 47.79 -38.61 66.89
CA GLU A 327 48.94 -39.14 66.17
C GLU A 327 48.58 -40.03 64.99
N ASP A 328 47.36 -40.56 64.92
CA ASP A 328 46.91 -41.33 63.75
C ASP A 328 46.23 -40.41 62.75
N ALA A 329 46.96 -40.08 61.69
CA ALA A 329 46.59 -38.95 60.83
C ALA A 329 45.26 -39.10 60.11
N PRO A 330 44.98 -40.18 59.37
CA PRO A 330 43.77 -40.20 58.52
C PRO A 330 42.51 -40.77 59.15
N CYS A 331 42.54 -41.17 60.42
CA CYS A 331 41.37 -41.81 61.03
C CYS A 331 40.22 -40.81 61.18
N LYS A 332 39.02 -41.27 60.85
CA LYS A 332 37.86 -40.39 60.81
C LYS A 332 37.37 -40.06 62.22
N ILE A 333 36.35 -39.20 62.28
CA ILE A 333 35.89 -38.57 63.51
C ILE A 333 34.55 -39.17 63.90
N PRO A 334 34.34 -39.56 65.16
CA PRO A 334 33.01 -39.95 65.60
C PRO A 334 32.22 -38.75 66.10
N PHE A 335 30.94 -38.68 65.75
CA PHE A 335 30.11 -37.54 66.13
C PHE A 335 28.79 -38.09 66.64
N SER A 336 28.47 -37.81 67.91
CA SER A 336 27.24 -38.26 68.52
C SER A 336 26.56 -37.07 69.20
N THR A 337 25.32 -36.79 68.81
CA THR A 337 24.56 -35.68 69.39
C THR A 337 23.65 -36.21 70.49
N GLU A 338 24.16 -36.15 71.71
CA GLU A 338 23.36 -36.56 72.87
C GLU A 338 22.36 -35.47 73.22
N ASP A 339 21.10 -35.84 73.29
CA ASP A 339 20.06 -34.87 73.59
C ASP A 339 20.08 -34.50 75.07
N GLY A 340 19.21 -33.56 75.43
CA GLY A 340 19.17 -33.03 76.78
C GLY A 340 18.93 -34.07 77.87
N GLN A 341 19.77 -34.04 78.90
CA GLN A 341 19.69 -34.91 80.08
C GLN A 341 19.32 -36.35 79.71
N GLY A 342 19.94 -36.85 78.65
CA GLY A 342 19.65 -38.21 78.20
C GLY A 342 20.58 -38.63 77.09
N LYS A 343 20.44 -39.90 76.70
CA LYS A 343 21.24 -40.48 75.64
C LYS A 343 20.53 -40.45 74.29
N ALA A 344 19.40 -39.74 74.20
CA ALA A 344 18.63 -39.71 72.96
C ALA A 344 19.42 -39.04 71.86
N HIS A 345 19.12 -39.42 70.61
CA HIS A 345 19.85 -38.97 69.42
C HIS A 345 18.82 -38.47 68.40
N ASN A 346 18.48 -37.18 68.48
CA ASN A 346 17.50 -36.59 67.58
C ASN A 346 18.10 -35.59 66.60
N GLY A 347 19.42 -35.44 66.60
CA GLY A 347 20.08 -34.59 65.64
C GLY A 347 20.92 -35.40 64.66
N ARG A 348 21.43 -34.75 63.62
CA ARG A 348 22.19 -35.47 62.60
C ARG A 348 23.27 -34.56 62.04
N LEU A 349 24.27 -35.18 61.41
CA LEU A 349 25.27 -34.47 60.65
C LEU A 349 24.69 -33.95 59.34
N ILE A 350 25.35 -32.95 58.78
CA ILE A 350 25.12 -32.53 57.40
C ILE A 350 26.36 -32.76 56.53
N THR A 351 27.54 -32.45 57.06
CA THR A 351 28.78 -32.92 56.43
C THR A 351 28.76 -34.43 56.43
N ALA A 352 28.79 -35.03 55.23
CA ALA A 352 28.50 -36.45 55.09
C ALA A 352 29.46 -37.31 55.91
N ASN A 353 30.75 -37.12 55.72
CA ASN A 353 31.72 -37.94 56.44
C ASN A 353 32.93 -37.10 56.82
N PRO A 354 33.06 -36.74 58.09
CA PRO A 354 34.17 -35.88 58.50
C PRO A 354 35.42 -36.69 58.80
N VAL A 355 36.51 -36.37 58.10
CA VAL A 355 37.77 -37.09 58.25
C VAL A 355 38.90 -36.08 58.37
N VAL A 356 39.77 -36.29 59.36
CA VAL A 356 40.96 -35.45 59.47
C VAL A 356 41.97 -35.90 58.42
N THR A 357 42.11 -35.11 57.35
CA THR A 357 43.03 -35.48 56.29
C THR A 357 44.48 -35.31 56.74
N LYS A 358 44.73 -34.35 57.62
CA LYS A 358 46.07 -34.11 58.17
C LYS A 358 45.92 -33.72 59.62
N LYS A 359 46.92 -34.07 60.44
CA LYS A 359 46.89 -33.72 61.86
C LYS A 359 46.89 -32.22 62.06
N GLU A 360 47.71 -31.50 61.28
CA GLU A 360 47.89 -30.07 61.50
C GLU A 360 46.62 -29.29 61.18
N GLU A 361 45.99 -29.59 60.05
CA GLU A 361 44.86 -28.79 59.60
C GLU A 361 43.63 -29.05 60.47
N PRO A 362 42.93 -28.00 60.90
CA PRO A 362 41.68 -28.21 61.62
C PRO A 362 40.50 -28.40 60.68
N VAL A 363 39.83 -29.54 60.79
CA VAL A 363 38.66 -29.83 59.97
C VAL A 363 37.44 -29.21 60.63
N ASN A 364 36.46 -28.81 59.83
CA ASN A 364 35.28 -28.14 60.31
C ASN A 364 34.06 -29.04 60.13
N ILE A 365 33.34 -29.26 61.23
CA ILE A 365 32.20 -30.16 61.19
C ILE A 365 30.92 -29.35 60.96
N GLU A 366 29.87 -30.04 60.52
CA GLU A 366 28.54 -29.46 60.43
C GLU A 366 27.56 -30.32 61.20
N ALA A 367 26.74 -29.67 62.03
CA ALA A 367 25.71 -30.37 62.78
C ALA A 367 24.41 -29.58 62.72
N GLU A 368 23.31 -30.30 62.73
CA GLU A 368 21.98 -29.71 62.86
C GLU A 368 21.35 -30.31 64.10
N PRO A 369 21.37 -29.62 65.23
CA PRO A 369 20.98 -30.25 66.49
C PRO A 369 19.47 -30.25 66.66
N PRO A 370 18.97 -30.89 67.71
CA PRO A 370 17.55 -30.73 68.06
C PRO A 370 17.26 -29.30 68.46
N PHE A 371 15.96 -28.96 68.43
CA PHE A 371 15.56 -27.58 68.72
C PHE A 371 15.95 -27.16 70.13
N GLY A 372 15.77 -28.05 71.11
CA GLY A 372 16.07 -27.75 72.48
C GLY A 372 17.56 -27.78 72.78
N GLU A 373 17.88 -27.69 74.06
CA GLU A 373 19.25 -27.81 74.51
C GLU A 373 19.81 -29.19 74.15
N SER A 374 21.03 -29.21 73.61
CA SER A 374 21.65 -30.46 73.19
C SER A 374 23.15 -30.37 73.34
N ASN A 375 23.75 -31.46 73.81
CA ASN A 375 25.20 -31.58 73.95
C ASN A 375 25.71 -32.51 72.86
N ILE A 376 26.57 -31.98 71.98
CA ILE A 376 27.04 -32.72 70.81
C ILE A 376 28.44 -33.24 71.08
N VAL A 377 28.53 -34.51 71.46
CA VAL A 377 29.81 -35.16 71.71
C VAL A 377 30.53 -35.35 70.38
N ILE A 378 31.83 -35.01 70.37
CA ILE A 378 32.60 -35.05 69.13
C ILE A 378 33.91 -35.80 69.36
N GLY A 379 33.96 -36.62 70.41
CA GLY A 379 35.15 -37.40 70.70
C GLY A 379 34.81 -38.86 70.85
N ILE A 380 35.82 -39.63 71.29
CA ILE A 380 35.67 -41.09 71.33
C ILE A 380 35.04 -41.55 72.65
N GLY A 381 35.66 -41.21 73.78
CA GLY A 381 35.25 -41.81 75.03
C GLY A 381 35.01 -40.85 76.19
N ASP A 382 35.65 -41.12 77.32
CA ASP A 382 35.52 -40.27 78.50
C ASP A 382 36.20 -38.91 78.31
N ASN A 383 37.24 -38.85 77.49
CA ASN A 383 37.93 -37.60 77.19
C ASN A 383 37.27 -36.81 76.08
N ALA A 384 36.18 -37.33 75.51
CA ALA A 384 35.46 -36.62 74.46
C ALA A 384 35.00 -35.27 74.97
N LEU A 385 35.35 -34.20 74.24
CA LEU A 385 34.91 -32.88 74.64
C LEU A 385 33.43 -32.73 74.35
N LYS A 386 32.71 -32.04 75.23
CA LYS A 386 31.28 -31.88 75.10
C LYS A 386 30.96 -30.45 74.71
N ILE A 387 30.57 -30.24 73.46
CA ILE A 387 30.12 -28.94 72.97
C ILE A 387 28.66 -28.78 73.37
N ASN A 388 28.37 -27.73 74.13
CA ASN A 388 27.01 -27.42 74.51
C ASN A 388 26.55 -26.20 73.73
N TRP A 389 25.51 -26.38 72.92
CA TRP A 389 24.93 -25.27 72.18
C TRP A 389 23.42 -25.39 72.22
N TYR A 390 22.75 -24.27 72.51
CA TYR A 390 21.32 -24.22 72.74
C TYR A 390 20.66 -23.50 71.58
N LYS A 391 19.66 -24.14 70.98
CA LYS A 391 19.02 -23.62 69.78
C LYS A 391 17.69 -22.96 70.15
N LYS A 392 17.39 -21.84 69.50
CA LYS A 392 16.15 -21.13 69.76
C LYS A 392 15.14 -21.42 68.65
N GLY A 393 13.89 -21.57 69.05
CA GLY A 393 12.81 -21.84 68.11
C GLY A 393 12.31 -23.27 68.20
N SER A 394 11.15 -23.50 67.61
CA SER A 394 10.48 -24.79 67.66
C SER A 394 10.26 -25.31 66.25
N SER A 395 9.64 -26.48 66.16
CA SER A 395 9.36 -27.08 64.85
C SER A 395 8.32 -26.27 64.09
N ILE A 396 7.40 -25.62 64.81
CA ILE A 396 6.35 -24.86 64.14
C ILE A 396 6.93 -23.66 63.42
N GLY A 397 7.92 -23.00 64.04
CA GLY A 397 8.58 -21.90 63.37
C GLY A 397 9.30 -22.34 62.10
N LYS A 398 9.96 -23.49 62.17
CA LYS A 398 10.61 -24.03 60.98
C LYS A 398 9.59 -24.36 59.89
N MET A 399 8.45 -24.92 60.27
CA MET A 399 7.40 -25.21 59.30
C MET A 399 6.89 -23.92 58.66
N PHE A 400 6.68 -22.88 59.46
CA PHE A 400 6.19 -21.61 58.92
C PHE A 400 7.19 -20.99 57.96
N GLU A 401 8.48 -21.01 58.33
CA GLU A 401 9.47 -20.41 57.44
C GLU A 401 9.63 -21.23 56.17
N ALA A 402 9.50 -22.56 56.27
CA ALA A 402 9.54 -23.39 55.08
C ALA A 402 8.36 -23.10 54.16
N THR A 403 7.18 -22.91 54.73
CA THR A 403 6.01 -22.56 53.92
C THR A 403 6.21 -21.21 53.24
N ALA A 404 6.75 -20.23 53.97
CA ALA A 404 7.02 -18.93 53.35
C ALA A 404 8.03 -19.05 52.23
N ARG A 405 9.09 -19.84 52.44
CA ARG A 405 10.09 -20.04 51.41
C ARG A 405 9.48 -20.69 50.17
N GLY A 406 8.64 -21.71 50.36
CA GLY A 406 7.98 -22.33 49.22
C GLY A 406 7.06 -21.38 48.50
N ALA A 407 6.35 -20.53 49.24
CA ALA A 407 5.47 -19.55 48.60
C ALA A 407 6.27 -18.57 47.75
N ARG A 408 7.39 -18.07 48.28
CA ARG A 408 8.22 -17.16 47.50
C ARG A 408 8.82 -17.86 46.28
N ARG A 409 9.22 -19.13 46.44
CA ARG A 409 9.75 -19.88 45.30
C ARG A 409 8.71 -20.04 44.21
N MET A 410 7.46 -20.35 44.58
CA MET A 410 6.40 -20.45 43.58
C MET A 410 6.13 -19.11 42.94
N ALA A 411 6.17 -18.03 43.73
CA ALA A 411 5.93 -16.70 43.18
C ALA A 411 6.99 -16.31 42.16
N ILE A 412 8.25 -16.64 42.41
CA ILE A 412 9.32 -16.23 41.51
C ILE A 412 9.42 -17.17 40.32
N LEU A 413 9.54 -18.47 40.57
CA LEU A 413 9.77 -19.44 39.51
C LEU A 413 8.51 -19.83 38.76
N GLY A 414 7.34 -19.53 39.30
CA GLY A 414 6.11 -19.94 38.64
C GLY A 414 5.89 -21.43 38.77
N ASP A 415 5.46 -22.06 37.68
CA ASP A 415 5.18 -23.49 37.71
C ASP A 415 6.45 -24.32 37.89
N THR A 416 7.60 -23.74 37.58
CA THR A 416 8.86 -24.48 37.69
C THR A 416 9.17 -24.86 39.13
N ALA A 417 8.80 -24.02 40.10
CA ALA A 417 9.14 -24.31 41.50
C ALA A 417 8.45 -25.57 42.02
N TRP A 418 7.62 -26.22 41.21
CA TRP A 418 6.97 -27.45 41.65
C TRP A 418 7.90 -28.66 41.61
N ASP A 419 9.00 -28.59 40.85
CA ASP A 419 9.90 -29.72 40.74
C ASP A 419 11.27 -29.45 41.36
N PHE A 420 11.35 -28.51 42.29
CA PHE A 420 12.58 -28.29 43.05
C PHE A 420 12.65 -29.37 44.13
N GLY A 421 13.68 -30.22 44.05
CA GLY A 421 13.77 -31.34 44.96
C GLY A 421 12.79 -32.46 44.67
N SER A 422 12.15 -32.44 43.50
CA SER A 422 11.14 -33.44 43.19
C SER A 422 11.75 -34.83 43.12
N VAL A 423 11.06 -35.79 43.75
CA VAL A 423 11.47 -37.19 43.69
C VAL A 423 10.78 -37.94 42.56
N GLY A 424 9.91 -37.28 41.81
CA GLY A 424 9.11 -37.95 40.80
C GLY A 424 7.67 -38.09 41.22
N GLY A 425 7.09 -39.27 40.98
CA GLY A 425 5.74 -39.54 41.41
C GLY A 425 4.70 -38.89 40.53
N VAL A 426 3.44 -39.13 40.89
CA VAL A 426 2.31 -38.58 40.15
C VAL A 426 1.65 -37.41 40.86
N LEU A 427 1.66 -37.38 42.20
CA LEU A 427 1.06 -36.26 42.90
C LEU A 427 1.76 -34.95 42.57
N ASN A 428 3.09 -34.95 42.61
CA ASN A 428 3.84 -33.74 42.33
C ASN A 428 3.65 -33.29 40.89
N SER A 429 3.68 -34.23 39.94
CA SER A 429 3.49 -33.86 38.54
C SER A 429 2.08 -33.32 38.28
N LEU A 430 1.07 -33.95 38.89
CA LEU A 430 -0.30 -33.47 38.71
C LEU A 430 -0.47 -32.08 39.30
N GLY A 431 0.09 -31.84 40.49
CA GLY A 431 0.06 -30.51 41.05
C GLY A 431 0.77 -29.49 40.18
N LYS A 432 1.91 -29.88 39.61
CA LYS A 432 2.63 -28.98 38.72
C LYS A 432 1.81 -28.61 37.51
N MET A 433 1.14 -29.60 36.90
CA MET A 433 0.32 -29.32 35.72
C MET A 433 -0.86 -28.41 36.06
N VAL A 434 -1.54 -28.70 37.17
CA VAL A 434 -2.70 -27.88 37.55
C VAL A 434 -2.27 -26.46 37.84
N HIS A 435 -1.18 -26.29 38.60
CA HIS A 435 -0.71 -24.95 38.90
C HIS A 435 -0.21 -24.25 37.66
N GLN A 436 0.34 -25.01 36.70
CA GLN A 436 0.76 -24.41 35.44
C GLN A 436 -0.42 -23.81 34.70
N ILE A 437 -1.53 -24.56 34.62
CA ILE A 437 -2.72 -24.04 33.95
C ILE A 437 -3.24 -22.79 34.66
N PHE A 438 -3.38 -22.89 35.99
CA PHE A 438 -3.93 -21.77 36.75
C PHE A 438 -3.05 -20.54 36.65
N GLY A 439 -1.73 -20.71 36.78
CA GLY A 439 -0.82 -19.59 36.67
C GLY A 439 -0.77 -19.02 35.27
N SER A 440 -0.94 -19.87 34.26
CA SER A 440 -1.02 -19.37 32.89
C SER A 440 -2.17 -18.40 32.74
N ALA A 441 -3.37 -18.80 33.18
CA ALA A 441 -4.51 -17.89 33.10
C ALA A 441 -4.31 -16.65 33.98
N TYR A 442 -3.76 -16.86 35.18
CA TYR A 442 -3.57 -15.75 36.12
C TYR A 442 -2.65 -14.70 35.55
N THR A 443 -1.50 -15.11 35.03
CA THR A 443 -0.55 -14.17 34.45
C THR A 443 -1.11 -13.56 33.17
N ALA A 444 -1.85 -14.33 32.38
CA ALA A 444 -2.43 -13.80 31.16
C ALA A 444 -3.38 -12.65 31.45
N LEU A 445 -4.14 -12.75 32.54
CA LEU A 445 -5.11 -11.69 32.81
C LEU A 445 -4.67 -10.71 33.90
N PHE A 446 -3.49 -10.87 34.49
CA PHE A 446 -2.89 -9.84 35.34
C PHE A 446 -1.56 -9.31 34.80
N SER A 447 -1.27 -9.54 33.52
CA SER A 447 -0.02 -9.08 32.96
C SER A 447 0.06 -7.56 32.94
N GLY A 448 1.24 -7.04 33.27
CA GLY A 448 1.52 -5.63 33.14
C GLY A 448 0.91 -4.73 34.19
N VAL A 449 0.58 -5.26 35.35
CA VAL A 449 -0.05 -4.46 36.41
C VAL A 449 1.00 -4.15 37.47
N SER A 450 1.14 -2.87 37.80
CA SER A 450 2.09 -2.46 38.83
C SER A 450 1.66 -3.01 40.19
N TRP A 451 2.58 -2.99 41.15
CA TRP A 451 2.28 -3.60 42.45
C TRP A 451 1.19 -2.83 43.19
N VAL A 452 1.15 -1.50 43.02
CA VAL A 452 0.11 -0.72 43.66
C VAL A 452 -1.27 -1.14 43.16
N MET A 453 -1.43 -1.22 41.84
CA MET A 453 -2.69 -1.66 41.28
C MET A 453 -2.97 -3.12 41.61
N LYS A 454 -1.93 -3.94 41.73
CA LYS A 454 -2.13 -5.33 42.09
C LYS A 454 -2.73 -5.46 43.49
N ILE A 455 -2.16 -4.73 44.46
CA ILE A 455 -2.69 -4.79 45.82
C ILE A 455 -4.08 -4.16 45.89
N GLY A 456 -4.31 -3.08 45.11
CA GLY A 456 -5.64 -2.50 45.09
C GLY A 456 -6.68 -3.44 44.53
N ILE A 457 -6.36 -4.11 43.42
CA ILE A 457 -7.29 -5.06 42.82
C ILE A 457 -7.49 -6.25 43.75
N GLY A 458 -6.43 -6.65 44.46
CA GLY A 458 -6.59 -7.74 45.41
C GLY A 458 -7.56 -7.41 46.52
N VAL A 459 -7.42 -6.22 47.11
CA VAL A 459 -8.34 -5.86 48.19
C VAL A 459 -9.75 -5.66 47.65
N LEU A 460 -9.88 -5.10 46.43
CA LEU A 460 -11.20 -4.94 45.85
C LEU A 460 -11.87 -6.28 45.58
N LEU A 461 -11.10 -7.26 45.08
CA LEU A 461 -11.65 -8.57 44.80
C LEU A 461 -12.02 -9.31 46.08
N THR A 462 -11.20 -9.21 47.11
CA THR A 462 -11.57 -9.89 48.35
C THR A 462 -12.79 -9.23 49.00
N TRP A 463 -12.92 -7.90 48.87
CA TRP A 463 -14.13 -7.25 49.36
C TRP A 463 -15.37 -7.65 48.54
N ILE A 464 -15.23 -7.79 47.22
CA ILE A 464 -16.33 -8.29 46.42
C ILE A 464 -16.73 -9.68 46.87
N GLY A 465 -15.75 -10.55 47.10
CA GLY A 465 -16.06 -11.89 47.56
C GLY A 465 -16.74 -11.92 48.90
N LEU A 466 -16.33 -11.04 49.82
CA LEU A 466 -16.93 -10.99 51.13
C LEU A 466 -18.39 -10.54 51.09
N ASN A 467 -18.78 -9.76 50.10
CA ASN A 467 -20.13 -9.20 50.03
C ASN A 467 -21.04 -9.93 49.04
N SER A 468 -20.64 -11.11 48.58
CA SER A 468 -21.44 -11.88 47.64
C SER A 468 -22.18 -13.00 48.38
N LYS A 469 -23.45 -13.18 48.04
CA LYS A 469 -24.28 -14.22 48.63
C LYS A 469 -24.30 -15.48 47.78
N ASN A 470 -23.24 -15.71 47.00
CA ASN A 470 -23.06 -16.93 46.21
C ASN A 470 -21.76 -17.56 46.70
N THR A 471 -21.89 -18.52 47.62
CA THR A 471 -20.74 -19.11 48.29
C THR A 471 -19.74 -19.68 47.30
N SER A 472 -20.24 -20.39 46.28
CA SER A 472 -19.37 -21.07 45.33
C SER A 472 -18.42 -20.11 44.65
N MET A 473 -18.87 -18.89 44.34
CA MET A 473 -18.00 -17.88 43.76
C MET A 473 -17.48 -16.87 44.77
N SER A 474 -18.16 -16.68 45.91
CA SER A 474 -17.64 -15.78 46.93
C SER A 474 -16.33 -16.31 47.50
N PHE A 475 -16.23 -17.63 47.68
CA PHE A 475 -14.96 -18.20 48.12
C PHE A 475 -13.89 -18.04 47.05
N SER A 476 -14.24 -18.24 45.79
CA SER A 476 -13.26 -18.12 44.71
C SER A 476 -12.72 -16.70 44.61
N CYS A 477 -13.60 -15.71 44.72
CA CYS A 477 -13.15 -14.31 44.67
C CYS A 477 -12.22 -13.99 45.82
N ILE A 478 -12.53 -14.49 47.02
CA ILE A 478 -11.68 -14.26 48.18
C ILE A 478 -10.31 -14.89 47.96
N ALA A 479 -10.29 -16.13 47.44
CA ALA A 479 -9.02 -16.80 47.19
C ALA A 479 -8.18 -16.04 46.18
N ILE A 480 -8.81 -15.59 45.08
CA ILE A 480 -8.08 -14.85 44.06
C ILE A 480 -7.55 -13.54 44.64
N GLY A 481 -8.35 -12.86 45.46
CA GLY A 481 -7.89 -11.64 46.08
C GLY A 481 -6.72 -11.85 47.02
N ILE A 482 -6.75 -12.95 47.78
CA ILE A 482 -5.66 -13.25 48.70
C ILE A 482 -4.37 -13.53 47.93
N ILE A 483 -4.47 -14.35 46.87
CA ILE A 483 -3.29 -14.64 46.05
C ILE A 483 -2.76 -13.35 45.42
N THR A 484 -3.66 -12.49 44.96
CA THR A 484 -3.23 -11.24 44.33
C THR A 484 -2.56 -10.32 45.34
N LEU A 485 -3.09 -10.25 46.57
CA LEU A 485 -2.43 -9.46 47.60
C LEU A 485 -1.03 -10.00 47.89
N TYR A 486 -0.91 -11.32 48.08
CA TYR A 486 0.39 -11.89 48.39
C TYR A 486 1.40 -11.62 47.28
N LEU A 487 0.98 -11.78 46.02
CA LEU A 487 1.90 -11.49 44.93
C LEU A 487 2.25 -10.01 44.89
N GLY A 488 1.26 -9.12 44.93
CA GLY A 488 1.54 -7.70 44.84
C GLY A 488 2.45 -7.21 45.94
N ALA A 489 2.46 -7.90 47.07
CA ALA A 489 3.36 -7.55 48.17
C ALA A 489 4.77 -8.08 47.96
N VAL A 490 5.04 -8.82 46.88
CA VAL A 490 6.30 -9.51 46.68
C VAL A 490 6.91 -9.29 45.31
N VAL A 491 6.13 -8.79 44.33
CA VAL A 491 6.50 -8.91 42.92
C VAL A 491 7.89 -8.33 42.64
N GLN A 492 8.17 -7.13 43.11
CA GLN A 492 9.43 -6.46 42.82
C GLN A 492 10.45 -6.81 43.88
N ALA A 493 11.58 -7.34 43.45
CA ALA A 493 12.65 -7.75 44.37
C ALA A 493 13.52 -6.55 44.74
N SER B 1 6.93 10.78 26.53
CA SER B 1 8.34 10.49 26.69
C SER B 1 8.57 9.01 26.98
N VAL B 2 9.83 8.64 27.21
CA VAL B 2 10.16 7.27 27.53
C VAL B 2 10.02 6.97 29.01
N ALA B 3 10.13 7.98 29.88
CA ALA B 3 9.99 7.75 31.32
C ALA B 3 8.62 7.20 31.66
N LEU B 4 7.62 7.47 30.82
CA LEU B 4 6.32 6.86 30.97
C LEU B 4 6.37 5.40 30.50
N ALA B 5 5.45 4.61 31.01
CA ALA B 5 5.41 3.17 30.76
C ALA B 5 6.69 2.50 31.21
N PRO B 6 6.97 2.43 32.50
CA PRO B 6 8.17 1.72 32.96
C PRO B 6 8.06 0.22 32.72
N HIS B 7 9.20 -0.45 32.83
CA HIS B 7 9.27 -1.90 32.65
C HIS B 7 8.80 -2.61 33.92
N VAL B 8 7.51 -2.49 34.23
CA VAL B 8 6.95 -3.07 35.44
C VAL B 8 5.81 -4.01 35.04
N GLY B 9 5.81 -5.21 35.61
CA GLY B 9 4.77 -6.17 35.35
C GLY B 9 4.94 -7.00 34.09
N MET B 10 6.09 -6.91 33.43
CA MET B 10 6.32 -7.67 32.20
C MET B 10 6.53 -9.16 32.46
N GLY B 11 6.42 -9.61 33.70
CA GLY B 11 6.53 -11.03 34.01
C GLY B 11 7.91 -11.61 33.78
N LEU B 12 8.95 -10.87 34.18
CA LEU B 12 10.32 -11.36 34.14
C LEU B 12 10.93 -11.43 35.53
N ASP B 13 10.14 -11.80 36.53
CA ASP B 13 10.57 -11.80 37.92
C ASP B 13 11.73 -12.75 38.14
N THR B 14 12.64 -12.37 39.03
CA THR B 14 13.84 -13.14 39.33
C THR B 14 14.23 -12.91 40.78
N ARG B 15 15.03 -13.83 41.34
CA ARG B 15 15.44 -13.71 42.73
C ARG B 15 16.24 -12.43 42.98
N THR B 16 17.12 -12.07 42.05
CA THR B 16 17.96 -10.90 42.22
C THR B 16 17.13 -9.62 42.16
N GLN B 17 17.65 -8.57 42.80
CA GLN B 17 17.00 -7.28 42.79
C GLN B 17 17.04 -6.65 41.40
N THR B 18 15.98 -5.94 41.06
CA THR B 18 15.86 -5.29 39.77
C THR B 18 16.50 -3.90 39.82
N TRP B 19 16.23 -3.10 38.79
CA TRP B 19 16.77 -1.75 38.74
C TRP B 19 15.82 -0.76 39.40
N MET B 20 16.32 -0.04 40.41
CA MET B 20 15.61 1.05 41.06
C MET B 20 14.27 0.59 41.63
N SER B 21 14.30 -0.51 42.39
CA SER B 21 13.07 -1.12 42.84
C SER B 21 12.28 -0.25 43.82
N ALA B 22 12.86 -0.01 44.99
CA ALA B 22 12.16 0.75 46.03
C ALA B 22 11.90 2.18 45.59
N GLU B 23 12.92 2.82 44.99
CA GLU B 23 12.75 4.20 44.54
C GLU B 23 11.65 4.29 43.50
N GLY B 24 11.61 3.37 42.54
CA GLY B 24 10.57 3.40 41.53
C GLY B 24 9.19 3.22 42.13
N ALA B 25 9.03 2.22 43.00
CA ALA B 25 7.74 1.99 43.62
C ALA B 25 7.25 3.24 44.35
N TRP B 26 8.08 3.78 45.23
CA TRP B 26 7.58 4.85 46.07
C TRP B 26 7.48 6.17 45.32
N ARG B 27 8.28 6.39 44.27
CA ARG B 27 8.06 7.58 43.45
C ARG B 27 6.73 7.47 42.71
N GLN B 28 6.40 6.28 42.20
CA GLN B 28 5.14 6.11 41.49
C GLN B 28 3.97 6.38 42.41
N VAL B 29 4.08 6.01 43.69
CA VAL B 29 2.96 6.27 44.59
C VAL B 29 2.98 7.72 45.09
N GLU B 30 4.17 8.33 45.18
CA GLU B 30 4.29 9.65 45.81
C GLU B 30 3.96 10.78 44.84
N LYS B 31 4.03 10.51 43.53
CA LYS B 31 3.61 11.51 42.56
C LYS B 31 2.18 11.96 42.83
N VAL B 32 1.29 11.00 43.08
CA VAL B 32 -0.12 11.32 43.33
C VAL B 32 -0.25 12.14 44.62
N GLU B 33 0.50 11.78 45.65
CA GLU B 33 0.43 12.53 46.90
C GLU B 33 0.87 13.98 46.70
N THR B 34 1.99 14.19 46.01
CA THR B 34 2.46 15.56 45.78
C THR B 34 1.46 16.36 44.96
N TRP B 35 0.94 15.76 43.88
CA TRP B 35 -0.04 16.48 43.06
C TRP B 35 -1.32 16.79 43.83
N ALA B 36 -1.83 15.85 44.62
CA ALA B 36 -3.05 16.08 45.37
C ALA B 36 -2.87 17.11 46.48
N LEU B 37 -1.69 17.17 47.10
CA LEU B 37 -1.41 18.24 48.05
C LEU B 37 -1.24 19.58 47.36
N ARG B 38 -0.76 19.58 46.11
CA ARG B 38 -0.60 20.84 45.39
C ARG B 38 -1.95 21.47 45.06
N HIS B 39 -2.88 20.68 44.51
CA HIS B 39 -4.19 21.17 44.10
C HIS B 39 -5.28 20.49 44.90
N PRO B 40 -5.89 21.17 45.89
CA PRO B 40 -6.87 20.51 46.76
C PRO B 40 -8.33 20.60 46.32
N GLY B 41 -8.68 21.51 45.40
CA GLY B 41 -10.08 21.64 45.02
C GLY B 41 -10.61 20.46 44.25
N PHE B 42 -9.74 19.76 43.53
CA PHE B 42 -10.21 18.58 42.81
C PHE B 42 -10.69 17.49 43.75
N THR B 43 -10.25 17.50 45.02
CA THR B 43 -10.84 16.58 45.98
C THR B 43 -12.34 16.86 46.13
N ILE B 44 -12.71 18.14 46.23
CA ILE B 44 -14.12 18.49 46.29
C ILE B 44 -14.84 18.10 45.03
N LEU B 45 -14.23 18.37 43.87
CA LEU B 45 -14.87 17.99 42.61
C LEU B 45 -15.12 16.49 42.52
N ALA B 46 -14.09 15.70 42.85
CA ALA B 46 -14.20 14.25 42.77
C ALA B 46 -15.21 13.72 43.77
N LEU B 47 -15.26 14.30 44.96
CA LEU B 47 -16.26 13.91 45.94
C LEU B 47 -17.66 14.15 45.39
N PHE B 48 -17.88 15.32 44.78
CA PHE B 48 -19.18 15.62 44.20
C PHE B 48 -19.55 14.61 43.12
N LEU B 49 -18.62 14.34 42.19
CA LEU B 49 -18.93 13.43 41.10
C LEU B 49 -19.19 12.02 41.60
N ALA B 50 -18.28 11.47 42.41
CA ALA B 50 -18.44 10.13 42.94
C ALA B 50 -19.63 9.99 43.87
N HIS B 51 -20.13 11.10 44.44
CA HIS B 51 -21.34 11.06 45.23
C HIS B 51 -22.61 11.11 44.38
N TYR B 52 -22.61 11.84 43.28
CA TYR B 52 -23.79 11.90 42.44
C TYR B 52 -23.84 10.84 41.35
N ILE B 53 -22.80 10.02 41.23
CA ILE B 53 -22.86 8.87 40.33
C ILE B 53 -23.01 7.59 41.14
N GLY B 54 -22.41 7.56 42.33
CA GLY B 54 -22.48 6.38 43.15
C GLY B 54 -23.83 6.27 43.85
N THR B 55 -24.39 5.07 43.87
CA THR B 55 -25.64 4.81 44.56
C THR B 55 -25.45 4.03 45.86
N SER B 56 -24.31 3.37 46.04
CA SER B 56 -24.00 2.67 47.26
C SER B 56 -22.64 3.12 47.76
N LEU B 57 -22.41 2.94 49.05
CA LEU B 57 -21.17 3.42 49.66
C LEU B 57 -19.94 2.78 49.02
N THR B 58 -20.01 1.49 48.69
CA THR B 58 -18.90 0.83 48.04
C THR B 58 -18.61 1.47 46.68
N GLN B 59 -19.65 1.68 45.88
CA GLN B 59 -19.46 2.30 44.57
C GLN B 59 -18.94 3.72 44.71
N LYS B 60 -19.46 4.48 45.68
CA LYS B 60 -19.01 5.85 45.87
C LYS B 60 -17.52 5.88 46.22
N VAL B 61 -17.10 5.02 47.14
CA VAL B 61 -15.70 5.01 47.54
C VAL B 61 -14.81 4.58 46.38
N VAL B 62 -15.23 3.56 45.63
CA VAL B 62 -14.43 3.08 44.51
C VAL B 62 -14.27 4.17 43.46
N ILE B 63 -15.37 4.82 43.10
CA ILE B 63 -15.31 5.86 42.07
C ILE B 63 -14.47 7.05 42.54
N PHE B 64 -14.60 7.42 43.82
CA PHE B 64 -13.80 8.53 44.34
C PHE B 64 -12.31 8.20 44.27
N ILE B 65 -11.93 7.00 44.69
CA ILE B 65 -10.52 6.61 44.67
C ILE B 65 -10.00 6.55 43.23
N LEU B 66 -10.80 5.99 42.32
CA LEU B 66 -10.37 5.90 40.93
C LEU B 66 -10.20 7.28 40.29
N LEU B 67 -11.09 8.23 40.60
CA LEU B 67 -10.90 9.58 40.09
C LEU B 67 -9.63 10.21 40.65
N MET B 68 -9.42 10.06 41.97
CA MET B 68 -8.27 10.67 42.60
C MET B 68 -6.98 10.02 42.13
N LEU B 69 -7.06 8.81 41.56
CA LEU B 69 -5.88 8.18 40.99
C LEU B 69 -5.72 8.47 39.50
N VAL B 70 -6.82 8.66 38.78
CA VAL B 70 -6.74 9.01 37.36
C VAL B 70 -6.14 10.38 37.16
N THR B 71 -6.66 11.39 37.87
CA THR B 71 -6.35 12.77 37.50
C THR B 71 -4.88 13.11 37.63
N PRO B 72 -4.20 12.86 38.77
CA PRO B 72 -2.77 13.19 38.84
C PRO B 72 -1.94 12.39 37.85
N SER B 73 -2.44 11.25 37.40
CA SER B 73 -1.74 10.40 36.45
C SER B 73 -2.03 10.81 35.01
N MET B 74 -3.27 11.18 34.71
CA MET B 74 -3.59 11.71 33.38
C MET B 74 -3.03 13.10 33.15
N THR B 75 -2.70 13.82 34.22
CA THR B 75 -2.08 15.14 34.06
C THR B 75 -0.60 15.00 33.71
N MET C 1 -25.41 44.33 -35.32
CA MET C 1 -25.84 43.25 -36.20
C MET C 1 -24.94 42.03 -36.01
N ARG C 2 -23.85 42.23 -35.26
CA ARG C 2 -22.92 41.15 -34.99
C ARG C 2 -23.60 40.00 -34.25
N CYS C 3 -24.74 40.28 -33.62
CA CYS C 3 -25.44 39.32 -32.80
C CYS C 3 -26.75 38.93 -33.47
N VAL C 4 -26.70 38.71 -34.79
CA VAL C 4 -27.87 38.34 -35.57
C VAL C 4 -27.66 36.92 -36.09
N GLY C 5 -28.62 36.05 -35.84
CA GLY C 5 -28.51 34.66 -36.24
C GLY C 5 -27.67 33.81 -35.32
N VAL C 6 -27.24 34.34 -34.17
CA VAL C 6 -26.41 33.57 -33.26
C VAL C 6 -27.18 32.39 -32.69
N GLY C 7 -28.47 32.59 -32.39
CA GLY C 7 -29.29 31.56 -31.78
C GLY C 7 -29.31 31.58 -30.27
N ASN C 8 -28.43 32.35 -29.64
CA ASN C 8 -28.44 32.54 -28.19
C ASN C 8 -28.67 33.98 -27.81
N ARG C 9 -29.06 34.84 -28.76
CA ARG C 9 -29.32 36.23 -28.47
C ARG C 9 -30.52 36.39 -27.55
N ASP C 10 -30.44 37.35 -26.64
CA ASP C 10 -31.53 37.70 -25.74
C ASP C 10 -31.68 39.21 -25.67
N PHE C 11 -32.90 39.69 -25.83
CA PHE C 11 -33.15 41.12 -25.92
C PHE C 11 -33.18 41.76 -24.54
N VAL C 12 -32.85 43.06 -24.52
CA VAL C 12 -32.96 43.90 -23.33
C VAL C 12 -33.52 45.24 -23.80
N GLU C 13 -34.69 45.62 -23.28
CA GLU C 13 -35.41 46.76 -23.79
C GLU C 13 -35.64 47.87 -22.77
N GLY C 14 -35.73 47.55 -21.48
CA GLY C 14 -36.06 48.55 -20.50
C GLY C 14 -34.87 49.41 -20.09
N LEU C 15 -35.18 50.66 -19.75
CA LEU C 15 -34.18 51.62 -19.27
C LEU C 15 -34.77 52.35 -18.08
N SER C 16 -33.90 52.85 -17.20
CA SER C 16 -34.36 53.53 -15.99
C SER C 16 -33.31 54.54 -15.54
N GLY C 17 -33.77 55.49 -14.74
CA GLY C 17 -32.85 56.43 -14.09
C GLY C 17 -32.07 57.24 -15.11
N ALA C 18 -30.75 57.13 -15.02
CA ALA C 18 -29.83 57.83 -15.92
C ALA C 18 -29.57 57.04 -17.19
N THR C 19 -30.52 56.22 -17.62
CA THR C 19 -30.40 55.31 -18.76
C THR C 19 -29.36 54.24 -18.54
N TRP C 20 -28.95 54.00 -17.29
CA TRP C 20 -28.02 52.93 -16.99
C TRP C 20 -28.80 51.63 -16.88
N VAL C 21 -28.35 50.60 -17.61
CA VAL C 21 -28.97 49.29 -17.60
C VAL C 21 -27.86 48.25 -17.48
N ASP C 22 -27.99 47.34 -16.53
CA ASP C 22 -27.01 46.29 -16.36
C ASP C 22 -27.37 45.08 -17.23
N VAL C 23 -26.34 44.40 -17.70
CA VAL C 23 -26.48 43.20 -18.51
C VAL C 23 -25.39 42.22 -18.12
N VAL C 24 -25.71 40.93 -18.15
CA VAL C 24 -24.75 39.88 -17.86
C VAL C 24 -24.31 39.27 -19.19
N LEU C 25 -23.06 39.49 -19.56
CA LEU C 25 -22.54 39.06 -20.86
C LEU C 25 -22.00 37.65 -20.72
N GLU C 26 -22.86 36.66 -20.90
CA GLU C 26 -22.40 35.29 -21.02
C GLU C 26 -21.57 35.14 -22.28
N HIS C 27 -20.53 34.31 -22.19
CA HIS C 27 -19.52 34.27 -23.25
C HIS C 27 -20.10 33.75 -24.55
N GLY C 28 -20.85 32.65 -24.50
CA GLY C 28 -21.46 32.12 -25.70
C GLY C 28 -22.53 33.05 -26.26
N GLY C 29 -23.32 33.65 -25.39
CA GLY C 29 -24.40 34.52 -25.81
C GLY C 29 -23.93 35.90 -26.20
N CYS C 30 -24.91 36.74 -26.55
CA CYS C 30 -24.64 38.10 -27.02
C CYS C 30 -25.87 38.94 -26.79
N VAL C 31 -25.71 40.08 -26.10
CA VAL C 31 -26.85 40.88 -25.68
C VAL C 31 -27.12 41.99 -26.68
N THR C 32 -28.37 42.09 -27.12
CA THR C 32 -28.81 43.13 -28.05
C THR C 32 -29.74 44.07 -27.28
N THR C 33 -29.17 45.14 -26.74
CA THR C 33 -29.92 46.12 -25.96
C THR C 33 -30.56 47.15 -26.89
N MET C 34 -31.68 47.71 -26.46
CA MET C 34 -32.40 48.72 -27.23
C MET C 34 -33.13 49.66 -26.29
N ALA C 35 -33.50 50.82 -26.82
CA ALA C 35 -34.15 51.85 -26.02
C ALA C 35 -35.14 52.62 -26.89
N LYS C 36 -35.78 53.62 -26.28
CA LYS C 36 -36.79 54.39 -26.98
C LYS C 36 -36.16 55.29 -28.05
N ASN C 37 -35.06 55.96 -27.72
CA ASN C 37 -34.46 56.93 -28.62
C ASN C 37 -32.94 56.77 -28.71
N LYS C 38 -32.41 55.66 -28.23
CA LYS C 38 -30.97 55.42 -28.30
C LYS C 38 -30.66 54.53 -29.50
N PRO C 39 -29.43 54.56 -30.00
CA PRO C 39 -29.08 53.63 -31.09
C PRO C 39 -28.98 52.20 -30.61
N THR C 40 -29.90 51.34 -31.05
CA THR C 40 -29.90 49.95 -30.64
C THR C 40 -28.62 49.27 -31.06
N LEU C 41 -28.00 48.54 -30.15
CA LEU C 41 -26.66 48.01 -30.38
C LEU C 41 -26.51 46.69 -29.63
N ASP C 42 -25.77 45.76 -30.22
CA ASP C 42 -25.59 44.44 -29.64
C ASP C 42 -24.17 44.25 -29.10
N ILE C 43 -24.06 43.47 -28.03
CA ILE C 43 -22.84 43.37 -27.23
C ILE C 43 -22.51 41.90 -27.02
N GLU C 44 -21.22 41.58 -26.99
CA GLU C 44 -20.79 40.24 -26.62
C GLU C 44 -19.41 40.30 -26.00
N LEU C 45 -19.08 39.26 -25.23
CA LEU C 45 -17.75 39.11 -24.62
C LEU C 45 -16.90 38.29 -25.58
N GLN C 46 -15.79 38.86 -26.05
CA GLN C 46 -14.95 38.17 -27.01
C GLN C 46 -14.05 37.15 -26.32
N LYS C 47 -13.15 37.63 -25.47
CA LYS C 47 -12.17 36.75 -24.83
C LYS C 47 -11.73 37.40 -23.53
N THR C 48 -11.23 36.58 -22.59
CA THR C 48 -10.83 37.14 -21.30
C THR C 48 -9.32 37.06 -21.12
N GLU C 49 -8.64 36.26 -21.93
CA GLU C 49 -7.21 36.40 -22.21
C GLU C 49 -6.37 36.51 -20.94
N ALA C 50 -6.34 35.44 -20.15
CA ALA C 50 -5.43 35.39 -19.02
C ALA C 50 -3.98 35.40 -19.51
N THR C 51 -3.14 36.21 -18.87
CA THR C 51 -1.79 36.43 -19.33
C THR C 51 -0.83 36.38 -18.14
N GLN C 52 0.42 36.03 -18.42
CA GLN C 52 1.49 35.97 -17.42
C GLN C 52 1.13 35.01 -16.29
N LEU C 53 0.99 33.74 -16.65
CA LEU C 53 0.62 32.71 -15.69
C LEU C 53 1.84 32.23 -14.92
N ALA C 54 1.68 32.09 -13.62
CA ALA C 54 2.73 31.58 -12.75
C ALA C 54 2.39 30.16 -12.31
N THR C 55 3.34 29.24 -12.52
CA THR C 55 3.15 27.85 -12.14
C THR C 55 3.53 27.63 -10.69
N LEU C 56 2.89 26.64 -10.07
CA LEU C 56 3.22 26.30 -8.70
C LEU C 56 3.33 24.81 -8.43
N ARG C 57 2.91 23.94 -9.36
CA ARG C 57 3.01 22.50 -9.12
C ARG C 57 3.21 21.78 -10.44
N LYS C 58 4.16 20.85 -10.44
CA LYS C 58 4.35 19.90 -11.53
C LYS C 58 4.03 18.53 -10.97
N LEU C 59 3.06 17.85 -11.56
CA LEU C 59 2.70 16.50 -11.15
C LEU C 59 2.94 15.56 -12.33
N CYS C 60 3.51 14.39 -12.03
CA CYS C 60 4.01 13.50 -13.08
C CYS C 60 2.93 12.52 -13.53
N ILE C 61 3.07 12.05 -14.76
CA ILE C 61 2.24 10.99 -15.31
C ILE C 61 3.07 9.80 -15.79
N GLU C 62 4.14 10.07 -16.52
CA GLU C 62 4.97 9.03 -17.11
C GLU C 62 6.27 8.93 -16.33
N GLY C 63 6.45 7.83 -15.60
CA GLY C 63 7.68 7.61 -14.87
C GLY C 63 8.61 6.64 -15.58
N LYS C 64 9.76 6.41 -14.97
CA LYS C 64 10.74 5.47 -15.50
C LYS C 64 11.58 4.96 -14.34
N ILE C 65 11.59 3.65 -14.13
CA ILE C 65 12.28 3.03 -13.00
C ILE C 65 13.64 2.55 -13.46
N THR C 66 14.68 2.95 -12.74
CA THR C 66 16.05 2.59 -13.07
C THR C 66 16.77 2.16 -11.80
N ASN C 67 17.76 1.28 -11.97
CA ASN C 67 18.64 0.86 -10.89
C ASN C 67 17.87 0.22 -9.74
N ILE C 68 17.24 -0.92 -10.04
CA ILE C 68 16.56 -1.68 -8.99
C ILE C 68 17.59 -2.44 -8.18
N THR C 69 17.58 -2.24 -6.87
CA THR C 69 18.54 -2.87 -5.97
C THR C 69 17.81 -3.46 -4.78
N THR C 70 18.33 -4.56 -4.26
CA THR C 70 17.67 -5.27 -3.17
C THR C 70 18.69 -5.67 -2.11
N ASP C 71 18.24 -5.71 -0.86
CA ASP C 71 19.01 -6.27 0.25
C ASP C 71 18.09 -7.12 1.12
N SER C 72 18.65 -8.19 1.69
CA SER C 72 17.89 -9.12 2.52
C SER C 72 18.71 -9.50 3.73
N ARG C 73 18.04 -9.89 4.82
CA ARG C 73 18.71 -10.25 6.05
C ARG C 73 18.01 -11.44 6.72
N CYS C 74 18.74 -12.07 7.64
CA CYS C 74 18.24 -13.24 8.34
C CYS C 74 17.13 -12.86 9.32
N PRO C 75 16.31 -13.84 9.71
CA PRO C 75 15.29 -13.58 10.74
C PRO C 75 15.94 -13.10 12.04
N THR C 76 15.23 -12.21 12.73
CA THR C 76 15.69 -11.63 14.00
C THR C 76 17.09 -11.03 13.84
N GLN C 77 17.30 -10.32 12.74
CA GLN C 77 18.53 -9.58 12.51
C GLN C 77 18.29 -8.15 12.05
N GLY C 78 17.06 -7.65 12.19
CA GLY C 78 16.75 -6.29 11.83
C GLY C 78 16.30 -6.14 10.40
N GLU C 79 15.78 -4.95 10.10
CA GLU C 79 15.33 -4.66 8.75
C GLU C 79 16.53 -4.55 7.81
N ALA C 80 16.29 -4.83 6.53
CA ALA C 80 17.34 -4.64 5.53
C ALA C 80 17.60 -3.15 5.34
N VAL C 81 18.86 -2.78 5.20
CA VAL C 81 19.25 -1.40 5.02
C VAL C 81 19.99 -1.27 3.69
N LEU C 82 19.77 -0.15 3.01
CA LEU C 82 20.41 0.07 1.74
C LEU C 82 20.88 1.52 1.65
N PRO C 83 22.11 1.77 1.20
CA PRO C 83 22.62 3.15 1.20
C PRO C 83 21.84 4.09 0.30
N GLU C 84 21.08 3.56 -0.67
CA GLU C 84 20.36 4.41 -1.60
C GLU C 84 19.07 4.97 -1.01
N GLU C 85 18.72 4.61 0.22
CA GLU C 85 17.50 5.13 0.82
C GLU C 85 17.57 6.64 1.02
N GLN C 86 18.73 7.16 1.41
CA GLN C 86 18.89 8.58 1.71
C GLN C 86 19.20 9.36 0.43
N ASP C 87 18.34 9.15 -0.57
CA ASP C 87 18.41 9.90 -1.81
C ASP C 87 16.99 10.23 -2.24
N GLN C 88 16.80 11.46 -2.74
CA GLN C 88 15.47 11.91 -3.11
C GLN C 88 14.90 11.07 -4.26
N ASN C 89 15.72 10.77 -5.27
CA ASN C 89 15.21 10.14 -6.47
C ASN C 89 14.80 8.69 -6.22
N TYR C 90 15.33 8.08 -5.16
CA TYR C 90 15.06 6.67 -4.89
C TYR C 90 13.73 6.49 -4.18
N VAL C 91 12.91 5.58 -4.70
CA VAL C 91 11.71 5.11 -4.02
C VAL C 91 12.00 3.68 -3.57
N CYS C 92 11.81 3.41 -2.28
CA CYS C 92 12.22 2.15 -1.68
C CYS C 92 11.14 1.66 -0.74
N LYS C 93 10.76 0.39 -0.87
CA LYS C 93 9.74 -0.22 -0.04
C LYS C 93 10.28 -1.46 0.62
N HIS C 94 9.99 -1.62 1.91
CA HIS C 94 10.33 -2.84 2.63
C HIS C 94 9.35 -3.96 2.28
N THR C 95 9.71 -5.16 2.71
CA THR C 95 8.83 -6.32 2.62
C THR C 95 9.42 -7.42 3.49
N TYR C 96 8.73 -8.56 3.52
CA TYR C 96 9.17 -9.71 4.29
C TYR C 96 9.29 -10.92 3.37
N VAL C 97 10.37 -11.67 3.56
CA VAL C 97 10.67 -12.84 2.75
C VAL C 97 11.02 -13.99 3.69
N ASP C 98 10.86 -15.21 3.21
CA ASP C 98 11.17 -16.40 3.98
C ASP C 98 12.43 -17.06 3.44
N ARG C 99 13.29 -17.52 4.34
CA ARG C 99 14.54 -18.16 3.93
C ARG C 99 15.03 -19.05 5.05
N GLY C 100 15.64 -20.17 4.68
CA GLY C 100 16.25 -21.08 5.62
C GLY C 100 17.68 -21.37 5.26
N TRP C 101 18.10 -22.63 5.41
CA TRP C 101 19.46 -23.01 5.04
C TRP C 101 19.68 -22.98 3.53
N GLY C 102 18.63 -23.09 2.74
CA GLY C 102 18.80 -23.08 1.29
C GLY C 102 19.27 -21.74 0.77
N ASN C 103 19.08 -20.68 1.56
CA ASN C 103 19.49 -19.33 1.19
C ASN C 103 20.70 -18.87 1.99
N GLY C 104 21.46 -19.81 2.54
CA GLY C 104 22.70 -19.50 3.22
C GLY C 104 22.55 -19.01 4.64
N CYS C 105 21.34 -18.96 5.18
CA CYS C 105 21.10 -18.46 6.53
C CYS C 105 20.79 -19.62 7.46
N GLY C 106 21.51 -19.67 8.59
CA GLY C 106 21.33 -20.77 9.51
C GLY C 106 19.97 -20.77 10.19
N LEU C 107 19.46 -19.59 10.50
CA LEU C 107 18.20 -19.50 11.22
C LEU C 107 17.01 -19.66 10.28
N PHE C 108 15.99 -20.38 10.73
CA PHE C 108 14.77 -20.60 9.96
C PHE C 108 13.72 -19.60 10.41
N GLY C 109 13.05 -18.98 9.44
CA GLY C 109 12.00 -18.03 9.76
C GLY C 109 11.71 -17.07 8.62
N LYS C 110 11.25 -15.86 8.96
CA LYS C 110 10.96 -14.83 7.99
C LYS C 110 12.03 -13.75 8.05
N GLY C 111 12.49 -13.32 6.87
CA GLY C 111 13.54 -12.35 6.78
C GLY C 111 13.06 -11.07 6.12
N SER C 112 13.74 -9.99 6.48
CA SER C 112 13.44 -8.67 5.93
C SER C 112 14.03 -8.54 4.52
N LEU C 113 13.52 -7.56 3.78
CA LEU C 113 14.00 -7.32 2.42
C LEU C 113 13.54 -5.93 1.99
N VAL C 114 14.42 -5.21 1.30
CA VAL C 114 14.12 -3.88 0.79
C VAL C 114 14.44 -3.86 -0.69
N THR C 115 13.74 -2.99 -1.44
CA THR C 115 13.97 -2.84 -2.86
C THR C 115 13.85 -1.37 -3.24
N CYS C 116 14.99 -0.72 -3.44
CA CYS C 116 15.04 0.68 -3.81
C CYS C 116 15.26 0.79 -5.32
N ALA C 117 14.59 1.75 -5.93
CA ALA C 117 14.72 1.97 -7.37
C ALA C 117 14.59 3.45 -7.65
N LYS C 118 15.50 3.99 -8.45
CA LYS C 118 15.49 5.41 -8.76
C LYS C 118 14.35 5.70 -9.73
N PHE C 119 13.49 6.64 -9.36
CA PHE C 119 12.31 6.98 -10.15
C PHE C 119 12.54 8.30 -10.86
N GLN C 120 12.48 8.26 -12.19
CA GLN C 120 12.66 9.43 -13.03
C GLN C 120 11.34 9.77 -13.70
N CYS C 121 11.01 11.06 -13.77
CA CYS C 121 9.73 11.51 -14.29
C CYS C 121 9.90 12.02 -15.71
N LEU C 122 9.03 11.57 -16.61
CA LEU C 122 8.99 12.06 -17.97
C LEU C 122 7.63 12.70 -18.25
N GLU C 123 7.66 13.85 -18.91
CA GLU C 123 6.46 14.57 -19.31
C GLU C 123 5.56 14.94 -18.12
N PRO C 124 5.97 15.90 -17.30
CA PRO C 124 5.13 16.32 -16.18
C PRO C 124 3.96 17.18 -16.64
N ILE C 125 3.06 17.44 -15.69
CA ILE C 125 1.89 18.28 -15.93
C ILE C 125 2.01 19.55 -15.10
N GLU C 126 1.96 20.71 -15.76
CA GLU C 126 2.07 21.97 -15.05
C GLU C 126 0.70 22.50 -14.66
N GLY C 127 0.61 23.04 -13.45
CA GLY C 127 -0.60 23.71 -12.99
C GLY C 127 -0.30 25.16 -12.65
N LYS C 128 -0.99 26.09 -13.30
CA LYS C 128 -0.64 27.50 -13.24
C LYS C 128 -1.82 28.32 -12.74
N VAL C 129 -1.57 29.19 -11.76
CA VAL C 129 -2.58 30.13 -11.30
C VAL C 129 -2.60 31.35 -12.22
N VAL C 130 -3.64 32.17 -12.06
CA VAL C 130 -3.74 33.45 -12.72
C VAL C 130 -3.95 34.52 -11.66
N GLN C 131 -3.16 35.58 -11.72
CA GLN C 131 -3.35 36.70 -10.81
C GLN C 131 -4.23 37.75 -11.47
N TYR C 132 -5.02 38.44 -10.63
CA TYR C 132 -6.02 39.37 -11.13
C TYR C 132 -5.44 40.67 -11.68
N GLU C 133 -4.15 40.91 -11.49
CA GLU C 133 -3.51 42.10 -12.06
C GLU C 133 -3.04 41.87 -13.48
N ASN C 134 -3.35 40.71 -14.07
CA ASN C 134 -2.92 40.39 -15.43
C ASN C 134 -4.04 39.78 -16.26
N LEU C 135 -5.29 40.01 -15.91
CA LEU C 135 -6.43 39.46 -16.64
C LEU C 135 -7.11 40.58 -17.42
N LYS C 136 -7.34 40.36 -18.71
CA LYS C 136 -7.87 41.38 -19.60
C LYS C 136 -9.12 40.85 -20.31
N TYR C 137 -10.29 41.19 -19.79
CA TYR C 137 -11.52 40.92 -20.52
C TYR C 137 -11.55 41.78 -21.79
N THR C 138 -12.46 41.42 -22.71
CA THR C 138 -12.59 42.16 -23.96
C THR C 138 -14.04 42.17 -24.39
N VAL C 139 -14.62 43.35 -24.51
CA VAL C 139 -16.01 43.52 -24.89
C VAL C 139 -16.05 44.21 -26.26
N ILE C 140 -16.81 43.64 -27.18
CA ILE C 140 -17.00 44.21 -28.51
C ILE C 140 -18.40 44.74 -28.62
N ILE C 141 -18.53 46.00 -29.05
CA ILE C 141 -19.81 46.69 -29.13
C ILE C 141 -20.05 47.05 -30.60
N THR C 142 -21.19 46.64 -31.12
CA THR C 142 -21.55 46.89 -32.51
C THR C 142 -22.89 47.59 -32.57
N VAL C 143 -22.97 48.66 -33.34
CA VAL C 143 -24.22 49.39 -33.49
C VAL C 143 -24.97 48.87 -34.71
N HIS C 144 -26.30 48.84 -34.62
CA HIS C 144 -27.14 48.47 -35.76
C HIS C 144 -27.15 49.59 -36.81
N THR C 145 -25.99 49.78 -37.42
CA THR C 145 -25.84 50.84 -38.40
C THR C 145 -26.66 50.58 -39.66
N GLY C 146 -27.08 49.34 -39.88
CA GLY C 146 -27.66 48.98 -41.14
C GLY C 146 -26.66 48.86 -42.26
N ASP C 147 -25.40 48.62 -41.93
CA ASP C 147 -24.35 48.54 -42.95
C ASP C 147 -24.59 47.36 -43.87
N GLN C 148 -24.07 47.46 -45.10
CA GLN C 148 -24.27 46.42 -46.10
C GLN C 148 -23.64 45.10 -45.66
N HIS C 149 -22.43 45.16 -45.10
CA HIS C 149 -21.66 43.97 -44.78
C HIS C 149 -21.65 43.66 -43.29
N GLN C 150 -22.78 43.86 -42.61
CA GLN C 150 -22.83 43.79 -41.16
C GLN C 150 -23.72 42.67 -40.61
N VAL C 151 -24.49 42.00 -41.47
CA VAL C 151 -25.60 41.17 -41.00
C VAL C 151 -25.12 40.12 -40.00
N GLY C 152 -24.04 39.42 -40.32
CA GLY C 152 -23.55 38.40 -39.42
C GLY C 152 -22.05 38.49 -39.21
N ASN C 153 -21.50 39.66 -39.50
CA ASN C 153 -20.05 39.83 -39.49
C ASN C 153 -19.52 39.68 -38.07
N GLU C 154 -18.42 38.94 -37.93
CA GLU C 154 -17.80 38.70 -36.65
C GLU C 154 -16.56 39.56 -36.40
N THR C 155 -16.31 40.55 -37.25
CA THR C 155 -15.10 41.37 -37.15
C THR C 155 -15.41 42.87 -37.15
N GLN C 156 -16.68 43.24 -37.07
CA GLN C 156 -17.09 44.65 -37.06
C GLN C 156 -17.57 44.99 -35.66
N GLY C 157 -16.77 45.75 -34.92
CA GLY C 157 -17.14 46.16 -33.58
C GLY C 157 -16.08 47.06 -32.99
N VAL C 158 -16.45 47.68 -31.87
CA VAL C 158 -15.57 48.57 -31.14
C VAL C 158 -15.10 47.85 -29.88
N THR C 159 -13.81 47.54 -29.83
CA THR C 159 -13.27 46.82 -28.68
C THR C 159 -13.13 47.76 -27.48
N ALA C 160 -13.59 47.31 -26.32
CA ALA C 160 -13.45 48.04 -25.07
C ALA C 160 -13.04 47.06 -23.99
N GLU C 161 -11.73 46.89 -23.81
CA GLU C 161 -11.19 45.92 -22.86
C GLU C 161 -11.25 46.49 -21.44
N ILE C 162 -11.35 45.59 -20.47
CA ILE C 162 -11.45 45.97 -19.06
C ILE C 162 -10.56 45.03 -18.25
N THR C 163 -9.92 45.57 -17.23
CA THR C 163 -9.15 44.81 -16.27
C THR C 163 -9.76 44.96 -14.88
N PRO C 164 -9.52 44.01 -13.98
CA PRO C 164 -10.10 44.14 -12.63
C PRO C 164 -9.70 45.41 -11.92
N GLN C 165 -8.46 45.87 -12.12
CA GLN C 165 -8.03 47.11 -11.48
C GLN C 165 -8.65 48.33 -12.17
N ALA C 166 -8.69 48.33 -13.50
CA ALA C 166 -9.33 49.41 -14.25
C ALA C 166 -10.72 48.94 -14.71
N SER C 167 -11.67 48.99 -13.76
CA SER C 167 -12.98 48.40 -14.00
C SER C 167 -13.73 49.13 -15.12
N THR C 168 -13.86 50.44 -15.00
CA THR C 168 -14.72 51.21 -15.89
C THR C 168 -13.95 51.74 -17.11
N THR C 169 -14.69 51.88 -18.21
CA THR C 169 -14.14 52.36 -19.47
C THR C 169 -15.23 53.14 -20.20
N GLU C 170 -14.85 53.71 -21.35
CA GLU C 170 -15.78 54.42 -22.22
C GLU C 170 -15.41 54.10 -23.66
N ALA C 171 -16.31 53.41 -24.37
CA ALA C 171 -16.08 53.01 -25.75
C ALA C 171 -16.76 54.03 -26.66
N ILE C 172 -15.97 54.83 -27.37
CA ILE C 172 -16.51 55.85 -28.26
C ILE C 172 -16.94 55.19 -29.56
N LEU C 173 -18.25 55.11 -29.78
CA LEU C 173 -18.75 54.59 -31.03
C LEU C 173 -18.59 55.65 -32.12
N PRO C 174 -18.21 55.24 -33.34
CA PRO C 174 -17.98 56.23 -34.40
C PRO C 174 -19.28 56.91 -34.82
N GLU C 175 -19.36 58.21 -34.53
CA GLU C 175 -20.50 59.05 -34.91
C GLU C 175 -21.80 58.61 -34.24
N TYR C 176 -21.72 58.00 -33.07
CA TYR C 176 -22.91 57.63 -32.32
C TYR C 176 -22.87 58.13 -30.88
N GLY C 177 -21.71 58.14 -30.23
CA GLY C 177 -21.65 58.66 -28.88
C GLY C 177 -20.58 57.97 -28.05
N THR C 178 -20.96 57.61 -26.83
CA THR C 178 -20.05 57.01 -25.86
C THR C 178 -20.84 56.11 -24.92
N LEU C 179 -20.68 54.80 -25.08
CA LEU C 179 -21.40 53.82 -24.26
C LEU C 179 -20.59 53.55 -22.99
N GLY C 180 -20.88 54.32 -21.95
CA GLY C 180 -20.19 54.17 -20.69
C GLY C 180 -20.34 52.80 -20.06
N LEU C 181 -19.24 52.21 -19.59
CA LEU C 181 -19.26 50.89 -18.98
C LEU C 181 -18.87 51.01 -17.51
N GLU C 182 -19.82 50.72 -16.63
CA GLU C 182 -19.55 50.60 -15.20
C GLU C 182 -19.44 49.14 -14.79
N CYS C 183 -18.83 48.32 -15.63
CA CYS C 183 -18.82 46.88 -15.46
C CYS C 183 -18.11 46.45 -14.18
N SER C 184 -18.46 45.25 -13.72
CA SER C 184 -17.85 44.65 -12.54
C SER C 184 -17.18 43.35 -12.92
N PRO C 185 -15.86 43.33 -13.16
CA PRO C 185 -15.19 42.11 -13.59
C PRO C 185 -14.81 41.15 -12.48
N ARG C 186 -14.86 41.55 -11.22
CA ARG C 186 -14.39 40.71 -10.14
C ARG C 186 -15.37 39.59 -9.80
N THR C 187 -16.67 39.82 -9.92
CA THR C 187 -17.68 38.86 -9.52
C THR C 187 -17.97 37.81 -10.58
N GLY C 188 -17.43 37.93 -11.78
CA GLY C 188 -17.74 37.02 -12.86
C GLY C 188 -17.36 35.59 -12.58
N LEU C 189 -16.07 35.31 -12.48
CA LEU C 189 -15.58 34.00 -12.07
C LEU C 189 -14.53 34.19 -10.98
N ASP C 190 -14.49 33.26 -10.05
CA ASP C 190 -13.54 33.33 -8.94
C ASP C 190 -12.31 32.53 -9.34
N PHE C 191 -11.37 33.20 -10.01
CA PHE C 191 -10.12 32.55 -10.40
C PHE C 191 -9.22 32.28 -9.21
N ASN C 192 -9.54 32.79 -8.02
CA ASN C 192 -8.79 32.41 -6.83
C ASN C 192 -9.02 30.94 -6.48
N GLU C 193 -10.22 30.42 -6.77
CA GLU C 193 -10.55 29.04 -6.51
C GLU C 193 -10.25 28.11 -7.68
N MET C 194 -9.75 28.65 -8.79
CA MET C 194 -9.54 27.86 -9.99
C MET C 194 -8.11 28.05 -10.48
N ILE C 195 -7.40 26.95 -10.69
CA ILE C 195 -6.03 27.00 -11.19
C ILE C 195 -5.99 26.26 -12.52
N LEU C 196 -5.16 26.76 -13.43
CA LEU C 196 -5.19 26.38 -14.83
C LEU C 196 -4.07 25.39 -15.11
N LEU C 197 -4.41 24.12 -15.31
CA LEU C 197 -3.41 23.10 -15.59
C LEU C 197 -3.29 22.91 -17.09
N THR C 198 -2.06 22.66 -17.55
CA THR C 198 -1.78 22.44 -18.95
C THR C 198 -0.97 21.17 -19.11
N MET C 199 -1.44 20.25 -19.95
CA MET C 199 -0.72 19.01 -20.23
C MET C 199 -0.76 18.71 -21.73
N LYS C 200 0.41 18.43 -22.29
CA LYS C 200 0.54 17.95 -23.67
C LYS C 200 -0.23 18.82 -24.65
N ASN C 201 0.02 20.13 -24.58
CA ASN C 201 -0.60 21.11 -25.48
C ASN C 201 -2.12 21.10 -25.34
N LYS C 202 -2.58 21.20 -24.11
CA LYS C 202 -4.01 21.30 -23.78
C LYS C 202 -4.14 21.97 -22.43
N ALA C 203 -5.34 22.46 -22.13
CA ALA C 203 -5.58 23.15 -20.87
C ALA C 203 -7.00 22.93 -20.39
N TRP C 204 -7.20 23.13 -19.09
CA TRP C 204 -8.52 23.04 -18.48
C TRP C 204 -8.56 23.93 -17.25
N MET C 205 -9.75 24.43 -16.93
CA MET C 205 -9.95 25.30 -15.76
C MET C 205 -10.52 24.48 -14.61
N VAL C 206 -9.62 23.81 -13.90
CA VAL C 206 -10.05 22.92 -12.83
C VAL C 206 -10.15 23.69 -11.51
N HIS C 207 -10.94 23.13 -10.59
CA HIS C 207 -11.03 23.68 -9.25
C HIS C 207 -9.70 23.47 -8.52
N ARG C 208 -9.31 24.47 -7.72
CA ARG C 208 -8.01 24.40 -7.06
C ARG C 208 -7.94 23.24 -6.08
N GLN C 209 -8.98 23.08 -5.25
CA GLN C 209 -8.98 22.00 -4.26
C GLN C 209 -8.98 20.63 -4.94
N TRP C 210 -9.74 20.50 -6.03
CA TRP C 210 -9.74 19.24 -6.77
C TRP C 210 -8.36 18.93 -7.32
N PHE C 211 -7.66 19.94 -7.83
CA PHE C 211 -6.28 19.74 -8.26
C PHE C 211 -5.40 19.27 -7.11
N PHE C 212 -5.55 19.91 -5.95
CA PHE C 212 -4.75 19.53 -4.79
C PHE C 212 -5.12 18.16 -4.24
N ASP C 213 -6.26 17.60 -4.63
CA ASP C 213 -6.70 16.32 -4.10
C ASP C 213 -6.26 15.11 -4.93
N LEU C 214 -6.10 15.28 -6.25
CA LEU C 214 -5.89 14.11 -7.10
C LEU C 214 -4.54 13.44 -6.81
N PRO C 215 -4.51 12.11 -6.87
CA PRO C 215 -3.31 11.37 -6.44
C PRO C 215 -2.25 11.23 -7.53
N LEU C 216 -1.43 12.26 -7.74
CA LEU C 216 -0.30 12.13 -8.65
C LEU C 216 0.90 12.82 -8.02
N PRO C 217 2.12 12.34 -8.29
CA PRO C 217 3.29 12.87 -7.59
C PRO C 217 3.60 14.29 -8.02
N TRP C 218 3.44 15.23 -7.09
CA TRP C 218 3.65 16.64 -7.39
C TRP C 218 5.05 17.07 -7.00
N ALA C 219 5.38 18.32 -7.31
CA ALA C 219 6.69 18.88 -6.99
C ALA C 219 6.54 20.39 -6.89
N SER C 220 7.62 21.04 -6.45
CA SER C 220 7.57 22.47 -6.16
C SER C 220 7.25 23.29 -7.40
N GLY C 221 7.59 22.80 -8.59
CA GLY C 221 7.35 23.56 -9.79
C GLY C 221 8.13 24.86 -9.86
N ALA C 222 9.39 24.84 -9.42
CA ALA C 222 10.25 26.01 -9.46
C ALA C 222 11.10 26.08 -10.72
N THR C 223 10.80 25.26 -11.73
CA THR C 223 11.48 25.22 -13.02
C THR C 223 12.96 24.86 -12.89
N THR C 224 13.39 24.31 -11.76
CA THR C 224 14.76 23.87 -11.62
C THR C 224 14.93 22.45 -12.14
N GLU C 225 16.17 22.06 -12.38
CA GLU C 225 16.45 20.73 -12.89
C GLU C 225 16.47 19.71 -11.74
N THR C 226 16.18 18.46 -12.09
CA THR C 226 16.07 17.33 -11.17
C THR C 226 15.10 17.64 -10.03
N PRO C 227 13.84 17.90 -10.32
CA PRO C 227 12.87 18.13 -9.24
C PRO C 227 12.64 16.86 -8.45
N THR C 228 12.35 17.01 -7.16
CA THR C 228 12.07 15.87 -6.30
C THR C 228 10.57 15.74 -6.11
N TRP C 229 10.03 14.58 -6.44
CA TRP C 229 8.59 14.35 -6.46
C TRP C 229 8.13 13.76 -5.13
N ASN C 230 7.04 14.30 -4.61
CA ASN C 230 6.44 13.76 -3.40
C ASN C 230 5.43 12.69 -3.75
N ARG C 231 5.29 11.71 -2.87
CA ARG C 231 4.37 10.58 -3.06
C ARG C 231 4.68 9.84 -4.36
N LYS C 232 5.89 9.30 -4.43
CA LYS C 232 6.31 8.49 -5.57
C LYS C 232 5.64 7.13 -5.60
N GLU C 233 5.05 6.70 -4.49
CA GLU C 233 4.45 5.38 -4.38
C GLU C 233 3.19 5.23 -5.22
N LEU C 234 2.68 6.34 -5.77
CA LEU C 234 1.48 6.29 -6.61
C LEU C 234 1.76 5.78 -8.02
N LEU C 235 3.03 5.70 -8.42
CA LEU C 235 3.40 5.17 -9.72
C LEU C 235 4.07 3.80 -9.62
N VAL C 236 4.99 3.62 -8.70
CA VAL C 236 5.66 2.33 -8.56
C VAL C 236 4.73 1.35 -7.86
N THR C 237 4.81 0.08 -8.28
CA THR C 237 4.02 -0.99 -7.68
C THR C 237 4.92 -2.19 -7.43
N PHE C 238 5.21 -2.45 -6.16
CA PHE C 238 6.02 -3.60 -5.79
C PHE C 238 5.13 -4.84 -5.64
N LYS C 239 5.62 -5.97 -6.15
CA LYS C 239 4.81 -7.18 -6.27
C LYS C 239 5.60 -8.38 -5.74
N ASN C 240 5.41 -8.68 -4.46
CA ASN C 240 6.00 -9.87 -3.87
C ASN C 240 5.19 -11.10 -4.26
N ALA C 241 5.80 -12.00 -5.03
CA ALA C 241 5.04 -13.07 -5.68
C ALA C 241 4.67 -14.18 -4.70
N HIS C 242 5.67 -14.85 -4.13
CA HIS C 242 5.45 -15.99 -3.25
C HIS C 242 6.26 -15.86 -1.97
N ALA C 243 6.45 -14.62 -1.51
CA ALA C 243 7.35 -14.34 -0.39
C ALA C 243 8.73 -14.93 -0.65
N LYS C 244 9.20 -14.77 -1.89
CA LYS C 244 10.50 -15.27 -2.30
C LYS C 244 11.39 -14.13 -2.75
N LYS C 245 10.83 -13.14 -3.41
CA LYS C 245 11.59 -12.00 -3.92
C LYS C 245 10.59 -10.89 -4.24
N GLN C 246 11.12 -9.73 -4.61
CA GLN C 246 10.31 -8.55 -4.85
C GLN C 246 10.67 -7.95 -6.19
N GLU C 247 9.68 -7.30 -6.82
CA GLU C 247 9.86 -6.74 -8.16
C GLU C 247 9.23 -5.36 -8.21
N VAL C 248 9.65 -4.56 -9.20
CA VAL C 248 9.25 -3.17 -9.31
C VAL C 248 8.69 -2.93 -10.70
N VAL C 249 7.58 -2.17 -10.76
CA VAL C 249 6.96 -1.78 -12.01
C VAL C 249 6.72 -0.27 -11.95
N VAL C 250 6.55 0.35 -13.12
CA VAL C 250 6.42 1.80 -13.20
C VAL C 250 5.00 2.21 -13.57
N LEU C 251 4.14 1.27 -13.93
CA LEU C 251 2.69 1.46 -14.07
C LEU C 251 2.31 2.28 -15.32
N GLY C 252 3.27 2.74 -16.09
CA GLY C 252 2.95 3.36 -17.36
C GLY C 252 2.41 4.79 -17.26
N SER C 253 1.85 5.24 -18.37
CA SER C 253 1.45 6.63 -18.56
C SER C 253 0.01 6.85 -18.12
N GLN C 254 -0.19 7.88 -17.30
CA GLN C 254 -1.50 8.22 -16.76
C GLN C 254 -2.26 9.23 -17.60
N GLU C 255 -1.86 9.43 -18.86
CA GLU C 255 -2.47 10.49 -19.67
C GLU C 255 -3.92 10.19 -19.97
N GLY C 256 -4.23 8.96 -20.40
CA GLY C 256 -5.61 8.62 -20.69
C GLY C 256 -6.50 8.65 -19.46
N ALA C 257 -5.99 8.15 -18.33
CA ALA C 257 -6.74 8.20 -17.09
C ALA C 257 -6.99 9.63 -16.66
N MET C 258 -5.99 10.51 -16.84
CA MET C 258 -6.17 11.91 -16.48
C MET C 258 -7.20 12.58 -17.38
N HIS C 259 -7.22 12.22 -18.67
CA HIS C 259 -8.23 12.77 -19.56
C HIS C 259 -9.64 12.38 -19.10
N THR C 260 -9.81 11.11 -18.69
CA THR C 260 -11.08 10.69 -18.11
C THR C 260 -11.39 11.44 -16.82
N ALA C 261 -10.40 11.66 -15.97
CA ALA C 261 -10.60 12.33 -14.69
C ALA C 261 -10.79 13.83 -14.84
N LEU C 262 -10.99 14.32 -16.06
CA LEU C 262 -11.31 15.73 -16.30
C LEU C 262 -12.70 15.85 -16.92
N THR C 263 -13.59 14.92 -16.56
CA THR C 263 -14.87 14.79 -17.26
C THR C 263 -15.74 16.02 -17.10
N GLY C 264 -15.62 16.72 -15.98
CA GLY C 264 -16.42 17.92 -15.81
C GLY C 264 -15.71 19.22 -16.04
N ALA C 265 -14.44 19.19 -16.43
CA ALA C 265 -13.67 20.41 -16.60
C ALA C 265 -14.06 21.11 -17.90
N THR C 266 -13.69 22.39 -17.99
CA THR C 266 -13.92 23.19 -19.19
C THR C 266 -12.58 23.44 -19.87
N GLU C 267 -12.50 23.09 -21.15
CA GLU C 267 -11.26 23.28 -21.90
C GLU C 267 -11.15 24.71 -22.38
N ILE C 268 -9.91 25.20 -22.45
CA ILE C 268 -9.61 26.53 -22.94
C ILE C 268 -8.45 26.43 -23.91
N GLN C 269 -8.16 27.53 -24.61
CA GLN C 269 -7.13 27.54 -25.64
C GLN C 269 -5.84 28.13 -25.07
N ASN C 270 -5.10 27.28 -24.35
CA ASN C 270 -3.78 27.68 -23.88
C ASN C 270 -2.81 27.84 -25.04
N SER C 271 -2.99 27.05 -26.10
CA SER C 271 -2.11 27.14 -27.25
C SER C 271 -2.17 28.53 -27.86
N GLY C 272 -1.00 29.09 -28.13
CA GLY C 272 -0.90 30.42 -28.69
C GLY C 272 -0.76 31.53 -27.67
N GLY C 273 -1.83 31.83 -26.95
CA GLY C 273 -1.81 32.97 -26.05
C GLY C 273 -2.54 32.80 -24.73
N THR C 274 -2.77 31.55 -24.31
CA THR C 274 -3.48 31.24 -23.06
C THR C 274 -4.84 31.92 -23.02
N SER C 275 -5.54 31.92 -24.16
CA SER C 275 -6.79 32.67 -24.32
C SER C 275 -7.95 31.83 -23.79
N ILE C 276 -8.50 32.24 -22.66
CA ILE C 276 -9.66 31.56 -22.09
C ILE C 276 -10.91 31.96 -22.85
N PHE C 277 -11.69 30.96 -23.27
CA PHE C 277 -12.93 31.22 -24.00
C PHE C 277 -14.18 30.72 -23.28
N ALA C 278 -14.14 30.58 -21.96
CA ALA C 278 -15.30 30.17 -21.19
C ALA C 278 -15.47 31.06 -19.97
N GLY C 279 -16.71 31.43 -19.66
CA GLY C 279 -16.97 32.25 -18.51
C GLY C 279 -18.16 33.16 -18.75
N HIS C 280 -18.31 34.15 -17.87
CA HIS C 280 -19.35 35.15 -18.03
C HIS C 280 -18.93 36.41 -17.29
N LEU C 281 -19.64 37.50 -17.58
CA LEU C 281 -19.33 38.80 -17.01
C LEU C 281 -20.61 39.64 -16.98
N LYS C 282 -20.77 40.43 -15.92
CA LYS C 282 -21.90 41.34 -15.82
C LYS C 282 -21.41 42.78 -15.89
N CYS C 283 -22.18 43.62 -16.56
CA CYS C 283 -21.81 45.01 -16.79
C CYS C 283 -23.07 45.84 -16.90
N ARG C 284 -22.94 47.14 -16.70
CA ARG C 284 -24.05 48.05 -16.91
C ARG C 284 -23.69 49.11 -17.92
N LEU C 285 -24.68 49.54 -18.69
CA LEU C 285 -24.49 50.38 -19.86
C LEU C 285 -25.06 51.77 -19.59
N LYS C 286 -24.21 52.79 -19.67
CA LYS C 286 -24.61 54.17 -19.46
C LYS C 286 -24.87 54.80 -20.83
N MET C 287 -26.14 54.84 -21.23
CA MET C 287 -26.52 55.34 -22.54
C MET C 287 -26.93 56.81 -22.52
N ASP C 288 -26.47 57.57 -21.52
CA ASP C 288 -26.84 58.98 -21.45
C ASP C 288 -26.14 59.79 -22.53
N LYS C 289 -24.93 59.38 -22.93
CA LYS C 289 -24.13 60.17 -23.85
C LYS C 289 -24.33 59.79 -25.31
N LEU C 290 -25.11 58.76 -25.61
CA LEU C 290 -25.30 58.36 -27.00
C LEU C 290 -26.23 59.32 -27.73
N GLU C 291 -26.09 59.37 -29.05
CA GLU C 291 -26.96 60.15 -29.91
C GLU C 291 -27.33 59.32 -31.13
N LEU C 292 -28.50 59.63 -31.70
CA LEU C 292 -29.10 58.77 -32.71
C LEU C 292 -28.43 58.90 -34.08
N LYS C 293 -27.87 60.07 -34.39
CA LYS C 293 -27.18 60.34 -35.65
C LYS C 293 -28.16 60.45 -36.82
N GLY C 294 -29.43 60.17 -36.57
CA GLY C 294 -30.39 60.19 -37.66
C GLY C 294 -31.59 61.06 -37.47
N MET C 295 -31.69 61.79 -36.35
CA MET C 295 -32.88 62.58 -36.08
C MET C 295 -33.01 63.74 -37.06
N SER C 296 -31.89 64.36 -37.44
CA SER C 296 -31.94 65.56 -38.28
C SER C 296 -32.12 65.26 -39.76
N TYR C 297 -32.06 63.99 -40.16
CA TYR C 297 -32.18 63.65 -41.57
C TYR C 297 -33.64 63.80 -42.02
N ALA C 298 -33.81 63.82 -43.34
CA ALA C 298 -35.12 63.93 -43.96
C ALA C 298 -35.62 62.56 -44.38
N MET C 299 -36.91 62.50 -44.70
CA MET C 299 -37.52 61.24 -45.13
C MET C 299 -37.09 60.92 -46.56
N CYS C 300 -36.77 59.65 -46.80
CA CYS C 300 -36.45 59.21 -48.16
C CYS C 300 -37.69 59.30 -49.03
N THR C 301 -37.55 59.94 -50.19
CA THR C 301 -38.70 60.31 -51.01
C THR C 301 -38.91 59.43 -52.24
N ASN C 302 -38.11 58.40 -52.43
CA ASN C 302 -38.20 57.59 -53.64
C ASN C 302 -38.26 56.10 -53.32
N THR C 303 -38.49 55.30 -54.36
CA THR C 303 -38.77 53.89 -54.18
C THR C 303 -37.52 53.11 -53.78
N PHE C 304 -37.74 51.92 -53.24
CA PHE C 304 -36.67 51.01 -52.83
C PHE C 304 -36.74 49.73 -53.67
N VAL C 305 -35.66 48.96 -53.61
CA VAL C 305 -35.62 47.60 -54.14
C VAL C 305 -34.89 46.72 -53.15
N LEU C 306 -35.46 45.55 -52.85
CA LEU C 306 -34.86 44.62 -51.91
C LEU C 306 -33.93 43.67 -52.66
N LYS C 307 -32.73 43.47 -52.12
CA LYS C 307 -31.76 42.60 -52.77
C LYS C 307 -32.00 41.14 -52.42
N LYS C 308 -31.90 40.81 -51.14
CA LYS C 308 -32.06 39.43 -50.67
C LYS C 308 -33.49 39.22 -50.18
N GLU C 309 -34.05 38.07 -50.53
CA GLU C 309 -35.40 37.75 -50.09
C GLU C 309 -35.47 37.73 -48.58
N VAL C 310 -36.59 38.24 -48.04
CA VAL C 310 -36.76 38.39 -46.59
C VAL C 310 -36.50 37.06 -45.90
N SER C 311 -35.56 37.05 -44.96
CA SER C 311 -35.20 35.86 -44.21
C SER C 311 -35.47 36.12 -42.73
N GLU C 312 -35.99 35.10 -42.06
CA GLU C 312 -36.46 35.25 -40.68
C GLU C 312 -35.47 34.62 -39.71
N THR C 313 -35.08 35.38 -38.70
CA THR C 313 -34.09 34.92 -37.74
C THR C 313 -34.67 33.84 -36.84
N GLN C 314 -33.80 33.22 -36.04
CA GLN C 314 -34.22 32.16 -35.14
C GLN C 314 -35.11 32.66 -34.01
N HIS C 315 -35.11 33.95 -33.71
CA HIS C 315 -35.86 34.50 -32.60
C HIS C 315 -37.15 35.21 -33.03
N GLY C 316 -37.57 35.00 -34.28
CA GLY C 316 -38.87 35.47 -34.71
C GLY C 316 -38.90 36.85 -35.35
N THR C 317 -37.79 37.58 -35.39
CA THR C 317 -37.80 38.87 -36.04
C THR C 317 -37.51 38.70 -37.53
N ILE C 318 -37.73 39.76 -38.29
CA ILE C 318 -37.60 39.74 -39.75
C ILE C 318 -36.42 40.59 -40.15
N LEU C 319 -35.59 40.06 -41.06
CA LEU C 319 -34.41 40.75 -41.56
C LEU C 319 -34.62 41.06 -43.03
N ILE C 320 -34.49 42.33 -43.40
CA ILE C 320 -34.71 42.79 -44.76
C ILE C 320 -33.45 43.45 -45.28
N LYS C 321 -33.21 43.31 -46.58
CA LYS C 321 -32.04 43.89 -47.25
C LYS C 321 -32.52 44.74 -48.43
N VAL C 322 -32.80 46.01 -48.16
CA VAL C 322 -33.28 46.91 -49.21
C VAL C 322 -32.12 47.76 -49.71
N GLU C 323 -32.28 48.28 -50.93
CA GLU C 323 -31.30 49.17 -51.54
C GLU C 323 -32.01 50.38 -52.11
N TYR C 324 -31.44 51.57 -51.91
CA TYR C 324 -32.08 52.78 -52.37
C TYR C 324 -31.99 52.90 -53.89
N LYS C 325 -33.02 53.48 -54.49
CA LYS C 325 -33.01 53.60 -55.95
C LYS C 325 -33.01 55.04 -56.46
N GLY C 326 -34.02 55.82 -56.10
CA GLY C 326 -34.30 57.04 -56.86
C GLY C 326 -33.46 58.23 -56.46
N GLU C 327 -33.67 58.74 -55.24
CA GLU C 327 -33.13 60.03 -54.85
C GLU C 327 -31.66 59.91 -54.46
N ASP C 328 -30.96 61.04 -54.53
CA ASP C 328 -29.51 61.08 -54.28
C ASP C 328 -29.24 61.93 -53.04
N ALA C 329 -29.34 61.32 -51.87
CA ALA C 329 -29.00 61.96 -50.60
C ALA C 329 -29.10 60.92 -49.51
N PRO C 330 -28.41 61.13 -48.37
CA PRO C 330 -28.65 60.27 -47.21
C PRO C 330 -29.89 60.70 -46.46
N CYS C 331 -30.88 59.81 -46.35
CA CYS C 331 -32.17 60.17 -45.79
C CYS C 331 -32.67 59.08 -44.87
N LYS C 332 -33.57 59.47 -43.96
CA LYS C 332 -34.23 58.52 -43.07
C LYS C 332 -35.16 57.60 -43.86
N ILE C 333 -35.22 56.34 -43.45
CA ILE C 333 -36.01 55.33 -44.13
C ILE C 333 -37.41 55.33 -43.52
N PRO C 334 -38.45 55.62 -44.30
CA PRO C 334 -39.81 55.42 -43.79
C PRO C 334 -40.10 53.95 -43.56
N PHE C 335 -40.94 53.67 -42.57
CA PHE C 335 -41.26 52.29 -42.23
C PHE C 335 -42.60 52.25 -41.53
N SER C 336 -43.43 51.28 -41.90
CA SER C 336 -44.72 51.06 -41.26
C SER C 336 -45.09 49.58 -41.38
N THR C 337 -45.92 49.12 -40.45
CA THR C 337 -46.34 47.72 -40.39
C THR C 337 -47.86 47.66 -40.27
N GLU C 338 -48.54 47.63 -41.41
CA GLU C 338 -49.98 47.48 -41.43
C GLU C 338 -50.36 46.00 -41.58
N ASP C 339 -51.60 45.69 -41.24
CA ASP C 339 -52.09 44.33 -41.37
C ASP C 339 -52.63 44.10 -42.78
N GLY C 340 -53.32 42.97 -42.98
CA GLY C 340 -53.75 42.61 -44.32
C GLY C 340 -54.68 43.65 -44.93
N GLN C 341 -55.69 44.07 -44.17
CA GLN C 341 -56.59 45.12 -44.63
C GLN C 341 -56.89 46.15 -43.54
N GLY C 342 -56.49 45.89 -42.31
CA GLY C 342 -56.61 46.85 -41.23
C GLY C 342 -55.29 47.57 -41.02
N LYS C 343 -55.35 48.89 -40.93
CA LYS C 343 -54.14 49.72 -40.84
C LYS C 343 -53.81 49.95 -39.36
N ALA C 344 -53.29 48.90 -38.74
CA ALA C 344 -52.90 48.94 -37.33
C ALA C 344 -51.38 48.85 -37.25
N HIS C 345 -50.76 49.86 -36.64
CA HIS C 345 -49.31 49.91 -36.49
C HIS C 345 -48.92 49.04 -35.30
N ASN C 346 -48.32 47.88 -35.59
CA ASN C 346 -47.97 46.93 -34.55
C ASN C 346 -46.54 46.42 -34.62
N GLY C 347 -45.81 46.71 -35.69
CA GLY C 347 -44.47 46.19 -35.89
C GLY C 347 -43.41 47.14 -35.37
N ARG C 348 -42.50 46.59 -34.57
CA ARG C 348 -41.40 47.37 -34.02
C ARG C 348 -40.16 47.23 -34.90
N LEU C 349 -39.26 48.19 -34.77
CA LEU C 349 -37.98 48.21 -35.48
C LEU C 349 -36.88 47.86 -34.48
N ILE C 350 -36.23 46.72 -34.69
CA ILE C 350 -35.08 46.37 -33.87
C ILE C 350 -33.95 47.37 -34.10
N THR C 351 -33.72 47.75 -35.36
CA THR C 351 -32.78 48.82 -35.66
C THR C 351 -33.36 50.15 -35.18
N ALA C 352 -32.52 50.96 -34.54
CA ALA C 352 -32.99 52.23 -33.99
C ALA C 352 -33.47 53.17 -35.09
N ASN C 353 -32.66 53.33 -36.12
CA ASN C 353 -32.99 54.27 -37.19
C ASN C 353 -32.34 53.81 -38.47
N PRO C 354 -33.12 53.39 -39.45
CA PRO C 354 -32.53 53.01 -40.75
C PRO C 354 -32.24 54.22 -41.61
N VAL C 355 -31.00 54.36 -42.07
CA VAL C 355 -30.58 55.50 -42.89
C VAL C 355 -29.70 54.99 -44.01
N VAL C 356 -30.01 55.37 -45.24
CA VAL C 356 -29.14 55.09 -46.38
C VAL C 356 -27.95 56.04 -46.28
N THR C 357 -26.74 55.49 -46.41
CA THR C 357 -25.55 56.32 -46.23
C THR C 357 -25.05 56.86 -47.56
N LYS C 358 -25.02 56.01 -48.59
CA LYS C 358 -24.40 56.39 -49.86
C LYS C 358 -25.27 56.18 -51.08
N LYS C 359 -26.33 55.37 -50.99
CA LYS C 359 -27.26 54.97 -52.05
C LYS C 359 -26.66 53.89 -52.95
N GLU C 360 -25.36 53.59 -52.84
CA GLU C 360 -24.79 52.47 -53.58
C GLU C 360 -24.66 51.21 -52.74
N GLU C 361 -24.92 51.28 -51.44
CA GLU C 361 -24.84 50.12 -50.58
C GLU C 361 -26.21 49.80 -50.01
N PRO C 362 -26.61 48.53 -50.01
CA PRO C 362 -27.92 48.17 -49.46
C PRO C 362 -27.96 48.33 -47.94
N VAL C 363 -29.18 48.49 -47.44
CA VAL C 363 -29.42 48.66 -46.01
C VAL C 363 -29.91 47.31 -45.48
N ASN C 364 -29.82 47.11 -44.17
CA ASN C 364 -30.03 45.80 -43.55
C ASN C 364 -31.11 45.93 -42.47
N ILE C 365 -32.22 46.56 -42.83
CA ILE C 365 -33.31 46.81 -41.88
C ILE C 365 -33.81 45.49 -41.31
N GLU C 366 -33.88 45.42 -39.98
CA GLU C 366 -34.47 44.29 -39.29
C GLU C 366 -35.69 44.77 -38.52
N ALA C 367 -36.77 43.99 -38.55
CA ALA C 367 -38.00 44.35 -37.88
C ALA C 367 -38.59 43.13 -37.18
N GLU C 368 -39.45 43.39 -36.21
CA GLU C 368 -40.15 42.33 -35.48
C GLU C 368 -41.65 42.51 -35.70
N PRO C 369 -42.22 41.80 -36.66
CA PRO C 369 -43.65 41.96 -36.94
C PRO C 369 -44.49 41.22 -35.91
N PRO C 370 -45.73 41.66 -35.68
CA PRO C 370 -46.63 40.90 -34.81
C PRO C 370 -47.02 39.59 -35.49
N PHE C 371 -47.24 38.55 -34.70
CA PHE C 371 -47.56 37.26 -35.26
C PHE C 371 -48.94 37.29 -35.92
N GLY C 372 -49.00 36.78 -37.15
CA GLY C 372 -50.19 36.82 -37.96
C GLY C 372 -49.86 37.29 -39.36
N GLU C 373 -50.87 37.82 -40.04
CA GLU C 373 -50.71 38.34 -41.39
C GLU C 373 -50.53 39.85 -41.31
N SER C 374 -49.31 40.31 -41.59
CA SER C 374 -48.99 41.73 -41.50
C SER C 374 -48.23 42.17 -42.74
N ASN C 375 -48.61 43.31 -43.30
CA ASN C 375 -47.91 43.90 -44.42
C ASN C 375 -46.81 44.82 -43.91
N ILE C 376 -45.78 45.01 -44.72
CA ILE C 376 -44.67 45.90 -44.40
C ILE C 376 -44.48 46.87 -45.56
N VAL C 377 -44.47 48.16 -45.25
CA VAL C 377 -44.31 49.22 -46.23
C VAL C 377 -43.08 50.03 -45.88
N ILE C 378 -42.16 50.16 -46.84
CA ILE C 378 -40.88 50.80 -46.59
C ILE C 378 -40.70 51.99 -47.53
N GLY C 379 -41.78 52.68 -47.86
CA GLY C 379 -41.67 53.85 -48.69
C GLY C 379 -42.70 54.92 -48.41
N ILE C 380 -42.32 56.19 -48.57
CA ILE C 380 -43.23 57.29 -48.29
C ILE C 380 -44.30 57.38 -49.37
N GLY C 381 -43.95 57.05 -50.61
CA GLY C 381 -44.85 57.23 -51.73
C GLY C 381 -45.81 56.08 -51.92
N ASP C 382 -46.65 56.23 -52.95
CA ASP C 382 -47.59 55.17 -53.30
C ASP C 382 -46.91 53.99 -53.97
N ASN C 383 -45.79 54.22 -54.64
CA ASN C 383 -45.02 53.16 -55.28
C ASN C 383 -44.14 52.40 -54.29
N ALA C 384 -44.42 52.53 -53.00
CA ALA C 384 -43.64 51.83 -51.99
C ALA C 384 -43.79 50.32 -52.14
N LEU C 385 -42.68 49.60 -51.97
CA LEU C 385 -42.73 48.15 -52.01
C LEU C 385 -43.49 47.62 -50.80
N LYS C 386 -44.35 46.63 -51.03
CA LYS C 386 -45.15 46.02 -49.99
C LYS C 386 -44.69 44.59 -49.75
N ILE C 387 -44.36 44.28 -48.50
CA ILE C 387 -43.93 42.96 -48.10
C ILE C 387 -44.94 42.39 -47.12
N ASN C 388 -45.53 41.25 -47.46
CA ASN C 388 -46.45 40.55 -46.57
C ASN C 388 -45.75 39.29 -46.09
N TRP C 389 -45.71 39.10 -44.78
CA TRP C 389 -45.06 37.94 -44.18
C TRP C 389 -45.93 37.41 -43.06
N TYR C 390 -46.15 36.10 -43.04
CA TYR C 390 -47.03 35.46 -42.08
C TYR C 390 -46.19 34.85 -40.96
N LYS C 391 -46.28 35.44 -39.77
CA LYS C 391 -45.52 34.94 -38.64
C LYS C 391 -46.25 33.80 -37.95
N LYS C 392 -45.48 32.86 -37.40
CA LYS C 392 -46.02 31.69 -36.74
C LYS C 392 -45.85 31.81 -35.23
N GLY C 393 -46.66 31.05 -34.50
CA GLY C 393 -46.62 31.07 -33.06
C GLY C 393 -47.62 32.04 -32.47
N SER C 394 -47.69 32.03 -31.13
CA SER C 394 -48.60 32.89 -30.40
C SER C 394 -47.88 33.46 -29.18
N SER C 395 -48.57 34.35 -28.47
CA SER C 395 -47.99 34.95 -27.27
C SER C 395 -47.71 33.88 -26.22
N ILE C 396 -48.49 32.80 -26.21
CA ILE C 396 -48.24 31.70 -25.28
C ILE C 396 -46.88 31.08 -25.55
N GLY C 397 -46.56 30.86 -26.83
CA GLY C 397 -45.26 30.31 -27.16
C GLY C 397 -44.12 31.23 -26.77
N LYS C 398 -44.29 32.54 -26.98
CA LYS C 398 -43.27 33.49 -26.57
C LYS C 398 -43.08 33.49 -25.06
N MET C 399 -44.18 33.42 -24.30
CA MET C 399 -44.08 33.37 -22.85
C MET C 399 -43.37 32.10 -22.40
N PHE C 400 -43.70 30.96 -23.02
CA PHE C 400 -43.04 29.70 -22.66
C PHE C 400 -41.55 29.77 -22.97
N GLU C 401 -41.19 30.31 -24.13
CA GLU C 401 -39.77 30.43 -24.47
C GLU C 401 -39.04 31.34 -23.50
N ALA C 402 -39.66 32.47 -23.14
CA ALA C 402 -39.03 33.38 -22.18
C ALA C 402 -38.85 32.72 -20.82
N THR C 403 -39.87 31.97 -20.38
CA THR C 403 -39.76 31.28 -19.09
C THR C 403 -38.65 30.24 -19.12
N ALA C 404 -38.57 29.45 -20.19
CA ALA C 404 -37.52 28.45 -20.29
C ALA C 404 -36.15 29.09 -20.34
N ARG C 405 -36.02 30.19 -21.08
CA ARG C 405 -34.74 30.89 -21.16
C ARG C 405 -34.33 31.44 -19.80
N GLY C 406 -35.27 32.03 -19.07
CA GLY C 406 -34.96 32.55 -17.75
C GLY C 406 -34.58 31.45 -16.78
N ALA C 407 -35.28 30.31 -16.83
CA ALA C 407 -34.93 29.19 -15.97
C ALA C 407 -33.55 28.66 -16.29
N ARG C 408 -33.22 28.54 -17.59
CA ARG C 408 -31.91 28.05 -17.96
C ARG C 408 -30.81 29.02 -17.56
N ARG C 409 -31.09 30.32 -17.65
CA ARG C 409 -30.13 31.32 -17.17
C ARG C 409 -29.90 31.18 -15.67
N MET C 410 -30.98 31.14 -14.90
CA MET C 410 -30.85 31.00 -13.46
C MET C 410 -30.19 29.69 -13.05
N ALA C 411 -30.26 28.66 -13.88
CA ALA C 411 -29.56 27.41 -13.61
C ALA C 411 -28.06 27.51 -13.84
N ILE C 412 -27.58 28.57 -14.48
CA ILE C 412 -26.16 28.72 -14.78
C ILE C 412 -25.57 29.86 -13.95
N LEU C 413 -26.08 31.07 -14.17
CA LEU C 413 -25.60 32.23 -13.43
C LEU C 413 -25.92 32.11 -11.94
N GLY C 414 -27.14 31.68 -11.62
CA GLY C 414 -27.55 31.52 -10.24
C GLY C 414 -27.95 32.83 -9.59
N ASP C 415 -27.13 33.31 -8.66
CA ASP C 415 -27.41 34.58 -7.99
C ASP C 415 -27.41 35.74 -8.97
N THR C 416 -26.43 35.77 -9.88
CA THR C 416 -26.27 36.89 -10.79
C THR C 416 -27.43 37.00 -11.78
N ALA C 417 -28.12 35.90 -12.06
CA ALA C 417 -29.17 35.92 -13.06
C ALA C 417 -30.35 36.82 -12.69
N TRP C 418 -30.50 37.18 -11.41
CA TRP C 418 -31.65 37.98 -11.03
C TRP C 418 -31.50 39.43 -11.46
N ASP C 419 -30.28 39.87 -11.72
CA ASP C 419 -30.08 41.23 -12.21
C ASP C 419 -29.52 41.20 -13.62
N PHE C 420 -30.00 40.28 -14.46
CA PHE C 420 -29.54 40.23 -15.84
C PHE C 420 -29.88 41.51 -16.58
N GLY C 421 -31.17 41.79 -16.74
CA GLY C 421 -31.60 43.00 -17.40
C GLY C 421 -32.28 43.95 -16.44
N SER C 422 -31.81 43.96 -15.19
CA SER C 422 -32.47 44.74 -14.15
C SER C 422 -32.37 46.23 -14.43
N VAL C 423 -33.47 46.94 -14.17
CA VAL C 423 -33.49 48.39 -14.28
C VAL C 423 -33.36 49.06 -12.91
N GLY C 424 -32.96 48.32 -11.89
CA GLY C 424 -32.83 48.86 -10.55
C GLY C 424 -34.09 48.80 -9.70
N GLY C 425 -35.06 47.98 -10.08
CA GLY C 425 -36.32 47.89 -9.35
C GLY C 425 -36.15 47.47 -7.90
N VAL C 426 -37.01 48.00 -7.03
CA VAL C 426 -36.89 47.70 -5.60
C VAL C 426 -37.24 46.25 -5.32
N LEU C 427 -38.23 45.70 -6.01
CA LEU C 427 -38.62 44.31 -5.80
C LEU C 427 -37.56 43.34 -6.32
N ASN C 428 -36.85 43.71 -7.39
CA ASN C 428 -35.85 42.82 -7.96
C ASN C 428 -34.70 42.60 -7.00
N SER C 429 -34.33 43.63 -6.23
CA SER C 429 -33.30 43.45 -5.20
C SER C 429 -33.74 42.44 -4.15
N LEU C 430 -35.00 42.53 -3.72
CA LEU C 430 -35.52 41.57 -2.75
C LEU C 430 -35.50 40.16 -3.31
N GLY C 431 -35.94 40.00 -4.56
CA GLY C 431 -35.90 38.68 -5.19
C GLY C 431 -34.50 38.13 -5.29
N LYS C 432 -33.55 38.99 -5.65
CA LYS C 432 -32.16 38.57 -5.75
C LYS C 432 -31.61 38.16 -4.41
N MET C 433 -31.96 38.88 -3.34
CA MET C 433 -31.48 38.51 -2.01
C MET C 433 -32.04 37.17 -1.58
N VAL C 434 -33.34 36.94 -1.80
CA VAL C 434 -33.95 35.67 -1.42
C VAL C 434 -33.31 34.54 -2.20
N HIS C 435 -33.13 34.71 -3.51
CA HIS C 435 -32.50 33.68 -4.32
C HIS C 435 -31.06 33.46 -3.90
N GLN C 436 -30.36 34.52 -3.49
CA GLN C 436 -28.99 34.38 -3.04
C GLN C 436 -28.90 33.51 -1.80
N ILE C 437 -29.76 33.77 -0.81
CA ILE C 437 -29.73 32.97 0.41
C ILE C 437 -30.08 31.52 0.10
N PHE C 438 -31.15 31.31 -0.66
CA PHE C 438 -31.58 29.94 -0.95
C PHE C 438 -30.54 29.18 -1.76
N GLY C 439 -29.93 29.84 -2.75
CA GLY C 439 -28.90 29.19 -3.54
C GLY C 439 -27.64 28.91 -2.74
N SER C 440 -27.28 29.82 -1.83
CA SER C 440 -26.13 29.57 -0.97
C SER C 440 -26.37 28.38 -0.07
N ALA C 441 -27.60 28.15 0.37
CA ALA C 441 -27.90 26.93 1.10
C ALA C 441 -27.88 25.71 0.18
N TYR C 442 -28.48 25.85 -1.01
CA TYR C 442 -28.69 24.70 -1.89
C TYR C 442 -27.38 24.16 -2.43
N THR C 443 -26.50 25.04 -2.91
CA THR C 443 -25.22 24.58 -3.45
C THR C 443 -24.33 24.04 -2.34
N ALA C 444 -24.46 24.59 -1.13
CA ALA C 444 -23.73 24.02 0.00
C ALA C 444 -24.18 22.60 0.29
N LEU C 445 -25.49 22.34 0.21
CA LEU C 445 -25.98 20.99 0.45
C LEU C 445 -25.62 20.05 -0.69
N PHE C 446 -25.71 20.51 -1.93
CA PHE C 446 -25.63 19.65 -3.11
C PHE C 446 -24.27 19.70 -3.79
N SER C 447 -23.26 20.32 -3.19
CA SER C 447 -21.97 20.42 -3.84
C SER C 447 -21.31 19.06 -3.99
N GLY C 448 -20.88 18.75 -5.21
CA GLY C 448 -20.11 17.55 -5.47
C GLY C 448 -20.92 16.29 -5.73
N VAL C 449 -22.19 16.41 -6.10
CA VAL C 449 -23.03 15.25 -6.38
C VAL C 449 -23.31 15.20 -7.88
N SER C 450 -23.48 13.99 -8.41
CA SER C 450 -23.62 13.78 -9.83
C SER C 450 -25.00 14.21 -10.33
N TRP C 451 -25.11 14.34 -11.65
CA TRP C 451 -26.40 14.70 -12.25
C TRP C 451 -27.43 13.60 -12.03
N VAL C 452 -27.03 12.33 -12.16
CA VAL C 452 -27.96 11.24 -11.93
C VAL C 452 -28.33 11.17 -10.45
N MET C 453 -27.36 11.44 -9.57
CA MET C 453 -27.64 11.45 -8.14
C MET C 453 -28.63 12.54 -7.79
N LYS C 454 -28.51 13.71 -8.43
CA LYS C 454 -29.47 14.77 -8.19
C LYS C 454 -30.87 14.36 -8.62
N ILE C 455 -31.00 13.70 -9.77
CA ILE C 455 -32.31 13.26 -10.23
C ILE C 455 -32.90 12.26 -9.25
N GLY C 456 -32.09 11.29 -8.80
CA GLY C 456 -32.60 10.31 -7.85
C GLY C 456 -33.03 10.94 -6.54
N ILE C 457 -32.21 11.82 -5.99
CA ILE C 457 -32.55 12.46 -4.72
C ILE C 457 -33.78 13.34 -4.89
N GLY C 458 -33.90 14.02 -6.02
CA GLY C 458 -35.05 14.86 -6.25
C GLY C 458 -36.34 14.06 -6.35
N VAL C 459 -36.31 12.94 -7.06
CA VAL C 459 -37.52 12.13 -7.16
C VAL C 459 -37.87 11.52 -5.80
N LEU C 460 -36.85 11.17 -5.02
CA LEU C 460 -37.11 10.67 -3.67
C LEU C 460 -37.75 11.74 -2.80
N LEU C 461 -37.25 12.98 -2.89
CA LEU C 461 -37.81 14.07 -2.09
C LEU C 461 -39.23 14.40 -2.54
N THR C 462 -39.49 14.33 -3.84
CA THR C 462 -40.85 14.54 -4.33
C THR C 462 -41.79 13.46 -3.80
N TRP C 463 -41.34 12.21 -3.79
CA TRP C 463 -42.14 11.13 -3.23
C TRP C 463 -42.42 11.36 -1.75
N ILE C 464 -41.39 11.78 -1.00
CA ILE C 464 -41.57 12.06 0.42
C ILE C 464 -42.57 13.17 0.63
N GLY C 465 -42.46 14.24 -0.14
CA GLY C 465 -43.38 15.37 -0.03
C GLY C 465 -44.80 15.00 -0.36
N LEU C 466 -44.99 14.17 -1.39
CA LEU C 466 -46.33 13.72 -1.75
C LEU C 466 -46.92 12.85 -0.66
N ASN C 467 -46.12 11.98 -0.05
CA ASN C 467 -46.64 11.05 0.95
C ASN C 467 -46.95 11.76 2.26
N SER C 468 -46.06 12.67 2.68
CA SER C 468 -46.16 13.24 4.02
C SER C 468 -47.47 13.99 4.23
N LYS C 469 -48.01 13.87 5.44
CA LYS C 469 -49.27 14.52 5.79
C LYS C 469 -49.07 15.89 6.42
N ASN C 470 -47.82 16.32 6.60
CA ASN C 470 -47.52 17.64 7.13
C ASN C 470 -47.47 18.65 6.00
N THR C 471 -48.19 19.75 6.15
CA THR C 471 -48.28 20.74 5.07
C THR C 471 -46.92 21.37 4.78
N SER C 472 -46.21 21.77 5.83
CA SER C 472 -44.89 22.37 5.64
C SER C 472 -43.93 21.39 4.98
N MET C 473 -43.88 20.15 5.50
CA MET C 473 -43.00 19.14 4.92
C MET C 473 -43.39 18.86 3.47
N SER C 474 -44.68 18.71 3.20
CA SER C 474 -45.13 18.43 1.84
C SER C 474 -44.71 19.54 0.89
N PHE C 475 -45.02 20.79 1.24
CA PHE C 475 -44.70 21.90 0.34
C PHE C 475 -43.20 22.03 0.12
N SER C 476 -42.42 22.02 1.21
CA SER C 476 -40.99 22.21 1.08
C SER C 476 -40.35 21.08 0.27
N CYS C 477 -40.72 19.83 0.57
CA CYS C 477 -40.13 18.71 -0.13
C CYS C 477 -40.52 18.68 -1.60
N ILE C 478 -41.77 19.00 -1.92
CA ILE C 478 -42.18 19.04 -3.32
C ILE C 478 -41.42 20.13 -4.07
N ALA C 479 -41.30 21.32 -3.47
CA ALA C 479 -40.59 22.40 -4.14
C ALA C 479 -39.12 22.04 -4.36
N ILE C 480 -38.48 21.49 -3.33
CA ILE C 480 -37.06 21.13 -3.47
C ILE C 480 -36.89 20.00 -4.47
N GLY C 481 -37.84 19.06 -4.53
CA GLY C 481 -37.76 18.00 -5.51
C GLY C 481 -37.86 18.51 -6.93
N ILE C 482 -38.82 19.41 -7.17
CA ILE C 482 -38.97 19.98 -8.51
C ILE C 482 -37.72 20.76 -8.90
N ILE C 483 -37.20 21.57 -7.97
CA ILE C 483 -35.99 22.35 -8.26
C ILE C 483 -34.81 21.43 -8.55
N THR C 484 -34.66 20.37 -7.75
CA THR C 484 -33.54 19.46 -7.94
C THR C 484 -33.64 18.72 -9.27
N LEU C 485 -34.86 18.30 -9.66
CA LEU C 485 -35.03 17.67 -10.96
C LEU C 485 -34.64 18.63 -12.08
N TYR C 486 -35.16 19.86 -12.04
CA TYR C 486 -34.83 20.78 -13.13
C TYR C 486 -33.36 21.14 -13.17
N LEU C 487 -32.70 21.31 -12.03
CA LEU C 487 -31.26 21.51 -12.03
C LEU C 487 -30.48 20.31 -12.56
N GLY C 488 -30.69 19.12 -12.00
CA GLY C 488 -29.98 17.93 -12.42
C GLY C 488 -30.18 17.59 -13.88
N ALA C 489 -31.32 18.00 -14.45
CA ALA C 489 -31.54 17.79 -15.87
C ALA C 489 -30.53 18.56 -16.72
N VAL C 490 -30.16 19.76 -16.28
CA VAL C 490 -29.34 20.65 -17.11
C VAL C 490 -27.93 20.84 -16.56
N VAL C 491 -27.58 20.17 -15.46
CA VAL C 491 -26.30 20.39 -14.80
C VAL C 491 -25.09 20.08 -15.68
N GLN C 492 -25.13 18.98 -16.44
CA GLN C 492 -23.90 18.42 -17.01
C GLN C 492 -23.09 19.45 -17.79
N ALA C 493 -23.74 20.19 -18.69
CA ALA C 493 -23.04 21.19 -19.47
C ALA C 493 -22.70 22.41 -18.60
N SER D 1 -7.50 4.93 -9.45
CA SER D 1 -6.46 5.89 -9.11
C SER D 1 -6.94 7.31 -9.32
N VAL D 2 -6.59 7.88 -10.46
CA VAL D 2 -7.00 9.24 -10.79
C VAL D 2 -8.40 9.27 -11.40
N ALA D 3 -8.76 8.25 -12.18
CA ALA D 3 -10.05 8.26 -12.87
C ALA D 3 -11.21 8.19 -11.91
N LEU D 4 -10.98 7.72 -10.67
CA LEU D 4 -12.08 7.57 -9.72
C LEU D 4 -12.63 8.90 -9.24
N ALA D 5 -11.96 10.02 -9.50
CA ALA D 5 -12.35 11.33 -8.98
C ALA D 5 -12.52 12.33 -10.11
N PRO D 6 -13.57 12.16 -10.93
CA PRO D 6 -13.79 13.11 -12.02
C PRO D 6 -14.17 14.49 -11.49
N HIS D 7 -13.85 15.51 -12.29
CA HIS D 7 -14.06 16.91 -11.91
C HIS D 7 -15.51 17.29 -12.21
N VAL D 8 -16.43 16.49 -11.69
CA VAL D 8 -17.85 16.64 -11.98
C VAL D 8 -18.53 17.25 -10.76
N GLY D 9 -19.39 18.25 -11.00
CA GLY D 9 -20.16 18.85 -9.94
C GLY D 9 -19.36 19.64 -8.93
N MET D 10 -18.17 20.11 -9.30
CA MET D 10 -17.36 20.87 -8.35
C MET D 10 -17.98 22.22 -8.02
N GLY D 11 -18.67 22.82 -8.99
CA GLY D 11 -19.40 24.04 -8.71
C GLY D 11 -19.30 25.10 -9.79
N LEU D 12 -18.18 25.15 -10.50
CA LEU D 12 -18.00 26.14 -11.57
C LEU D 12 -18.74 25.65 -12.79
N ASP D 13 -19.84 26.32 -13.13
CA ASP D 13 -20.70 25.94 -14.25
C ASP D 13 -20.90 27.15 -15.15
N THR D 14 -20.81 26.91 -16.47
CA THR D 14 -20.88 27.99 -17.43
C THR D 14 -21.66 27.54 -18.65
N ARG D 15 -21.96 28.51 -19.52
CA ARG D 15 -22.73 28.22 -20.73
C ARG D 15 -21.96 27.28 -21.66
N THR D 16 -20.66 27.49 -21.79
CA THR D 16 -19.85 26.71 -22.72
C THR D 16 -19.84 25.23 -22.34
N GLN D 17 -20.02 24.37 -23.33
CA GLN D 17 -20.00 22.93 -23.10
C GLN D 17 -18.66 22.51 -22.53
N THR D 18 -18.71 21.63 -21.52
CA THR D 18 -17.51 21.22 -20.81
C THR D 18 -16.79 20.11 -21.58
N TRP D 19 -15.69 19.63 -21.02
CA TRP D 19 -14.93 18.54 -21.64
C TRP D 19 -15.72 17.23 -21.56
N MET D 20 -15.82 16.53 -22.68
CA MET D 20 -16.41 15.19 -22.74
C MET D 20 -17.81 15.15 -22.12
N SER D 21 -18.54 16.25 -22.23
CA SER D 21 -19.88 16.30 -21.65
C SER D 21 -20.87 15.35 -22.33
N ALA D 22 -20.56 14.88 -23.53
CA ALA D 22 -21.44 13.96 -24.23
C ALA D 22 -21.15 12.50 -23.89
N GLU D 23 -19.87 12.13 -23.84
CA GLU D 23 -19.51 10.74 -23.57
C GLU D 23 -19.51 10.47 -22.07
N GLY D 24 -18.84 11.31 -21.30
CA GLY D 24 -18.71 11.08 -19.86
C GLY D 24 -19.97 11.31 -19.06
N ALA D 25 -21.12 11.50 -19.72
CA ALA D 25 -22.36 11.70 -18.99
C ALA D 25 -22.93 10.39 -18.50
N TRP D 26 -23.17 9.44 -19.41
CA TRP D 26 -23.77 8.16 -19.08
C TRP D 26 -22.74 7.08 -18.76
N ARG D 27 -21.49 7.47 -18.56
CA ARG D 27 -20.45 6.48 -18.29
C ARG D 27 -20.74 5.70 -17.01
N GLN D 28 -21.12 6.41 -15.94
CA GLN D 28 -21.39 5.75 -14.67
C GLN D 28 -22.60 4.83 -14.78
N VAL D 29 -23.64 5.27 -15.50
CA VAL D 29 -24.83 4.45 -15.68
C VAL D 29 -24.50 3.20 -16.48
N GLU D 30 -23.71 3.35 -17.55
CA GLU D 30 -23.37 2.18 -18.37
C GLU D 30 -22.50 1.20 -17.60
N LYS D 31 -21.64 1.70 -16.71
CA LYS D 31 -20.88 0.79 -15.84
C LYS D 31 -21.81 -0.10 -15.05
N VAL D 32 -22.79 0.49 -14.37
CA VAL D 32 -23.71 -0.29 -13.55
C VAL D 32 -24.55 -1.21 -14.42
N GLU D 33 -24.95 -0.75 -15.59
CA GLU D 33 -25.76 -1.58 -16.48
C GLU D 33 -24.98 -2.83 -16.92
N THR D 34 -23.73 -2.65 -17.33
CA THR D 34 -22.91 -3.79 -17.72
C THR D 34 -22.66 -4.72 -16.54
N TRP D 35 -22.37 -4.15 -15.37
CA TRP D 35 -22.14 -4.99 -14.19
C TRP D 35 -23.37 -5.82 -13.86
N ALA D 36 -24.55 -5.21 -13.92
CA ALA D 36 -25.79 -5.93 -13.63
C ALA D 36 -26.03 -7.03 -14.67
N LEU D 37 -25.78 -6.72 -15.95
CA LEU D 37 -25.92 -7.76 -16.97
C LEU D 37 -24.94 -8.90 -16.77
N ARG D 38 -23.76 -8.62 -16.22
CA ARG D 38 -22.74 -9.65 -16.06
C ARG D 38 -22.93 -10.49 -14.81
N HIS D 39 -23.41 -9.89 -13.72
CA HIS D 39 -23.58 -10.58 -12.43
C HIS D 39 -25.04 -10.56 -12.02
N PRO D 40 -25.80 -11.61 -12.30
CA PRO D 40 -27.24 -11.58 -12.03
C PRO D 40 -27.64 -12.05 -10.63
N GLY D 41 -26.78 -12.84 -9.98
CA GLY D 41 -27.14 -13.38 -8.68
C GLY D 41 -27.32 -12.33 -7.61
N PHE D 42 -26.50 -11.28 -7.65
CA PHE D 42 -26.65 -10.22 -6.66
C PHE D 42 -28.00 -9.53 -6.77
N THR D 43 -28.67 -9.61 -7.92
CA THR D 43 -30.03 -9.10 -8.00
C THR D 43 -30.95 -9.87 -7.05
N ILE D 44 -30.82 -11.20 -7.05
CA ILE D 44 -31.62 -12.03 -6.14
C ILE D 44 -31.24 -11.73 -4.70
N LEU D 45 -29.94 -11.61 -4.43
CA LEU D 45 -29.52 -11.28 -3.07
C LEU D 45 -30.09 -9.96 -2.60
N ALA D 46 -30.06 -8.94 -3.46
CA ALA D 46 -30.58 -7.63 -3.11
C ALA D 46 -32.08 -7.67 -2.91
N LEU D 47 -32.80 -8.44 -3.72
CA LEU D 47 -34.23 -8.58 -3.53
C LEU D 47 -34.53 -9.20 -2.17
N PHE D 48 -33.80 -10.25 -1.80
CA PHE D 48 -33.99 -10.88 -0.50
C PHE D 48 -33.71 -9.89 0.62
N LEU D 49 -32.59 -9.15 0.51
CA LEU D 49 -32.21 -8.23 1.58
C LEU D 49 -33.23 -7.11 1.73
N ALA D 50 -33.68 -6.55 0.60
CA ALA D 50 -34.68 -5.49 0.65
C ALA D 50 -35.99 -6.00 1.25
N HIS D 51 -36.42 -7.21 0.88
CA HIS D 51 -37.63 -7.76 1.47
C HIS D 51 -37.49 -7.98 2.97
N TYR D 52 -36.31 -8.40 3.44
CA TYR D 52 -36.15 -8.74 4.84
C TYR D 52 -35.57 -7.61 5.69
N ILE D 53 -35.38 -6.41 5.13
CA ILE D 53 -34.91 -5.29 5.93
C ILE D 53 -35.88 -4.12 5.80
N GLY D 54 -36.80 -4.20 4.86
CA GLY D 54 -37.75 -3.12 4.64
C GLY D 54 -39.17 -3.49 5.01
N THR D 55 -39.78 -2.73 5.92
CA THR D 55 -41.15 -3.03 6.34
C THR D 55 -42.16 -2.33 5.44
N SER D 56 -41.75 -1.28 4.74
CA SER D 56 -42.63 -0.58 3.81
C SER D 56 -42.17 -0.80 2.37
N LEU D 57 -43.12 -0.67 1.45
CA LEU D 57 -42.82 -0.87 0.04
C LEU D 57 -41.79 0.14 -0.46
N THR D 58 -41.95 1.41 -0.06
CA THR D 58 -40.99 2.43 -0.45
C THR D 58 -39.61 2.14 0.13
N GLN D 59 -39.55 1.63 1.36
CA GLN D 59 -38.28 1.23 1.94
C GLN D 59 -37.64 0.12 1.11
N LYS D 60 -38.45 -0.86 0.71
CA LYS D 60 -37.92 -1.96 -0.09
C LYS D 60 -37.36 -1.46 -1.41
N VAL D 61 -38.10 -0.57 -2.08
CA VAL D 61 -37.63 -0.04 -3.36
C VAL D 61 -36.34 0.74 -3.19
N VAL D 62 -36.27 1.60 -2.16
CA VAL D 62 -35.07 2.40 -1.95
C VAL D 62 -33.88 1.51 -1.62
N ILE D 63 -34.07 0.52 -0.76
CA ILE D 63 -32.98 -0.38 -0.40
C ILE D 63 -32.49 -1.15 -1.62
N PHE D 64 -33.42 -1.67 -2.43
CA PHE D 64 -33.02 -2.41 -3.62
C PHE D 64 -32.25 -1.53 -4.60
N ILE D 65 -32.74 -0.30 -4.83
CA ILE D 65 -32.06 0.60 -5.75
C ILE D 65 -30.67 0.94 -5.25
N LEU D 66 -30.54 1.25 -3.95
CA LEU D 66 -29.25 1.63 -3.40
C LEU D 66 -28.28 0.45 -3.43
N LEU D 67 -28.76 -0.76 -3.15
CA LEU D 67 -27.89 -1.92 -3.23
C LEU D 67 -27.40 -2.15 -4.65
N MET D 68 -28.29 -1.97 -5.63
CA MET D 68 -27.88 -2.13 -7.02
C MET D 68 -26.88 -1.04 -7.42
N LEU D 69 -27.02 0.15 -6.83
CA LEU D 69 -26.16 1.26 -7.23
C LEU D 69 -24.84 1.30 -6.47
N VAL D 70 -24.73 0.58 -5.34
CA VAL D 70 -23.56 0.69 -4.48
C VAL D 70 -22.48 -0.31 -4.81
N THR D 71 -22.83 -1.53 -5.22
CA THR D 71 -21.80 -2.55 -5.38
C THR D 71 -20.99 -2.40 -6.67
N PRO D 72 -21.61 -2.20 -7.84
CA PRO D 72 -20.77 -1.94 -9.01
C PRO D 72 -19.99 -0.64 -8.89
N SER D 73 -20.60 0.35 -8.26
CA SER D 73 -19.91 1.61 -8.03
C SER D 73 -18.73 1.42 -7.08
N MET D 74 -18.91 0.58 -6.06
CA MET D 74 -17.79 0.25 -5.18
C MET D 74 -16.69 -0.46 -5.95
N THR D 75 -17.04 -1.49 -6.70
CA THR D 75 -16.11 -2.16 -7.61
C THR D 75 -16.82 -2.58 -8.90
N MET E 1 13.52 -32.85 0.30
CA MET E 1 13.65 -31.82 1.33
C MET E 1 13.89 -30.45 0.69
N ARG E 2 13.55 -30.35 -0.59
CA ARG E 2 13.45 -29.06 -1.26
C ARG E 2 12.22 -28.29 -0.80
N CYS E 3 11.47 -28.86 0.13
CA CYS E 3 10.23 -28.31 0.66
C CYS E 3 10.44 -27.53 1.95
N VAL E 4 11.61 -27.68 2.59
CA VAL E 4 11.86 -27.07 3.89
C VAL E 4 12.15 -25.59 3.72
N GLY E 5 11.53 -24.78 4.58
CA GLY E 5 11.79 -23.35 4.62
C GLY E 5 10.82 -22.50 3.85
N VAL E 6 9.95 -23.11 3.04
CA VAL E 6 9.01 -22.33 2.24
C VAL E 6 7.98 -21.63 3.14
N GLY E 7 7.64 -22.24 4.26
CA GLY E 7 6.64 -21.67 5.14
C GLY E 7 5.21 -21.88 4.69
N ASN E 8 5.00 -22.60 3.59
CA ASN E 8 3.66 -22.89 3.10
C ASN E 8 3.38 -24.37 2.97
N ARG E 9 4.32 -25.22 3.37
CA ARG E 9 4.14 -26.67 3.23
C ARG E 9 3.04 -27.17 4.16
N ASP E 10 2.51 -28.33 3.81
CA ASP E 10 1.46 -28.98 4.59
C ASP E 10 1.54 -30.49 4.39
N PHE E 11 1.55 -31.23 5.49
CA PHE E 11 1.94 -32.63 5.48
C PHE E 11 0.72 -33.52 5.26
N VAL E 12 0.74 -34.27 4.17
CA VAL E 12 -0.25 -35.32 3.96
C VAL E 12 0.30 -36.63 4.49
N GLU E 13 -0.52 -37.36 5.25
CA GLU E 13 -0.03 -38.50 6.01
C GLU E 13 -0.80 -39.79 5.75
N GLY E 14 -1.97 -39.73 5.15
CA GLY E 14 -2.80 -40.92 5.02
C GLY E 14 -2.34 -41.85 3.91
N LEU E 15 -3.02 -43.00 3.84
CA LEU E 15 -2.79 -44.00 2.81
C LEU E 15 -3.95 -44.99 2.85
N SER E 16 -4.23 -45.60 1.71
CA SER E 16 -5.41 -46.46 1.58
C SER E 16 -5.03 -47.76 0.89
N GLY E 17 -6.04 -48.55 0.56
CA GLY E 17 -5.84 -49.71 -0.28
C GLY E 17 -5.30 -49.29 -1.63
N ALA E 18 -4.37 -50.06 -2.18
CA ALA E 18 -3.58 -49.75 -3.36
C ALA E 18 -2.67 -48.55 -3.11
N THR E 19 -2.62 -48.03 -1.89
CA THR E 19 -1.73 -46.96 -1.46
C THR E 19 -1.82 -45.71 -2.32
N TRP E 20 -3.01 -45.25 -2.66
CA TRP E 20 -3.16 -44.03 -3.43
C TRP E 20 -3.73 -42.92 -2.54
N VAL E 21 -3.10 -41.75 -2.61
CA VAL E 21 -3.54 -40.56 -1.89
C VAL E 21 -3.50 -39.40 -2.86
N ASP E 22 -4.60 -38.67 -2.99
CA ASP E 22 -4.69 -37.54 -3.90
C ASP E 22 -4.42 -36.24 -3.15
N VAL E 23 -3.49 -35.45 -3.67
CA VAL E 23 -3.10 -34.19 -3.06
C VAL E 23 -3.23 -33.09 -4.11
N VAL E 24 -3.25 -31.84 -3.64
CA VAL E 24 -3.50 -30.67 -4.49
C VAL E 24 -2.32 -29.73 -4.38
N LEU E 25 -1.82 -29.28 -5.53
CA LEU E 25 -0.64 -28.43 -5.60
C LEU E 25 -1.04 -27.05 -6.08
N GLU E 26 -0.49 -26.01 -5.47
CA GLU E 26 -1.04 -24.66 -5.63
C GLU E 26 -0.02 -23.63 -6.10
N HIS E 27 1.19 -24.06 -6.48
CA HIS E 27 2.27 -23.18 -6.93
C HIS E 27 2.85 -22.35 -5.79
N GLY E 28 2.22 -22.39 -4.62
CA GLY E 28 2.74 -21.63 -3.50
C GLY E 28 3.34 -22.52 -2.44
N GLY E 29 2.68 -23.64 -2.15
CA GLY E 29 3.13 -24.55 -1.12
C GLY E 29 3.57 -25.87 -1.71
N CYS E 30 4.47 -26.52 -0.99
CA CYS E 30 5.00 -27.82 -1.36
C CYS E 30 4.49 -28.90 -0.43
N VAL E 31 3.90 -29.94 -1.01
CA VAL E 31 3.26 -30.99 -0.23
C VAL E 31 4.32 -31.97 0.26
N THR E 32 4.08 -32.54 1.44
CA THR E 32 4.91 -33.60 1.99
C THR E 32 4.03 -34.80 2.27
N THR E 33 4.45 -35.97 1.81
CA THR E 33 3.65 -37.18 1.85
C THR E 33 4.37 -38.23 2.68
N MET E 34 3.90 -38.46 3.90
CA MET E 34 4.47 -39.48 4.76
C MET E 34 3.61 -40.75 4.74
N ALA E 35 4.23 -41.87 5.08
CA ALA E 35 3.56 -43.17 5.06
C ALA E 35 4.27 -44.11 6.00
N LYS E 36 3.63 -45.26 6.25
CA LYS E 36 4.17 -46.21 7.22
C LYS E 36 5.51 -46.79 6.76
N ASN E 37 5.56 -47.32 5.53
CA ASN E 37 6.78 -47.94 5.02
C ASN E 37 7.22 -47.31 3.71
N LYS E 38 6.67 -46.16 3.36
CA LYS E 38 7.11 -45.50 2.15
C LYS E 38 7.94 -44.27 2.48
N PRO E 39 9.05 -44.06 1.78
CA PRO E 39 9.90 -42.91 2.09
C PRO E 39 9.15 -41.61 1.87
N THR E 40 9.16 -40.76 2.90
CA THR E 40 8.42 -39.51 2.81
C THR E 40 9.09 -38.60 1.80
N LEU E 41 8.33 -38.21 0.78
CA LEU E 41 8.83 -37.34 -0.27
C LEU E 41 8.07 -36.03 -0.27
N ASP E 42 8.49 -35.08 -1.11
CA ASP E 42 7.80 -33.81 -1.17
C ASP E 42 7.61 -33.40 -2.63
N ILE E 43 6.51 -32.70 -2.89
CA ILE E 43 6.06 -32.41 -4.24
C ILE E 43 5.74 -30.92 -4.33
N GLU E 44 6.08 -30.31 -5.45
CA GLU E 44 5.76 -28.91 -5.70
C GLU E 44 5.52 -28.70 -7.19
N LEU E 45 4.34 -28.21 -7.52
CA LEU E 45 4.04 -27.85 -8.91
C LEU E 45 4.88 -26.65 -9.31
N GLN E 46 5.90 -26.89 -10.12
CA GLN E 46 6.93 -25.86 -10.38
C GLN E 46 6.37 -24.73 -11.24
N LYS E 47 5.96 -25.04 -12.46
CA LYS E 47 5.48 -24.03 -13.39
C LYS E 47 4.45 -24.64 -14.33
N THR E 48 3.35 -23.92 -14.53
CA THR E 48 2.38 -24.29 -15.55
C THR E 48 2.56 -23.38 -16.77
N GLU E 49 2.77 -23.99 -17.92
CA GLU E 49 3.08 -23.21 -19.12
C GLU E 49 2.28 -23.73 -20.30
N ALA E 50 1.84 -22.81 -21.15
CA ALA E 50 1.10 -23.13 -22.35
C ALA E 50 1.94 -22.76 -23.57
N THR E 51 1.45 -23.16 -24.75
CA THR E 51 2.16 -22.88 -25.98
C THR E 51 1.15 -22.78 -27.12
N GLN E 52 1.58 -22.14 -28.20
CA GLN E 52 0.75 -21.96 -29.40
C GLN E 52 -0.56 -21.26 -29.06
N LEU E 53 -0.45 -20.01 -28.62
CA LEU E 53 -1.62 -19.24 -28.22
C LEU E 53 -2.23 -18.53 -29.42
N ALA E 54 -3.55 -18.58 -29.50
CA ALA E 54 -4.28 -17.85 -30.52
C ALA E 54 -4.70 -16.49 -29.98
N THR E 55 -4.96 -15.57 -30.91
CA THR E 55 -5.42 -14.22 -30.56
C THR E 55 -6.92 -14.16 -30.82
N LEU E 56 -7.69 -13.90 -29.76
CA LEU E 56 -9.14 -13.89 -29.89
C LEU E 56 -9.65 -12.50 -30.27
N ARG E 57 -9.23 -11.47 -29.54
CA ARG E 57 -9.66 -10.12 -29.82
C ARG E 57 -8.53 -9.15 -29.51
N LYS E 58 -8.46 -8.07 -30.27
CA LYS E 58 -7.42 -7.07 -30.13
C LYS E 58 -8.03 -5.73 -29.75
N LEU E 59 -7.43 -5.08 -28.76
CA LEU E 59 -7.98 -3.85 -28.19
C LEU E 59 -7.01 -2.70 -28.41
N CYS E 60 -7.54 -1.56 -28.84
CA CYS E 60 -6.73 -0.36 -29.02
C CYS E 60 -6.63 0.40 -27.70
N ILE E 61 -5.42 0.89 -27.40
CA ILE E 61 -5.17 1.61 -26.16
C ILE E 61 -4.94 3.10 -26.39
N GLU E 62 -4.55 3.51 -27.59
CA GLU E 62 -4.36 4.92 -27.90
C GLU E 62 -4.48 5.10 -29.40
N GLY E 63 -4.76 6.33 -29.82
CA GLY E 63 -5.00 6.59 -31.23
C GLY E 63 -4.35 7.88 -31.68
N LYS E 64 -4.33 8.07 -32.99
CA LYS E 64 -3.89 9.30 -33.62
C LYS E 64 -4.94 9.72 -34.64
N ILE E 65 -5.19 11.02 -34.72
CA ILE E 65 -6.27 11.55 -35.55
C ILE E 65 -5.67 12.42 -36.64
N THR E 66 -6.04 12.12 -37.89
CA THR E 66 -5.56 12.87 -39.04
C THR E 66 -6.73 13.08 -40.00
N ASN E 67 -6.53 14.02 -40.93
CA ASN E 67 -7.47 14.24 -42.04
C ASN E 67 -8.87 14.59 -41.52
N ILE E 68 -8.96 15.63 -40.70
CA ILE E 68 -10.26 16.05 -40.20
C ILE E 68 -11.02 16.76 -41.31
N THR E 69 -12.13 16.15 -41.72
CA THR E 69 -12.94 16.69 -42.81
C THR E 69 -14.34 16.98 -42.28
N THR E 70 -14.89 18.12 -42.69
CA THR E 70 -16.18 18.58 -42.19
C THR E 70 -17.05 19.04 -43.35
N ASP E 71 -18.37 18.96 -43.16
CA ASP E 71 -19.34 19.37 -44.16
C ASP E 71 -20.66 19.71 -43.49
N SER E 72 -21.29 20.79 -43.91
CA SER E 72 -22.55 21.24 -43.35
C SER E 72 -23.53 21.57 -44.47
N ARG E 73 -24.81 21.37 -44.17
CA ARG E 73 -25.88 21.70 -45.10
C ARG E 73 -26.58 22.99 -44.68
N CYS E 74 -27.40 23.51 -45.59
CA CYS E 74 -28.23 24.66 -45.28
C CYS E 74 -29.26 24.26 -44.22
N PRO E 75 -29.59 25.14 -43.28
CA PRO E 75 -30.53 24.77 -42.22
C PRO E 75 -31.91 24.49 -42.76
N THR E 76 -32.68 23.73 -41.98
CA THR E 76 -34.07 23.39 -42.23
C THR E 76 -34.27 22.57 -43.51
N GLN E 77 -33.22 21.94 -44.02
CA GLN E 77 -33.36 21.08 -45.19
C GLN E 77 -32.28 20.01 -45.16
N GLY E 78 -32.69 18.76 -45.31
CA GLY E 78 -31.75 17.66 -45.38
C GLY E 78 -30.96 17.43 -44.10
N GLU E 79 -29.93 16.61 -44.24
CA GLU E 79 -29.00 16.31 -43.15
C GLU E 79 -27.62 16.16 -43.76
N ALA E 80 -26.61 16.72 -43.09
CA ALA E 80 -25.27 16.72 -43.63
C ALA E 80 -24.79 15.30 -43.90
N VAL E 81 -24.26 15.10 -45.11
CA VAL E 81 -23.75 13.80 -45.53
C VAL E 81 -22.34 14.01 -46.07
N LEU E 82 -21.53 12.96 -45.98
CA LEU E 82 -20.15 13.00 -46.41
C LEU E 82 -19.78 11.62 -46.94
N PRO E 83 -19.17 11.54 -48.13
CA PRO E 83 -18.78 10.23 -48.65
C PRO E 83 -17.83 9.50 -47.74
N GLU E 84 -17.02 10.23 -46.97
CA GLU E 84 -16.05 9.61 -46.09
C GLU E 84 -16.71 8.90 -44.92
N GLU E 85 -18.01 9.15 -44.71
CA GLU E 85 -18.71 8.55 -43.57
C GLU E 85 -18.76 7.03 -43.68
N GLN E 86 -19.01 6.51 -44.89
CA GLN E 86 -19.19 5.08 -45.06
C GLN E 86 -17.90 4.30 -44.85
N ASP E 87 -16.76 4.98 -44.91
CA ASP E 87 -15.48 4.30 -44.74
C ASP E 87 -15.34 3.79 -43.31
N GLN E 88 -14.83 2.57 -43.17
CA GLN E 88 -14.69 1.96 -41.86
C GLN E 88 -13.61 2.65 -41.03
N ASN E 89 -12.59 3.20 -41.69
CA ASN E 89 -11.48 3.82 -40.97
C ASN E 89 -11.83 5.19 -40.40
N TYR E 90 -13.00 5.74 -40.69
CA TYR E 90 -13.31 7.12 -40.35
C TYR E 90 -14.39 7.16 -39.26
N VAL E 91 -14.14 7.97 -38.23
CA VAL E 91 -15.12 8.20 -37.18
C VAL E 91 -15.81 9.53 -37.44
N CYS E 92 -17.13 9.55 -37.29
CA CYS E 92 -17.92 10.72 -37.63
C CYS E 92 -18.97 10.98 -36.54
N LYS E 93 -19.53 12.18 -36.56
CA LYS E 93 -20.55 12.59 -35.60
C LYS E 93 -21.37 13.72 -36.20
N HIS E 94 -22.66 13.74 -35.88
CA HIS E 94 -23.58 14.75 -36.38
C HIS E 94 -23.97 15.71 -35.27
N THR E 95 -23.83 17.00 -35.53
CA THR E 95 -24.25 18.04 -34.61
C THR E 95 -24.93 19.15 -35.38
N TYR E 96 -25.65 20.00 -34.66
CA TYR E 96 -26.38 21.12 -35.23
C TYR E 96 -25.68 22.41 -34.85
N VAL E 97 -25.42 23.26 -35.84
CA VAL E 97 -24.73 24.53 -35.64
C VAL E 97 -25.59 25.64 -36.23
N ASP E 98 -25.68 26.76 -35.51
CA ASP E 98 -26.44 27.89 -36.00
C ASP E 98 -25.80 28.47 -37.26
N ARG E 99 -26.63 28.85 -38.22
CA ARG E 99 -26.16 29.40 -39.47
C ARG E 99 -27.05 30.56 -39.89
N GLY E 100 -26.50 31.46 -40.68
CA GLY E 100 -27.22 32.64 -41.11
C GLY E 100 -26.57 33.26 -42.32
N TRP E 101 -26.91 34.53 -42.56
CA TRP E 101 -26.29 35.26 -43.66
C TRP E 101 -24.79 35.41 -43.44
N GLY E 102 -24.37 35.51 -42.18
CA GLY E 102 -22.95 35.57 -41.89
C GLY E 102 -22.21 34.32 -42.32
N ASN E 103 -22.87 33.17 -42.22
CA ASN E 103 -22.31 31.90 -42.67
C ASN E 103 -22.66 31.60 -44.12
N GLY E 104 -23.44 32.46 -44.76
CA GLY E 104 -23.73 32.31 -46.17
C GLY E 104 -25.01 31.56 -46.51
N CYS E 105 -25.64 30.90 -45.53
CA CYS E 105 -26.88 30.18 -45.82
C CYS E 105 -28.04 31.16 -46.00
N GLY E 106 -29.01 30.77 -46.82
CA GLY E 106 -30.10 31.67 -47.13
C GLY E 106 -31.00 31.97 -45.94
N LEU E 107 -31.33 30.95 -45.16
CA LEU E 107 -32.33 31.06 -44.10
C LEU E 107 -31.69 30.77 -42.75
N PHE E 108 -32.04 31.58 -41.75
CA PHE E 108 -31.50 31.38 -40.41
C PHE E 108 -32.07 30.11 -39.78
N GLY E 109 -31.31 29.56 -38.83
CA GLY E 109 -31.71 28.35 -38.15
C GLY E 109 -30.55 27.40 -37.94
N LYS E 110 -30.74 26.39 -37.10
CA LYS E 110 -29.68 25.42 -36.87
C LYS E 110 -29.54 24.48 -38.05
N GLY E 111 -28.30 24.16 -38.40
CA GLY E 111 -28.03 23.26 -39.51
C GLY E 111 -27.04 22.19 -39.10
N SER E 112 -27.18 21.02 -39.72
CA SER E 112 -26.36 19.88 -39.35
C SER E 112 -24.91 20.11 -39.77
N LEU E 113 -23.99 19.55 -38.97
CA LEU E 113 -22.55 19.67 -39.23
C LEU E 113 -21.90 18.36 -38.84
N VAL E 114 -21.32 17.66 -39.81
CA VAL E 114 -20.66 16.38 -39.59
C VAL E 114 -19.16 16.55 -39.75
N THR E 115 -18.39 15.98 -38.84
CA THR E 115 -16.94 15.98 -38.91
C THR E 115 -16.43 14.54 -38.87
N CYS E 116 -15.60 14.20 -39.86
CA CYS E 116 -15.08 12.85 -40.01
C CYS E 116 -13.56 12.91 -39.94
N ALA E 117 -12.98 12.19 -38.98
CA ALA E 117 -11.54 12.09 -38.83
C ALA E 117 -11.08 10.67 -39.13
N LYS E 118 -9.77 10.50 -39.20
CA LYS E 118 -9.16 9.21 -39.51
C LYS E 118 -8.63 8.60 -38.22
N PHE E 119 -9.19 7.45 -37.82
CA PHE E 119 -8.74 6.77 -36.61
C PHE E 119 -7.74 5.70 -37.00
N GLN E 120 -6.46 6.05 -36.96
CA GLN E 120 -5.36 5.10 -37.17
C GLN E 120 -4.86 4.68 -35.80
N CYS E 121 -5.22 3.47 -35.39
CA CYS E 121 -4.93 3.03 -34.03
C CYS E 121 -3.44 2.79 -33.84
N LEU E 122 -3.05 2.65 -32.57
CA LEU E 122 -1.65 2.51 -32.20
C LEU E 122 -1.59 1.84 -30.85
N GLU E 123 -0.52 1.08 -30.63
CA GLU E 123 -0.30 0.34 -29.39
C GLU E 123 -1.44 -0.63 -29.09
N PRO E 124 -1.66 -1.64 -29.92
CA PRO E 124 -2.78 -2.56 -29.68
C PRO E 124 -2.55 -3.41 -28.43
N ILE E 125 -3.65 -3.90 -27.88
CA ILE E 125 -3.62 -4.83 -26.76
C ILE E 125 -4.16 -6.15 -27.28
N GLU E 126 -3.29 -7.13 -27.46
CA GLU E 126 -3.73 -8.44 -27.89
C GLU E 126 -4.38 -9.19 -26.73
N GLY E 127 -5.46 -9.90 -27.04
CA GLY E 127 -6.09 -10.76 -26.06
C GLY E 127 -6.06 -12.20 -26.53
N LYS E 128 -5.30 -13.04 -25.82
CA LYS E 128 -5.02 -14.39 -26.27
C LYS E 128 -5.74 -15.41 -25.39
N VAL E 129 -6.17 -16.51 -26.02
CA VAL E 129 -6.78 -17.64 -25.34
C VAL E 129 -5.86 -18.83 -25.49
N VAL E 130 -6.07 -19.85 -24.67
CA VAL E 130 -5.31 -21.09 -24.74
C VAL E 130 -6.30 -22.25 -24.73
N GLN E 131 -6.08 -23.20 -25.62
CA GLN E 131 -6.84 -24.44 -25.60
C GLN E 131 -6.23 -25.40 -24.59
N TYR E 132 -7.05 -26.32 -24.08
CA TYR E 132 -6.56 -27.33 -23.16
C TYR E 132 -5.56 -28.29 -23.80
N GLU E 133 -5.50 -28.34 -25.14
CA GLU E 133 -4.61 -29.29 -25.79
C GLU E 133 -3.15 -29.01 -25.48
N ASN E 134 -2.77 -27.74 -25.42
CA ASN E 134 -1.37 -27.36 -25.32
C ASN E 134 -0.93 -27.01 -23.91
N LEU E 135 -1.84 -27.03 -22.93
CA LEU E 135 -1.46 -26.72 -21.56
C LEU E 135 -0.60 -27.84 -20.99
N LYS E 136 0.47 -27.46 -20.30
CA LYS E 136 1.42 -28.43 -19.75
C LYS E 136 1.79 -28.05 -18.32
N TYR E 137 1.77 -29.05 -17.44
CA TYR E 137 2.17 -28.90 -16.05
C TYR E 137 3.44 -29.67 -15.78
N THR E 138 4.38 -29.04 -15.07
CA THR E 138 5.63 -29.69 -14.70
C THR E 138 5.66 -29.86 -13.18
N VAL E 139 5.95 -31.08 -12.74
CA VAL E 139 5.91 -31.45 -11.34
C VAL E 139 7.28 -31.97 -10.92
N ILE E 140 7.73 -31.55 -9.73
CA ILE E 140 9.04 -31.90 -9.21
C ILE E 140 8.86 -32.70 -7.93
N ILE E 141 9.50 -33.86 -7.85
CA ILE E 141 9.36 -34.77 -6.73
C ILE E 141 10.74 -35.13 -6.20
N THR E 142 10.91 -35.02 -4.87
CA THR E 142 12.17 -35.40 -4.23
C THR E 142 11.87 -36.23 -2.99
N VAL E 143 12.55 -37.37 -2.85
CA VAL E 143 12.43 -38.17 -1.64
C VAL E 143 13.45 -37.69 -0.62
N HIS E 144 13.11 -37.79 0.66
CA HIS E 144 14.02 -37.39 1.72
C HIS E 144 15.17 -38.39 1.81
N THR E 145 16.34 -38.01 1.28
CA THR E 145 17.47 -38.92 1.18
C THR E 145 18.56 -38.63 2.21
N GLY E 146 18.55 -37.46 2.82
CA GLY E 146 19.63 -37.08 3.70
C GLY E 146 20.94 -36.85 2.98
N ASP E 147 20.90 -36.26 1.80
CA ASP E 147 22.12 -35.87 1.14
C ASP E 147 22.67 -34.60 1.78
N GLN E 148 23.95 -34.33 1.52
CA GLN E 148 24.61 -33.19 2.15
C GLN E 148 23.94 -31.87 1.77
N HIS E 149 23.77 -31.63 0.47
CA HIS E 149 23.24 -30.34 -0.01
C HIS E 149 21.80 -30.50 -0.48
N GLN E 150 20.90 -30.79 0.45
CA GLN E 150 19.51 -30.98 0.04
C GLN E 150 18.55 -30.39 1.08
N VAL E 151 18.86 -29.20 1.59
CA VAL E 151 17.95 -28.47 2.46
C VAL E 151 17.36 -27.33 1.64
N GLY E 152 16.11 -27.48 1.20
CA GLY E 152 15.48 -26.40 0.43
C GLY E 152 16.22 -26.04 -0.83
N ASN E 153 16.81 -27.02 -1.50
CA ASN E 153 17.55 -26.79 -2.73
C ASN E 153 16.56 -26.82 -3.89
N GLU E 154 16.28 -25.64 -4.47
CA GLU E 154 15.22 -25.54 -5.46
C GLU E 154 15.54 -26.29 -6.74
N THR E 155 16.82 -26.56 -7.02
CA THR E 155 17.24 -27.08 -8.31
C THR E 155 17.07 -28.58 -8.44
N GLN E 156 17.69 -29.37 -7.58
CA GLN E 156 17.69 -30.81 -7.75
C GLN E 156 16.30 -31.38 -7.49
N GLY E 157 15.85 -32.23 -8.41
CA GLY E 157 14.54 -32.84 -8.31
C GLY E 157 14.29 -33.73 -9.51
N VAL E 158 13.14 -34.37 -9.51
CA VAL E 158 12.72 -35.20 -10.62
C VAL E 158 11.47 -34.60 -11.25
N THR E 159 11.53 -34.39 -12.56
CA THR E 159 10.47 -33.67 -13.26
C THR E 159 9.63 -34.64 -14.06
N ALA E 160 8.31 -34.49 -13.99
CA ALA E 160 7.37 -35.24 -14.79
C ALA E 160 6.43 -34.27 -15.49
N GLU E 161 6.39 -34.35 -16.82
CA GLU E 161 5.57 -33.43 -17.60
C GLU E 161 4.17 -34.00 -17.74
N ILE E 162 3.17 -33.19 -17.39
CA ILE E 162 1.77 -33.62 -17.37
C ILE E 162 1.00 -32.77 -18.37
N THR E 163 0.36 -33.43 -19.32
CA THR E 163 -0.48 -32.81 -20.33
C THR E 163 -1.84 -33.51 -20.36
N PRO E 164 -2.90 -32.82 -20.78
CA PRO E 164 -4.21 -33.47 -20.84
C PRO E 164 -4.25 -34.70 -21.74
N GLN E 165 -3.46 -34.72 -22.82
CA GLN E 165 -3.43 -35.90 -23.68
C GLN E 165 -2.89 -37.11 -22.94
N ALA E 166 -1.80 -36.93 -22.20
CA ALA E 166 -1.18 -37.99 -21.41
C ALA E 166 -0.93 -37.45 -20.01
N SER E 167 -1.88 -37.66 -19.11
CA SER E 167 -1.84 -37.09 -17.77
C SER E 167 -1.44 -38.08 -16.70
N THR E 168 -1.03 -39.29 -17.09
CA THR E 168 -0.67 -40.34 -16.13
C THR E 168 0.82 -40.62 -16.14
N THR E 169 1.64 -39.61 -16.44
CA THR E 169 3.09 -39.79 -16.45
C THR E 169 3.58 -40.11 -15.05
N GLU E 170 4.41 -41.15 -14.93
CA GLU E 170 4.94 -41.59 -13.66
C GLU E 170 6.42 -41.22 -13.55
N ALA E 171 6.80 -40.67 -12.40
CA ALA E 171 8.19 -40.38 -12.16
C ALA E 171 8.95 -41.67 -11.86
N ILE E 172 10.26 -41.66 -12.16
CA ILE E 172 11.13 -42.78 -11.89
C ILE E 172 12.23 -42.28 -10.98
N LEU E 173 12.04 -42.43 -9.67
CA LEU E 173 13.02 -41.98 -8.70
C LEU E 173 14.20 -42.95 -8.65
N PRO E 174 15.42 -42.44 -8.46
CA PRO E 174 16.59 -43.33 -8.39
C PRO E 174 16.65 -44.06 -7.05
N GLU E 175 16.74 -45.39 -7.12
CA GLU E 175 16.87 -46.27 -5.96
C GLU E 175 15.69 -46.20 -5.01
N TYR E 176 14.54 -45.71 -5.46
CA TYR E 176 13.37 -45.56 -4.61
C TYR E 176 12.09 -46.06 -5.27
N GLY E 177 12.18 -46.72 -6.42
CA GLY E 177 10.99 -47.13 -7.14
C GLY E 177 10.46 -46.02 -8.03
N THR E 178 9.21 -46.18 -8.45
CA THR E 178 8.55 -45.24 -9.35
C THR E 178 7.27 -44.73 -8.70
N LEU E 179 7.24 -43.44 -8.37
CA LEU E 179 6.02 -42.82 -7.87
C LEU E 179 5.07 -42.55 -9.03
N GLY E 180 3.85 -43.07 -8.93
CA GLY E 180 2.90 -42.96 -10.03
C GLY E 180 1.92 -41.83 -9.87
N LEU E 181 1.96 -40.88 -10.79
CA LEU E 181 1.04 -39.74 -10.81
C LEU E 181 -0.07 -39.99 -11.82
N GLU E 182 -1.30 -40.03 -11.33
CA GLU E 182 -2.49 -40.14 -12.18
C GLU E 182 -3.41 -38.99 -11.81
N CYS E 183 -3.27 -37.88 -12.53
CA CYS E 183 -3.92 -36.63 -12.18
C CYS E 183 -4.83 -36.17 -13.30
N SER E 184 -5.87 -35.44 -12.93
CA SER E 184 -6.76 -34.84 -13.92
C SER E 184 -6.40 -33.36 -14.07
N PRO E 185 -5.80 -32.94 -15.18
CA PRO E 185 -5.47 -31.52 -15.38
C PRO E 185 -6.59 -30.69 -16.00
N ARG E 186 -7.72 -31.30 -16.37
CA ARG E 186 -8.86 -30.53 -16.85
C ARG E 186 -9.36 -29.58 -15.77
N THR E 187 -9.44 -30.07 -14.54
CA THR E 187 -9.82 -29.22 -13.42
C THR E 187 -8.66 -28.29 -13.07
N GLY E 188 -8.98 -27.23 -12.34
CA GLY E 188 -7.99 -26.21 -12.02
C GLY E 188 -8.56 -24.85 -12.38
N LEU E 189 -7.64 -23.94 -12.71
CA LEU E 189 -8.07 -22.66 -13.25
C LEU E 189 -8.66 -22.87 -14.64
N ASP E 190 -9.98 -22.72 -14.74
CA ASP E 190 -10.66 -22.98 -16.01
C ASP E 190 -10.14 -22.02 -17.08
N PHE E 191 -9.40 -22.57 -18.03
CA PHE E 191 -8.76 -21.76 -19.06
C PHE E 191 -9.69 -21.46 -20.22
N ASN E 192 -10.97 -21.83 -20.12
CA ASN E 192 -11.99 -21.33 -21.01
C ASN E 192 -12.54 -19.99 -20.57
N GLU E 193 -12.14 -19.50 -19.40
CA GLU E 193 -12.49 -18.18 -18.92
C GLU E 193 -11.25 -17.32 -18.68
N MET E 194 -10.21 -17.54 -19.46
CA MET E 194 -8.94 -16.82 -19.31
C MET E 194 -8.57 -16.19 -20.64
N ILE E 195 -8.37 -14.88 -20.64
CA ILE E 195 -7.85 -14.15 -21.79
C ILE E 195 -6.58 -13.46 -21.33
N LEU E 196 -5.48 -13.70 -22.02
CA LEU E 196 -4.21 -13.11 -21.60
C LEU E 196 -4.02 -11.74 -22.23
N LEU E 197 -3.86 -10.72 -21.38
CA LEU E 197 -3.78 -9.34 -21.83
C LEU E 197 -2.32 -8.95 -22.08
N THR E 198 -1.80 -9.38 -23.22
CA THR E 198 -0.45 -9.03 -23.59
C THR E 198 -0.41 -7.56 -23.99
N MET E 199 -0.15 -6.69 -23.01
CA MET E 199 -0.23 -5.25 -23.23
C MET E 199 1.11 -4.65 -22.87
N LYS E 200 1.94 -4.37 -23.88
CA LYS E 200 3.28 -3.81 -23.69
C LYS E 200 4.12 -4.72 -22.79
N ASN E 201 4.10 -6.02 -23.11
CA ASN E 201 4.99 -7.01 -22.52
C ASN E 201 4.69 -7.27 -21.05
N LYS E 202 3.40 -7.29 -20.72
CA LYS E 202 2.95 -7.70 -19.39
C LYS E 202 1.64 -8.44 -19.58
N ALA E 203 1.60 -9.71 -19.16
CA ALA E 203 0.39 -10.50 -19.34
C ALA E 203 -0.41 -10.58 -18.05
N TRP E 204 -1.66 -11.02 -18.19
CA TRP E 204 -2.57 -11.14 -17.05
C TRP E 204 -3.65 -12.17 -17.39
N MET E 205 -4.10 -12.91 -16.37
CA MET E 205 -5.17 -13.89 -16.56
C MET E 205 -6.49 -13.32 -16.06
N VAL E 206 -7.16 -12.58 -16.94
CA VAL E 206 -8.43 -11.96 -16.58
C VAL E 206 -9.57 -12.87 -16.98
N HIS E 207 -10.75 -12.60 -16.43
CA HIS E 207 -11.95 -13.33 -16.82
C HIS E 207 -12.35 -12.98 -18.25
N ARG E 208 -13.00 -13.93 -18.92
CA ARG E 208 -13.34 -13.74 -20.33
C ARG E 208 -14.38 -12.64 -20.51
N GLN E 209 -15.46 -12.69 -19.74
CA GLN E 209 -16.55 -11.73 -19.93
C GLN E 209 -16.09 -10.32 -19.59
N TRP E 210 -15.26 -10.17 -18.55
CA TRP E 210 -14.74 -8.85 -18.21
C TRP E 210 -13.89 -8.31 -19.35
N PHE E 211 -13.09 -9.16 -19.99
CA PHE E 211 -12.31 -8.71 -21.14
C PHE E 211 -13.21 -8.28 -22.28
N PHE E 212 -14.26 -9.05 -22.56
CA PHE E 212 -15.20 -8.65 -23.61
C PHE E 212 -15.95 -7.37 -23.25
N ASP E 213 -16.04 -7.02 -21.98
CA ASP E 213 -16.78 -5.83 -21.56
C ASP E 213 -15.89 -4.61 -21.39
N LEU E 214 -14.65 -4.66 -21.85
CA LEU E 214 -13.80 -3.48 -21.80
C LEU E 214 -14.27 -2.45 -22.83
N PRO E 215 -14.55 -1.21 -22.43
CA PRO E 215 -15.08 -0.23 -23.39
C PRO E 215 -14.16 0.09 -24.56
N LEU E 216 -12.86 -0.17 -24.45
CA LEU E 216 -11.92 0.23 -25.49
C LEU E 216 -12.32 -0.38 -26.84
N PRO E 217 -12.09 0.34 -27.94
CA PRO E 217 -12.44 -0.22 -29.25
C PRO E 217 -11.71 -1.51 -29.52
N TRP E 218 -12.41 -2.45 -30.15
CA TRP E 218 -11.88 -3.79 -30.38
C TRP E 218 -11.69 -4.05 -31.86
N ALA E 219 -10.63 -4.79 -32.19
CA ALA E 219 -10.35 -5.14 -33.56
C ALA E 219 -10.97 -6.49 -33.91
N SER E 220 -10.79 -6.89 -35.17
CA SER E 220 -11.30 -8.18 -35.62
C SER E 220 -10.65 -9.32 -34.86
N GLY E 221 -9.36 -9.21 -34.58
CA GLY E 221 -8.61 -10.24 -33.89
C GLY E 221 -7.71 -11.06 -34.79
N ALA E 222 -7.88 -10.97 -36.10
CA ALA E 222 -7.02 -11.69 -37.03
C ALA E 222 -5.66 -11.00 -37.14
N THR E 223 -4.71 -11.68 -37.78
CA THR E 223 -3.37 -11.15 -37.96
C THR E 223 -3.32 -10.29 -39.23
N THR E 224 -3.37 -8.98 -39.04
CA THR E 224 -3.27 -8.02 -40.14
C THR E 224 -2.47 -6.82 -39.65
N GLU E 225 -2.04 -6.00 -40.62
CA GLU E 225 -1.30 -4.79 -40.29
C GLU E 225 -2.17 -3.55 -40.25
N THR E 226 -3.36 -3.59 -40.86
CA THR E 226 -4.29 -2.46 -40.86
C THR E 226 -5.69 -2.96 -40.52
N PRO E 227 -5.90 -3.46 -39.31
CA PRO E 227 -7.21 -3.99 -38.93
C PRO E 227 -8.24 -2.88 -38.76
N THR E 228 -9.48 -3.19 -39.11
CA THR E 228 -10.57 -2.25 -38.90
C THR E 228 -11.07 -2.35 -37.46
N TRP E 229 -11.36 -1.20 -36.87
CA TRP E 229 -11.74 -1.12 -35.46
C TRP E 229 -13.19 -0.72 -35.31
N ASN E 230 -13.93 -1.50 -34.51
CA ASN E 230 -15.30 -1.18 -34.17
C ASN E 230 -15.32 -0.34 -32.89
N ARG E 231 -16.44 0.35 -32.69
CA ARG E 231 -16.68 1.14 -31.47
C ARG E 231 -15.56 2.15 -31.25
N LYS E 232 -15.26 2.92 -32.29
CA LYS E 232 -14.23 3.95 -32.22
C LYS E 232 -14.75 5.25 -31.63
N GLU E 233 -16.06 5.37 -31.41
CA GLU E 233 -16.67 6.61 -30.99
C GLU E 233 -16.24 7.07 -29.60
N LEU E 234 -15.68 6.17 -28.78
CA LEU E 234 -15.43 6.46 -27.38
C LEU E 234 -13.95 6.65 -27.07
N LEU E 235 -13.09 6.72 -28.08
CA LEU E 235 -11.68 7.03 -27.84
C LEU E 235 -11.29 8.30 -28.59
N VAL E 236 -12.24 8.92 -29.28
CA VAL E 236 -12.08 10.26 -29.82
C VAL E 236 -13.25 11.09 -29.34
N THR E 237 -12.98 12.29 -28.83
CA THR E 237 -13.98 13.11 -28.16
C THR E 237 -14.29 14.34 -29.00
N PHE E 238 -15.36 14.27 -29.78
CA PHE E 238 -15.83 15.45 -30.50
C PHE E 238 -16.32 16.50 -29.51
N LYS E 239 -15.91 17.75 -29.72
CA LYS E 239 -16.26 18.85 -28.83
C LYS E 239 -16.92 19.95 -29.64
N ASN E 240 -18.20 20.19 -29.38
CA ASN E 240 -18.94 21.29 -29.98
C ASN E 240 -19.07 22.40 -28.93
N ALA E 241 -18.02 23.22 -28.81
CA ALA E 241 -18.06 24.36 -27.91
C ALA E 241 -18.92 25.47 -28.50
N HIS E 242 -19.82 26.00 -27.68
CA HIS E 242 -20.82 27.01 -28.11
C HIS E 242 -21.61 26.35 -29.25
N ALA E 243 -21.83 27.03 -30.37
CA ALA E 243 -22.54 26.41 -31.48
C ALA E 243 -21.97 26.76 -32.85
N LYS E 244 -20.80 27.39 -32.94
CA LYS E 244 -20.29 27.81 -34.23
C LYS E 244 -19.73 26.62 -35.02
N LYS E 245 -18.99 25.74 -34.36
CA LYS E 245 -18.35 24.61 -35.01
C LYS E 245 -17.93 23.60 -33.94
N GLN E 246 -17.46 22.45 -34.39
CA GLN E 246 -16.97 21.41 -33.48
C GLN E 246 -15.58 20.98 -33.89
N GLU E 247 -14.76 20.58 -32.91
CA GLU E 247 -13.42 20.09 -33.16
C GLU E 247 -13.36 18.58 -32.94
N VAL E 248 -12.23 17.98 -33.26
CA VAL E 248 -12.01 16.54 -33.10
C VAL E 248 -10.70 16.35 -32.35
N VAL E 249 -10.73 15.60 -31.26
CA VAL E 249 -9.57 15.41 -30.40
C VAL E 249 -9.49 13.95 -29.99
N VAL E 250 -8.30 13.36 -30.12
CA VAL E 250 -8.08 11.99 -29.66
C VAL E 250 -7.95 11.99 -28.14
N LEU E 251 -8.50 10.95 -27.51
CA LEU E 251 -8.63 10.95 -26.06
C LEU E 251 -7.28 10.89 -25.35
N GLY E 252 -6.43 9.94 -25.73
CA GLY E 252 -5.12 9.81 -25.12
C GLY E 252 -4.71 8.36 -25.02
N SER E 253 -3.74 8.10 -24.13
CA SER E 253 -3.16 6.78 -23.96
C SER E 253 -3.72 6.11 -22.72
N GLN E 254 -4.40 4.98 -22.92
CA GLN E 254 -5.18 4.34 -21.87
C GLN E 254 -4.37 3.34 -21.04
N GLU E 255 -3.04 3.46 -21.03
CA GLU E 255 -2.24 2.46 -20.32
C GLU E 255 -2.38 2.61 -18.81
N GLY E 256 -2.33 3.84 -18.31
CA GLY E 256 -2.47 4.05 -16.87
C GLY E 256 -3.85 3.68 -16.38
N ALA E 257 -4.89 3.99 -17.15
CA ALA E 257 -6.23 3.57 -16.80
C ALA E 257 -6.37 2.05 -16.85
N MET E 258 -5.75 1.41 -17.84
CA MET E 258 -5.80 -0.06 -17.91
C MET E 258 -5.14 -0.70 -16.69
N HIS E 259 -4.00 -0.15 -16.28
CA HIS E 259 -3.27 -0.73 -15.16
C HIS E 259 -4.07 -0.67 -13.86
N THR E 260 -4.87 0.38 -13.68
CA THR E 260 -5.74 0.47 -12.52
C THR E 260 -7.07 -0.23 -12.72
N ALA E 261 -7.43 -0.55 -13.96
CA ALA E 261 -8.58 -1.38 -14.25
C ALA E 261 -8.26 -2.86 -14.15
N LEU E 262 -6.98 -3.20 -14.02
CA LEU E 262 -6.54 -4.57 -13.79
C LEU E 262 -6.13 -4.81 -12.34
N THR E 263 -6.68 -4.03 -11.41
CA THR E 263 -6.18 -4.02 -10.05
C THR E 263 -6.46 -5.31 -9.29
N GLY E 264 -7.26 -6.20 -9.85
CA GLY E 264 -7.52 -7.46 -9.18
C GLY E 264 -7.02 -8.68 -9.93
N ALA E 265 -6.54 -8.47 -11.16
CA ALA E 265 -6.08 -9.55 -11.99
C ALA E 265 -4.77 -10.14 -11.44
N THR E 266 -4.44 -11.34 -11.90
CA THR E 266 -3.22 -12.04 -11.50
C THR E 266 -2.19 -11.91 -12.60
N GLU E 267 -0.97 -11.50 -12.23
CA GLU E 267 0.10 -11.35 -13.21
C GLU E 267 0.71 -12.70 -13.55
N ILE E 268 1.10 -12.87 -14.80
CA ILE E 268 1.81 -14.05 -15.26
C ILE E 268 2.99 -13.58 -16.12
N GLN E 269 4.12 -14.26 -15.98
CA GLN E 269 5.31 -13.87 -16.73
C GLN E 269 5.17 -14.29 -18.19
N ASN E 270 5.37 -13.32 -19.09
CA ASN E 270 5.21 -13.53 -20.53
C ASN E 270 6.50 -13.08 -21.22
N SER E 271 7.41 -14.03 -21.41
CA SER E 271 8.62 -13.82 -22.21
C SER E 271 9.00 -15.16 -22.82
N GLY E 272 8.94 -15.24 -24.14
CA GLY E 272 9.06 -16.53 -24.79
C GLY E 272 7.85 -17.37 -24.46
N GLY E 273 8.07 -18.50 -23.80
CA GLY E 273 6.97 -19.30 -23.30
C GLY E 273 6.15 -18.57 -22.26
N THR E 274 4.83 -18.55 -22.41
CA THR E 274 3.95 -17.84 -21.49
C THR E 274 3.76 -18.70 -20.24
N SER E 275 4.81 -18.75 -19.43
CA SER E 275 4.82 -19.62 -18.27
C SER E 275 3.99 -19.00 -17.15
N ILE E 276 2.73 -19.43 -17.03
CA ILE E 276 1.90 -19.02 -15.92
C ILE E 276 2.49 -19.55 -14.62
N PHE E 277 2.36 -18.78 -13.54
CA PHE E 277 2.87 -19.19 -12.25
C PHE E 277 1.81 -19.25 -11.17
N ALA E 278 0.61 -18.76 -11.45
CA ALA E 278 -0.50 -18.91 -10.52
C ALA E 278 -1.44 -20.03 -10.99
N GLY E 279 -2.02 -20.72 -10.03
CA GLY E 279 -2.96 -21.78 -10.34
C GLY E 279 -2.82 -22.92 -9.35
N HIS E 280 -3.55 -24.00 -9.65
CA HIS E 280 -3.52 -25.17 -8.78
C HIS E 280 -3.83 -26.41 -9.61
N LEU E 281 -3.43 -27.56 -9.07
CA LEU E 281 -3.59 -28.84 -9.74
C LEU E 281 -3.92 -29.92 -8.73
N LYS E 282 -4.87 -30.79 -9.07
CA LYS E 282 -5.19 -31.96 -8.27
C LYS E 282 -4.51 -33.18 -8.86
N CYS E 283 -3.83 -33.94 -8.01
CA CYS E 283 -3.08 -35.10 -8.48
C CYS E 283 -3.22 -36.25 -7.49
N ARG E 284 -3.30 -37.46 -8.02
CA ARG E 284 -3.34 -38.68 -7.20
C ARG E 284 -1.95 -39.27 -7.14
N LEU E 285 -1.58 -39.77 -5.96
CA LEU E 285 -0.26 -40.35 -5.76
C LEU E 285 -0.39 -41.85 -5.56
N LYS E 286 -0.02 -42.62 -6.57
CA LYS E 286 -0.06 -44.07 -6.52
C LYS E 286 1.32 -44.57 -6.10
N MET E 287 1.45 -44.90 -4.81
CA MET E 287 2.73 -45.25 -4.21
C MET E 287 2.91 -46.75 -4.05
N ASP E 288 2.32 -47.55 -4.94
CA ASP E 288 2.43 -49.00 -4.80
C ASP E 288 3.82 -49.50 -5.16
N LYS E 289 4.38 -49.01 -6.26
CA LYS E 289 5.68 -49.45 -6.74
C LYS E 289 6.83 -48.81 -5.98
N LEU E 290 6.55 -47.89 -5.07
CA LEU E 290 7.60 -47.09 -4.47
C LEU E 290 8.14 -47.75 -3.21
N GLU E 291 9.47 -47.74 -3.08
CA GLU E 291 10.16 -48.40 -1.99
C GLU E 291 11.15 -47.42 -1.35
N LEU E 292 11.67 -47.81 -0.19
CA LEU E 292 12.67 -47.01 0.52
C LEU E 292 14.01 -47.72 0.48
N LYS E 293 15.08 -46.96 0.32
CA LYS E 293 16.42 -47.53 0.21
C LYS E 293 16.94 -47.98 1.57
N GLY E 294 17.62 -49.12 1.56
CA GLY E 294 18.34 -49.55 2.75
C GLY E 294 17.48 -49.86 3.95
N MET E 295 16.37 -50.58 3.75
CA MET E 295 15.61 -51.04 4.90
C MET E 295 16.32 -52.16 5.63
N SER E 296 17.18 -52.90 4.93
CA SER E 296 17.86 -54.06 5.47
C SER E 296 19.25 -53.76 5.99
N TYR E 297 19.67 -52.49 6.00
CA TYR E 297 21.00 -52.15 6.46
C TYR E 297 21.13 -52.37 7.97
N ALA E 298 22.37 -52.60 8.40
CA ALA E 298 22.65 -52.79 9.81
C ALA E 298 22.64 -51.44 10.54
N MET E 299 22.61 -51.51 11.86
CA MET E 299 22.56 -50.30 12.68
C MET E 299 23.98 -49.80 12.96
N CYS E 300 24.08 -48.49 13.18
CA CYS E 300 25.33 -47.82 13.45
C CYS E 300 25.63 -47.87 14.94
N THR E 301 26.84 -48.31 15.29
CA THR E 301 27.32 -48.24 16.67
C THR E 301 28.65 -47.46 16.69
N ASN E 302 28.53 -46.14 16.74
CA ASN E 302 29.68 -45.23 16.73
C ASN E 302 29.27 -43.84 17.18
N THR E 303 30.18 -42.89 17.05
CA THR E 303 29.92 -41.52 17.50
C THR E 303 29.25 -40.71 16.39
N PHE E 304 28.26 -39.93 16.78
CA PHE E 304 27.60 -38.95 15.92
C PHE E 304 27.86 -37.56 16.46
N VAL E 305 28.10 -36.61 15.57
CA VAL E 305 28.41 -35.24 15.96
C VAL E 305 27.68 -34.28 15.02
N LEU E 306 27.08 -33.24 15.61
CA LEU E 306 26.45 -32.20 14.82
C LEU E 306 27.50 -31.39 14.09
N LYS E 307 27.22 -31.07 12.82
CA LYS E 307 28.07 -30.18 12.04
C LYS E 307 27.40 -28.84 11.77
N LYS E 308 26.10 -28.74 12.02
CA LYS E 308 25.39 -27.48 11.95
C LYS E 308 24.33 -27.49 13.03
N GLU E 309 24.22 -26.39 13.76
CA GLU E 309 23.34 -26.34 14.92
C GLU E 309 21.89 -26.55 14.52
N VAL E 310 21.18 -27.37 15.29
CA VAL E 310 19.79 -27.68 15.01
C VAL E 310 18.96 -26.43 15.20
N SER E 311 18.11 -26.13 14.23
CA SER E 311 17.29 -24.91 14.23
C SER E 311 15.89 -25.25 13.75
N GLU E 312 14.91 -25.03 14.61
CA GLU E 312 13.52 -25.38 14.30
C GLU E 312 12.99 -24.51 13.17
N THR E 313 12.27 -25.14 12.24
CA THR E 313 11.64 -24.43 11.15
C THR E 313 10.35 -23.78 11.62
N GLN E 314 9.56 -23.27 10.67
CA GLN E 314 8.35 -22.56 11.03
C GLN E 314 7.25 -23.51 11.50
N HIS E 315 7.18 -24.71 10.92
CA HIS E 315 6.11 -25.64 11.22
C HIS E 315 6.43 -26.63 12.32
N GLY E 316 7.60 -26.52 12.95
CA GLY E 316 7.96 -27.39 14.06
C GLY E 316 9.07 -28.37 13.76
N THR E 317 9.38 -28.62 12.50
CA THR E 317 10.51 -29.49 12.17
C THR E 317 11.82 -28.81 12.59
N ILE E 318 12.81 -29.61 12.97
CA ILE E 318 14.02 -29.05 13.55
C ILE E 318 15.26 -29.19 12.68
N LEU E 319 15.27 -30.09 11.72
CA LEU E 319 16.37 -30.21 10.76
C LEU E 319 17.70 -30.52 11.46
N ILE E 320 17.78 -31.69 12.10
CA ILE E 320 19.05 -32.14 12.66
C ILE E 320 20.02 -32.45 11.53
N LYS E 321 21.28 -32.04 11.68
CA LYS E 321 22.32 -32.36 10.71
C LYS E 321 23.50 -32.95 11.44
N VAL E 322 23.85 -34.20 11.12
CA VAL E 322 24.89 -34.94 11.81
C VAL E 322 25.86 -35.53 10.79
N GLU E 323 27.03 -35.93 11.27
CA GLU E 323 28.02 -36.60 10.45
C GLU E 323 28.53 -37.82 11.18
N TYR E 324 28.61 -38.94 10.47
CA TYR E 324 29.09 -40.19 11.06
C TYR E 324 30.59 -40.12 11.35
N LYS E 325 31.02 -40.88 12.34
CA LYS E 325 32.43 -40.97 12.70
C LYS E 325 32.93 -42.40 12.75
N GLY E 326 32.13 -43.37 12.32
CA GLY E 326 32.52 -44.76 12.37
C GLY E 326 33.25 -45.22 11.13
N GLU E 327 33.44 -46.53 11.05
CA GLU E 327 34.11 -47.17 9.92
C GLU E 327 33.17 -47.99 9.05
N ASP E 328 31.92 -48.16 9.47
CA ASP E 328 30.93 -48.93 8.71
C ASP E 328 30.02 -47.93 7.99
N ALA E 329 30.36 -47.66 6.73
CA ALA E 329 29.66 -46.61 6.00
C ALA E 329 28.23 -46.98 5.62
N PRO E 330 27.96 -48.09 4.89
CA PRO E 330 26.57 -48.35 4.48
C PRO E 330 25.73 -48.82 5.66
N CYS E 331 25.24 -47.86 6.44
CA CYS E 331 24.72 -48.15 7.76
C CYS E 331 23.47 -47.34 8.03
N LYS E 332 22.66 -47.83 8.97
CA LYS E 332 21.42 -47.16 9.33
C LYS E 332 21.59 -46.36 10.62
N ILE E 333 21.01 -45.17 10.65
CA ILE E 333 21.11 -44.28 11.80
C ILE E 333 20.02 -44.62 12.82
N PRO E 334 20.36 -44.82 14.08
CA PRO E 334 19.36 -45.04 15.11
C PRO E 334 18.74 -43.70 15.54
N PHE E 335 17.72 -43.78 16.39
CA PHE E 335 17.04 -42.58 16.85
C PHE E 335 16.24 -42.92 18.09
N SER E 336 16.13 -41.97 19.00
CA SER E 336 15.34 -42.15 20.21
C SER E 336 14.92 -40.79 20.75
N THR E 337 13.73 -40.76 21.35
CA THR E 337 13.17 -39.54 21.92
C THR E 337 12.65 -39.83 23.31
N GLU E 338 13.03 -38.98 24.27
CA GLU E 338 12.60 -39.13 25.66
C GLU E 338 12.08 -37.78 26.15
N ASP E 339 10.90 -37.78 26.75
CA ASP E 339 10.32 -36.59 27.38
C ASP E 339 10.42 -36.76 28.89
N GLY E 340 11.29 -35.97 29.51
CA GLY E 340 11.51 -36.10 30.94
C GLY E 340 12.12 -37.43 31.35
N GLN E 341 13.11 -37.90 30.59
CA GLN E 341 13.78 -39.18 30.86
C GLN E 341 12.80 -40.35 30.87
N GLY E 342 11.76 -40.28 30.04
CA GLY E 342 10.84 -41.38 29.88
C GLY E 342 10.68 -41.78 28.43
N LYS E 343 10.90 -43.05 28.13
CA LYS E 343 10.88 -43.49 26.73
C LYS E 343 9.46 -43.59 26.22
N ALA E 344 8.75 -42.46 26.14
CA ALA E 344 7.44 -42.42 25.52
C ALA E 344 7.52 -42.45 24.00
N HIS E 345 8.68 -42.14 23.42
CA HIS E 345 8.87 -42.08 21.97
C HIS E 345 7.83 -41.17 21.32
N ASN E 346 7.49 -40.08 22.00
CA ASN E 346 6.48 -39.16 21.49
C ASN E 346 7.11 -38.19 20.48
N GLY E 347 7.81 -38.74 19.50
CA GLY E 347 8.38 -37.96 18.42
C GLY E 347 8.08 -38.60 17.09
N ARG E 348 8.65 -38.07 16.02
CA ARG E 348 8.39 -38.61 14.70
C ARG E 348 9.46 -38.10 13.75
N LEU E 349 9.91 -38.97 12.86
CA LEU E 349 10.89 -38.63 11.85
C LEU E 349 10.14 -38.36 10.54
N ILE E 350 10.14 -37.11 10.11
CA ILE E 350 9.56 -36.80 8.82
C ILE E 350 10.40 -37.41 7.71
N THR E 351 11.70 -37.57 7.92
CA THR E 351 12.49 -38.44 7.07
C THR E 351 12.15 -39.89 7.39
N ALA E 352 12.12 -40.74 6.35
CA ALA E 352 11.64 -42.11 6.54
C ALA E 352 12.52 -42.88 7.52
N ASN E 353 13.78 -43.09 7.17
CA ASN E 353 14.78 -43.71 8.03
C ASN E 353 16.17 -43.33 7.54
N PRO E 354 16.72 -42.23 8.03
CA PRO E 354 17.98 -41.73 7.49
C PRO E 354 19.11 -42.75 7.66
N VAL E 355 19.92 -42.87 6.62
CA VAL E 355 21.03 -43.81 6.60
C VAL E 355 22.25 -43.10 6.05
N VAL E 356 23.41 -43.39 6.64
CA VAL E 356 24.68 -42.88 6.14
C VAL E 356 25.11 -43.73 4.96
N THR E 357 25.49 -43.07 3.86
CA THR E 357 25.94 -43.77 2.67
C THR E 357 27.45 -43.68 2.44
N LYS E 358 28.14 -42.83 3.19
CA LYS E 358 29.59 -42.73 3.11
C LYS E 358 30.13 -42.42 4.50
N LYS E 359 31.40 -42.72 4.73
CA LYS E 359 31.98 -42.64 6.07
C LYS E 359 31.87 -41.23 6.66
N GLU E 360 32.29 -40.22 5.91
CA GLU E 360 32.31 -38.84 6.39
C GLU E 360 31.55 -37.96 5.39
N GLU E 361 30.36 -38.43 4.98
CA GLU E 361 29.44 -37.64 4.18
C GLU E 361 28.35 -37.16 5.11
N PRO E 362 28.21 -35.85 5.35
CA PRO E 362 27.19 -35.38 6.29
C PRO E 362 25.78 -35.72 5.84
N VAL E 363 24.94 -36.09 6.80
CA VAL E 363 23.53 -36.40 6.57
C VAL E 363 22.70 -35.53 7.49
N ASN E 364 21.54 -35.09 7.02
CA ASN E 364 20.68 -34.18 7.74
C ASN E 364 19.30 -34.79 7.94
N ILE E 365 18.78 -34.68 9.16
CA ILE E 365 17.57 -35.38 9.58
C ILE E 365 16.50 -34.37 9.97
N GLU E 366 15.29 -34.57 9.48
CA GLU E 366 14.17 -33.69 9.80
C GLU E 366 13.23 -34.41 10.77
N ALA E 367 13.26 -34.04 12.04
CA ALA E 367 12.46 -34.68 13.06
C ALA E 367 11.43 -33.71 13.62
N GLU E 368 10.33 -34.27 14.12
CA GLU E 368 9.26 -33.48 14.72
C GLU E 368 9.18 -33.77 16.21
N PRO E 369 9.68 -32.90 17.07
CA PRO E 369 9.68 -33.18 18.50
C PRO E 369 8.32 -32.89 19.12
N PRO E 370 8.06 -33.38 20.33
CA PRO E 370 6.78 -33.07 20.99
C PRO E 370 6.72 -31.64 21.50
N PHE E 371 5.65 -31.29 22.19
CA PHE E 371 5.38 -29.91 22.59
C PHE E 371 6.06 -29.51 23.89
N GLY E 372 6.77 -30.42 24.55
CA GLY E 372 7.49 -30.07 25.76
C GLY E 372 8.97 -30.31 25.63
N GLU E 373 9.62 -30.67 26.74
CA GLU E 373 11.01 -31.08 26.70
C GLU E 373 11.15 -32.34 25.86
N SER E 374 12.23 -32.41 25.09
CA SER E 374 12.43 -33.56 24.20
C SER E 374 13.93 -33.81 24.05
N ASN E 375 14.43 -34.76 24.84
CA ASN E 375 15.79 -35.23 24.64
C ASN E 375 15.83 -36.23 23.51
N ILE E 376 16.73 -36.00 22.55
CA ILE E 376 16.82 -36.81 21.34
C ILE E 376 18.16 -37.53 21.35
N VAL E 377 18.10 -38.86 21.26
CA VAL E 377 19.29 -39.70 21.23
C VAL E 377 19.42 -40.29 19.83
N ILE E 378 20.59 -40.07 19.21
CA ILE E 378 20.80 -40.52 17.84
C ILE E 378 21.59 -41.82 17.80
N GLY E 379 22.81 -41.83 18.35
CA GLY E 379 23.63 -43.02 18.37
C GLY E 379 23.23 -43.96 19.50
N ILE E 380 24.04 -44.99 19.68
CA ILE E 380 23.84 -45.95 20.76
C ILE E 380 25.12 -46.03 21.58
N GLY E 381 24.99 -46.46 22.82
CA GLY E 381 26.10 -46.50 23.74
C GLY E 381 26.24 -45.22 24.53
N ASP E 382 27.38 -45.12 25.23
CA ASP E 382 27.65 -43.94 26.04
C ASP E 382 28.05 -42.72 25.21
N ASN E 383 28.33 -42.90 23.93
CA ASN E 383 28.67 -41.81 23.03
C ASN E 383 27.48 -41.31 22.23
N ALA E 384 26.26 -41.63 22.67
CA ALA E 384 25.08 -41.23 21.92
C ALA E 384 24.91 -39.72 21.95
N LEU E 385 24.85 -39.11 20.77
CA LEU E 385 24.60 -37.68 20.68
C LEU E 385 23.24 -37.34 21.28
N LYS E 386 23.21 -36.32 22.12
CA LYS E 386 22.01 -35.93 22.85
C LYS E 386 21.68 -34.49 22.51
N ILE E 387 20.61 -34.30 21.73
CA ILE E 387 20.19 -32.97 21.29
C ILE E 387 18.99 -32.57 22.15
N ASN E 388 19.24 -31.71 23.14
CA ASN E 388 18.15 -31.15 23.92
C ASN E 388 17.35 -30.17 23.07
N TRP E 389 16.03 -30.21 23.22
CA TRP E 389 15.17 -29.29 22.47
C TRP E 389 13.92 -28.98 23.28
N TYR E 390 13.28 -27.87 22.91
CA TYR E 390 12.06 -27.41 23.58
C TYR E 390 11.19 -26.73 22.54
N LYS E 391 10.18 -27.43 22.04
CA LYS E 391 9.21 -26.83 21.13
C LYS E 391 8.21 -26.01 21.94
N LYS E 392 8.20 -24.71 21.72
CA LYS E 392 7.31 -23.81 22.46
C LYS E 392 5.95 -23.80 21.78
N GLY E 393 4.95 -24.36 22.45
CA GLY E 393 3.61 -24.36 21.91
C GLY E 393 2.70 -25.24 22.73
N SER E 394 1.45 -25.34 22.29
CA SER E 394 0.44 -26.16 22.93
C SER E 394 -0.32 -26.94 21.87
N SER E 395 -0.87 -28.08 22.28
CA SER E 395 -1.56 -28.95 21.32
C SER E 395 -2.80 -28.27 20.77
N ILE E 396 -3.54 -27.55 21.60
CA ILE E 396 -4.76 -26.87 21.14
C ILE E 396 -4.41 -25.77 20.15
N GLY E 397 -3.29 -25.09 20.37
CA GLY E 397 -2.85 -24.08 19.42
C GLY E 397 -2.59 -24.67 18.06
N LYS E 398 -1.97 -25.85 18.00
CA LYS E 398 -1.76 -26.53 16.74
C LYS E 398 -3.06 -26.88 16.04
N MET E 399 -4.06 -27.35 16.78
CA MET E 399 -5.36 -27.64 16.18
C MET E 399 -6.01 -26.38 15.63
N PHE E 400 -5.93 -25.28 16.37
CA PHE E 400 -6.50 -24.02 15.88
C PHE E 400 -5.79 -23.55 14.61
N GLU E 401 -4.46 -23.65 14.58
CA GLU E 401 -3.72 -23.25 13.39
C GLU E 401 -4.06 -24.15 12.21
N ALA E 402 -4.21 -25.46 12.45
CA ALA E 402 -4.59 -26.37 11.38
C ALA E 402 -5.98 -26.03 10.85
N THR E 403 -6.90 -25.69 11.74
CA THR E 403 -8.24 -25.29 11.29
C THR E 403 -8.18 -24.01 10.46
N ALA E 404 -7.37 -23.04 10.87
CA ALA E 404 -7.23 -21.82 10.08
C ALA E 404 -6.63 -22.12 8.71
N ARG E 405 -5.63 -23.01 8.66
CA ARG E 405 -5.03 -23.39 7.38
C ARG E 405 -6.05 -24.07 6.47
N GLY E 406 -6.85 -24.98 7.04
CA GLY E 406 -7.89 -25.61 6.26
C GLY E 406 -8.94 -24.63 5.75
N ALA E 407 -9.28 -23.64 6.59
CA ALA E 407 -10.23 -22.62 6.16
C ALA E 407 -9.65 -21.79 5.02
N ARG E 408 -8.38 -21.43 5.10
CA ARG E 408 -7.75 -20.68 4.01
C ARG E 408 -7.74 -21.50 2.73
N ARG E 409 -7.45 -22.80 2.85
CA ARG E 409 -7.45 -23.66 1.68
C ARG E 409 -8.85 -23.77 1.08
N MET E 410 -9.88 -23.86 1.92
CA MET E 410 -11.24 -23.95 1.42
C MET E 410 -11.69 -22.63 0.81
N ALA E 411 -11.12 -21.51 1.26
CA ALA E 411 -11.42 -20.23 0.66
C ALA E 411 -10.74 -20.06 -0.69
N ILE E 412 -9.52 -20.58 -0.86
CA ILE E 412 -8.80 -20.43 -2.11
C ILE E 412 -9.30 -21.46 -3.13
N LEU E 413 -9.13 -22.75 -2.82
CA LEU E 413 -9.72 -23.79 -3.63
C LEU E 413 -11.22 -23.84 -3.42
N GLY E 414 -11.99 -23.92 -4.51
CA GLY E 414 -13.44 -23.92 -4.38
C GLY E 414 -13.95 -25.07 -3.54
N ASP E 415 -13.82 -26.30 -4.04
CA ASP E 415 -14.18 -27.49 -3.29
C ASP E 415 -13.08 -28.54 -3.30
N THR E 416 -12.01 -28.32 -4.06
CA THR E 416 -10.94 -29.30 -4.15
C THR E 416 -10.18 -29.42 -2.83
N ALA E 417 -10.37 -28.48 -1.91
CA ALA E 417 -9.83 -28.64 -0.57
C ALA E 417 -10.42 -29.85 0.13
N TRP E 418 -11.63 -30.27 -0.26
CA TRP E 418 -12.20 -31.49 0.30
C TRP E 418 -11.52 -32.74 -0.24
N ASP E 419 -10.83 -32.64 -1.36
CA ASP E 419 -10.06 -33.75 -1.91
C ASP E 419 -8.57 -33.67 -1.57
N PHE E 420 -8.11 -32.51 -1.10
CA PHE E 420 -6.71 -32.39 -0.71
C PHE E 420 -6.40 -33.39 0.40
N GLY E 421 -5.54 -34.35 0.11
CA GLY E 421 -5.15 -35.34 1.10
C GLY E 421 -6.29 -36.21 1.58
N SER E 422 -7.35 -36.32 0.78
CA SER E 422 -8.51 -37.11 1.13
C SER E 422 -8.25 -38.55 0.75
N VAL E 423 -8.03 -39.40 1.74
CA VAL E 423 -7.63 -40.78 1.49
C VAL E 423 -8.87 -41.63 1.29
N GLY E 424 -9.39 -41.64 0.07
CA GLY E 424 -10.62 -42.38 -0.21
C GLY E 424 -11.75 -41.91 0.68
N GLY E 425 -12.45 -42.87 1.25
CA GLY E 425 -13.49 -42.55 2.22
C GLY E 425 -14.83 -42.24 1.57
N VAL E 426 -15.89 -42.47 2.34
CA VAL E 426 -17.23 -42.14 1.87
C VAL E 426 -17.69 -40.82 2.49
N LEU E 427 -17.23 -40.53 3.71
CA LEU E 427 -17.61 -39.29 4.38
C LEU E 427 -17.10 -38.07 3.60
N ASN E 428 -15.87 -38.14 3.10
CA ASN E 428 -15.32 -37.03 2.33
C ASN E 428 -16.08 -36.84 1.02
N SER E 429 -16.60 -37.93 0.45
CA SER E 429 -17.39 -37.80 -0.77
C SER E 429 -18.67 -37.01 -0.52
N LEU E 430 -19.38 -37.33 0.55
CA LEU E 430 -20.59 -36.59 0.90
C LEU E 430 -20.26 -35.15 1.24
N GLY E 431 -19.17 -34.93 1.98
CA GLY E 431 -18.75 -33.57 2.28
C GLY E 431 -18.46 -32.77 1.03
N LYS E 432 -17.75 -33.37 0.08
CA LYS E 432 -17.45 -32.70 -1.18
C LYS E 432 -18.72 -32.39 -1.96
N MET E 433 -19.66 -33.33 -2.02
CA MET E 433 -20.90 -33.08 -2.75
C MET E 433 -21.69 -31.92 -2.14
N VAL E 434 -21.83 -31.94 -0.81
CA VAL E 434 -22.58 -30.88 -0.13
C VAL E 434 -21.88 -29.53 -0.34
N HIS E 435 -20.56 -29.50 -0.13
CA HIS E 435 -19.83 -28.25 -0.29
C HIS E 435 -19.88 -27.77 -1.74
N GLN E 436 -19.84 -28.68 -2.70
CA GLN E 436 -19.92 -28.30 -4.10
C GLN E 436 -21.23 -27.62 -4.40
N ILE E 437 -22.34 -28.24 -3.97
CA ILE E 437 -23.65 -27.64 -4.25
C ILE E 437 -23.79 -26.28 -3.58
N PHE E 438 -23.48 -26.22 -2.28
CA PHE E 438 -23.67 -24.98 -1.55
C PHE E 438 -22.73 -23.89 -2.03
N GLY E 439 -21.48 -24.24 -2.37
CA GLY E 439 -20.54 -23.26 -2.88
C GLY E 439 -20.92 -22.75 -4.25
N SER E 440 -21.45 -23.63 -5.10
CA SER E 440 -21.92 -23.18 -6.41
C SER E 440 -23.05 -22.16 -6.24
N ALA E 441 -24.02 -22.48 -5.38
CA ALA E 441 -25.09 -21.52 -5.13
C ALA E 441 -24.56 -20.22 -4.55
N TYR E 442 -23.64 -20.33 -3.58
CA TYR E 442 -23.11 -19.16 -2.91
C TYR E 442 -22.33 -18.26 -3.85
N THR E 443 -21.52 -18.83 -4.75
CA THR E 443 -20.77 -17.99 -5.68
C THR E 443 -21.68 -17.43 -6.77
N ALA E 444 -22.71 -18.18 -7.19
CA ALA E 444 -23.69 -17.61 -8.12
C ALA E 444 -24.36 -16.39 -7.50
N LEU E 445 -24.60 -16.45 -6.19
CA LEU E 445 -25.16 -15.28 -5.50
C LEU E 445 -24.13 -14.15 -5.39
N PHE E 446 -22.99 -14.43 -4.76
CA PHE E 446 -21.95 -13.42 -4.56
C PHE E 446 -20.93 -13.42 -5.68
N SER E 447 -21.40 -13.36 -6.92
CA SER E 447 -20.51 -13.19 -8.05
C SER E 447 -20.05 -11.74 -8.15
N GLY E 448 -18.73 -11.53 -8.09
CA GLY E 448 -18.18 -10.21 -8.32
C GLY E 448 -18.56 -9.19 -7.28
N VAL E 449 -18.38 -9.52 -6.00
CA VAL E 449 -18.68 -8.59 -4.92
C VAL E 449 -17.37 -8.07 -4.34
N SER E 450 -17.40 -6.81 -3.90
CA SER E 450 -16.19 -6.10 -3.50
C SER E 450 -15.62 -6.67 -2.20
N TRP E 451 -14.32 -6.44 -2.03
CA TRP E 451 -13.60 -6.78 -0.80
C TRP E 451 -14.26 -6.19 0.44
N VAL E 452 -14.84 -5.00 0.33
CA VAL E 452 -15.52 -4.37 1.45
C VAL E 452 -17.03 -4.60 1.43
N MET E 453 -17.63 -4.75 0.25
CA MET E 453 -19.06 -5.03 0.20
C MET E 453 -19.37 -6.40 0.78
N LYS E 454 -18.44 -7.36 0.63
CA LYS E 454 -18.63 -8.65 1.28
C LYS E 454 -18.72 -8.50 2.79
N ILE E 455 -17.80 -7.74 3.37
CA ILE E 455 -17.83 -7.55 4.82
C ILE E 455 -19.10 -6.82 5.25
N GLY E 456 -19.48 -5.78 4.51
CA GLY E 456 -20.67 -5.03 4.87
C GLY E 456 -21.93 -5.89 4.79
N ILE E 457 -22.09 -6.63 3.70
CA ILE E 457 -23.26 -7.49 3.55
C ILE E 457 -23.26 -8.60 4.58
N GLY E 458 -22.09 -9.13 4.92
CA GLY E 458 -22.03 -10.15 5.95
C GLY E 458 -22.45 -9.62 7.31
N VAL E 459 -22.00 -8.42 7.66
CA VAL E 459 -22.40 -7.81 8.93
C VAL E 459 -23.91 -7.58 8.94
N LEU E 460 -24.44 -7.06 7.84
CA LEU E 460 -25.88 -6.79 7.77
C LEU E 460 -26.68 -8.09 7.90
N LEU E 461 -26.23 -9.15 7.22
CA LEU E 461 -26.96 -10.40 7.24
C LEU E 461 -26.86 -11.11 8.58
N THR E 462 -25.71 -11.02 9.25
CA THR E 462 -25.62 -11.62 10.57
C THR E 462 -26.45 -10.83 11.58
N TRP E 463 -26.58 -9.51 11.40
CA TRP E 463 -27.50 -8.76 12.24
C TRP E 463 -28.94 -9.18 11.99
N ILE E 464 -29.31 -9.37 10.72
CA ILE E 464 -30.64 -9.86 10.41
C ILE E 464 -30.88 -11.21 11.07
N GLY E 465 -29.87 -12.09 11.03
CA GLY E 465 -30.01 -13.37 11.71
C GLY E 465 -30.22 -13.22 13.19
N LEU E 466 -29.40 -12.41 13.86
CA LEU E 466 -29.59 -12.15 15.28
C LEU E 466 -30.92 -11.49 15.61
N ASN E 467 -31.59 -10.89 14.62
CA ASN E 467 -32.90 -10.30 14.89
C ASN E 467 -34.03 -11.31 14.76
N SER E 468 -34.13 -11.98 13.61
CA SER E 468 -35.25 -12.88 13.35
C SER E 468 -35.25 -14.06 14.31
N LYS E 469 -36.44 -14.52 14.68
CA LYS E 469 -36.62 -15.59 15.65
C LYS E 469 -37.56 -16.68 15.16
N ASN E 470 -37.65 -16.88 13.85
CA ASN E 470 -38.41 -17.99 13.26
C ASN E 470 -37.49 -19.10 12.77
N THR E 471 -36.47 -19.41 13.57
CA THR E 471 -35.38 -20.35 13.26
C THR E 471 -34.72 -20.03 11.92
N SER E 472 -34.89 -18.80 11.45
CA SER E 472 -34.05 -18.25 10.41
C SER E 472 -32.71 -17.76 10.93
N MET E 473 -32.62 -17.43 12.22
CA MET E 473 -31.37 -17.05 12.82
C MET E 473 -30.30 -18.11 12.58
N SER E 474 -30.62 -19.35 12.93
CA SER E 474 -29.62 -20.41 12.97
C SER E 474 -28.98 -20.63 11.60
N PHE E 475 -29.77 -20.58 10.53
CA PHE E 475 -29.14 -20.77 9.22
C PHE E 475 -28.61 -19.47 8.64
N SER E 476 -29.35 -18.35 8.74
CA SER E 476 -28.86 -17.11 8.14
C SER E 476 -27.52 -16.70 8.74
N CYS E 477 -27.47 -16.55 10.07
CA CYS E 477 -26.23 -16.09 10.69
C CYS E 477 -25.07 -17.00 10.35
N ILE E 478 -25.16 -18.27 10.75
CA ILE E 478 -24.02 -19.18 10.60
C ILE E 478 -23.64 -19.34 9.14
N ALA E 479 -24.61 -19.57 8.26
CA ALA E 479 -24.32 -19.89 6.86
C ALA E 479 -23.87 -18.69 6.05
N ILE E 480 -24.27 -17.46 6.39
CA ILE E 480 -23.88 -16.36 5.52
C ILE E 480 -22.97 -15.36 6.21
N GLY E 481 -23.29 -14.95 7.43
CA GLY E 481 -22.55 -13.86 8.02
C GLY E 481 -21.10 -14.19 8.29
N ILE E 482 -20.86 -15.23 9.08
CA ILE E 482 -19.48 -15.61 9.41
C ILE E 482 -18.71 -15.97 8.15
N ILE E 483 -19.32 -16.76 7.27
CA ILE E 483 -18.65 -17.18 6.04
C ILE E 483 -18.28 -15.97 5.20
N THR E 484 -19.18 -14.99 5.09
CA THR E 484 -18.94 -13.86 4.21
C THR E 484 -17.91 -12.90 4.79
N LEU E 485 -17.92 -12.69 6.11
CA LEU E 485 -16.83 -11.93 6.72
C LEU E 485 -15.49 -12.63 6.52
N TYR E 486 -15.45 -13.94 6.75
CA TYR E 486 -14.18 -14.67 6.57
C TYR E 486 -13.68 -14.55 5.14
N LEU E 487 -14.59 -14.70 4.18
CA LEU E 487 -14.19 -14.58 2.78
C LEU E 487 -13.71 -13.17 2.48
N GLY E 488 -14.53 -12.15 2.79
CA GLY E 488 -14.18 -10.79 2.44
C GLY E 488 -12.93 -10.30 3.14
N ALA E 489 -12.50 -11.00 4.19
CA ALA E 489 -11.21 -10.69 4.81
C ALA E 489 -10.06 -11.45 4.18
N VAL E 490 -10.32 -12.22 3.12
CA VAL E 490 -9.29 -13.06 2.52
C VAL E 490 -9.21 -12.84 1.00
N VAL E 491 -10.27 -12.29 0.40
CA VAL E 491 -10.42 -12.35 -1.06
C VAL E 491 -9.23 -11.71 -1.77
N GLN E 492 -8.72 -10.59 -1.26
CA GLN E 492 -7.62 -9.89 -1.93
C GLN E 492 -6.34 -10.69 -1.71
N ALA E 493 -6.17 -11.72 -2.52
CA ALA E 493 -5.03 -12.61 -2.41
C ALA E 493 -3.75 -11.94 -2.91
N SER F 1 -8.90 -0.22 -19.99
CA SER F 1 -9.97 0.74 -20.24
C SER F 1 -10.08 1.71 -19.08
N VAL F 2 -11.24 2.37 -19.01
CA VAL F 2 -11.48 3.30 -17.91
C VAL F 2 -11.38 2.55 -16.59
N ALA F 3 -10.85 3.25 -15.58
CA ALA F 3 -10.62 2.62 -14.28
C ALA F 3 -11.90 2.51 -13.49
N LEU F 4 -12.94 1.96 -14.10
CA LEU F 4 -14.24 1.79 -13.46
C LEU F 4 -14.74 0.35 -13.57
N ALA F 5 -13.95 -0.54 -14.17
CA ALA F 5 -14.29 -1.97 -14.23
C ALA F 5 -13.12 -2.82 -13.76
N PRO F 6 -12.73 -2.70 -12.49
CA PRO F 6 -11.61 -3.51 -12.00
C PRO F 6 -11.99 -4.95 -11.81
N HIS F 7 -10.98 -5.82 -11.79
CA HIS F 7 -11.16 -7.26 -11.68
C HIS F 7 -11.10 -7.71 -10.22
N VAL F 8 -11.92 -7.10 -9.37
CA VAL F 8 -11.71 -7.24 -7.92
C VAL F 8 -12.20 -8.59 -7.42
N GLY F 9 -13.49 -8.86 -7.52
CA GLY F 9 -14.05 -10.02 -6.86
C GLY F 9 -14.44 -11.16 -7.77
N MET F 10 -14.59 -10.86 -9.05
CA MET F 10 -15.03 -11.86 -10.01
C MET F 10 -13.91 -12.82 -10.37
N GLY F 11 -14.30 -13.98 -10.87
CA GLY F 11 -13.36 -14.89 -11.50
C GLY F 11 -12.52 -15.71 -10.55
N LEU F 12 -11.30 -15.95 -11.00
CA LEU F 12 -10.39 -16.87 -10.31
C LEU F 12 -9.95 -16.33 -8.97
N ASP F 13 -9.51 -17.22 -8.09
CA ASP F 13 -8.82 -16.87 -6.87
C ASP F 13 -7.66 -17.85 -6.69
N THR F 14 -6.47 -17.32 -6.49
CA THR F 14 -5.26 -18.14 -6.38
C THR F 14 -4.53 -17.80 -5.10
N ARG F 15 -3.44 -18.54 -4.85
CA ARG F 15 -2.65 -18.29 -3.65
C ARG F 15 -1.63 -17.18 -3.87
N THR F 16 -1.22 -16.94 -5.11
CA THR F 16 -0.30 -15.88 -5.42
C THR F 16 -0.98 -14.52 -5.26
N GLN F 17 -0.18 -13.50 -4.99
CA GLN F 17 -0.72 -12.16 -4.84
C GLN F 17 -1.12 -11.61 -6.20
N THR F 18 -2.37 -11.19 -6.32
CA THR F 18 -2.87 -10.62 -7.56
C THR F 18 -2.22 -9.26 -7.81
N TRP F 19 -2.15 -8.88 -9.08
CA TRP F 19 -1.49 -7.65 -9.48
C TRP F 19 -2.10 -6.46 -8.77
N MET F 20 -1.26 -5.67 -8.10
CA MET F 20 -1.68 -4.46 -7.39
C MET F 20 -2.80 -4.77 -6.40
N SER F 21 -2.51 -5.66 -5.45
CA SER F 21 -3.49 -5.99 -4.42
C SER F 21 -3.38 -5.04 -3.24
N ALA F 22 -2.18 -4.91 -2.68
CA ALA F 22 -2.00 -4.08 -1.49
C ALA F 22 -2.19 -2.61 -1.78
N GLU F 23 -1.81 -2.16 -2.98
CA GLU F 23 -1.96 -0.75 -3.33
C GLU F 23 -3.43 -0.37 -3.48
N GLY F 24 -4.23 -1.26 -4.06
CA GLY F 24 -5.63 -0.98 -4.34
C GLY F 24 -6.63 -1.61 -3.41
N ALA F 25 -6.20 -2.21 -2.29
CA ALA F 25 -7.16 -2.76 -1.34
C ALA F 25 -8.07 -1.67 -0.77
N TRP F 26 -7.52 -0.50 -0.46
CA TRP F 26 -8.27 0.56 0.20
C TRP F 26 -8.51 1.76 -0.71
N ARG F 27 -8.39 1.58 -2.02
CA ARG F 27 -8.46 2.70 -2.95
C ARG F 27 -9.84 3.38 -2.91
N GLN F 28 -10.91 2.59 -3.00
CA GLN F 28 -12.24 3.17 -3.00
C GLN F 28 -12.59 3.76 -1.64
N VAL F 29 -12.11 3.15 -0.56
CA VAL F 29 -12.35 3.71 0.77
C VAL F 29 -11.68 5.07 0.91
N GLU F 30 -10.44 5.20 0.43
CA GLU F 30 -9.77 6.49 0.46
C GLU F 30 -10.51 7.50 -0.41
N LYS F 31 -11.02 7.07 -1.56
CA LYS F 31 -11.80 7.96 -2.40
C LYS F 31 -13.04 8.47 -1.69
N VAL F 32 -13.77 7.58 -1.02
CA VAL F 32 -14.98 7.99 -0.31
C VAL F 32 -14.62 8.94 0.82
N GLU F 33 -13.54 8.65 1.56
CA GLU F 33 -13.15 9.51 2.67
C GLU F 33 -12.78 10.90 2.18
N THR F 34 -11.99 11.00 1.12
CA THR F 34 -11.58 12.32 0.64
C THR F 34 -12.77 13.09 0.06
N TRP F 35 -13.68 12.40 -0.62
CA TRP F 35 -14.87 13.08 -1.12
C TRP F 35 -15.71 13.61 0.03
N ALA F 36 -15.89 12.81 1.08
CA ALA F 36 -16.69 13.24 2.21
C ALA F 36 -16.05 14.43 2.91
N LEU F 37 -14.73 14.41 3.06
CA LEU F 37 -14.04 15.54 3.69
C LEU F 37 -14.05 16.78 2.80
N ARG F 38 -14.17 16.62 1.48
CA ARG F 38 -14.25 17.77 0.59
C ARG F 38 -15.66 18.34 0.46
N HIS F 39 -16.69 17.52 0.64
CA HIS F 39 -18.08 17.95 0.50
C HIS F 39 -18.88 17.52 1.71
N PRO F 40 -18.87 18.32 2.79
CA PRO F 40 -19.48 17.85 4.04
C PRO F 40 -20.99 17.97 4.07
N GLY F 41 -21.59 18.89 3.31
CA GLY F 41 -23.02 19.14 3.43
C GLY F 41 -23.88 17.94 3.06
N PHE F 42 -23.40 17.10 2.14
CA PHE F 42 -24.17 15.93 1.78
C PHE F 42 -24.36 14.98 2.95
N THR F 43 -23.48 15.03 3.95
CA THR F 43 -23.73 14.26 5.16
C THR F 43 -25.00 14.74 5.85
N ILE F 44 -25.19 16.06 5.93
CA ILE F 44 -26.41 16.62 6.50
C ILE F 44 -27.62 16.20 5.67
N LEU F 45 -27.50 16.28 4.34
CA LEU F 45 -28.63 15.92 3.50
C LEU F 45 -28.98 14.44 3.65
N ALA F 46 -27.96 13.57 3.73
CA ALA F 46 -28.22 12.14 3.91
C ALA F 46 -28.86 11.86 5.26
N LEU F 47 -28.41 12.56 6.31
CA LEU F 47 -29.05 12.40 7.62
C LEU F 47 -30.52 12.79 7.54
N PHE F 48 -30.82 13.91 6.88
CA PHE F 48 -32.20 14.32 6.70
C PHE F 48 -33.01 13.25 5.97
N LEU F 49 -32.48 12.75 4.86
CA LEU F 49 -33.20 11.76 4.07
C LEU F 49 -33.47 10.51 4.88
N ALA F 50 -32.45 10.01 5.58
CA ALA F 50 -32.62 8.80 6.37
C ALA F 50 -33.63 9.00 7.49
N HIS F 51 -33.55 10.14 8.18
CA HIS F 51 -34.45 10.36 9.32
C HIS F 51 -35.87 10.66 8.86
N TYR F 52 -36.04 10.99 7.58
CA TYR F 52 -37.39 11.22 7.08
C TYR F 52 -37.88 10.15 6.11
N ILE F 53 -37.14 9.04 5.96
CA ILE F 53 -37.64 7.90 5.20
C ILE F 53 -37.59 6.67 6.10
N GLY F 54 -38.71 5.94 6.16
CA GLY F 54 -38.79 4.62 6.76
C GLY F 54 -37.98 4.38 8.01
N THR F 55 -38.24 5.14 9.07
CA THR F 55 -37.32 5.15 10.21
C THR F 55 -37.57 3.98 11.14
N SER F 56 -36.51 3.20 11.34
CA SER F 56 -36.35 2.28 12.46
C SER F 56 -34.85 2.12 12.63
N LEU F 57 -34.40 2.06 13.88
CA LEU F 57 -32.98 2.29 14.20
C LEU F 57 -32.03 1.44 13.35
N THR F 58 -32.48 0.32 12.79
CA THR F 58 -31.62 -0.42 11.88
C THR F 58 -31.75 0.12 10.45
N GLN F 59 -32.98 0.40 10.01
CA GLN F 59 -33.19 0.96 8.68
C GLN F 59 -32.62 2.38 8.58
N LYS F 60 -32.83 3.18 9.62
CA LYS F 60 -32.37 4.56 9.60
C LYS F 60 -30.85 4.64 9.48
N VAL F 61 -30.14 3.62 9.98
CA VAL F 61 -28.69 3.59 9.85
C VAL F 61 -28.25 2.97 8.54
N VAL F 62 -28.90 1.89 8.10
CA VAL F 62 -28.46 1.21 6.89
C VAL F 62 -28.69 2.10 5.68
N ILE F 63 -29.81 2.80 5.63
CA ILE F 63 -30.08 3.68 4.49
C ILE F 63 -29.06 4.81 4.46
N PHE F 64 -28.77 5.41 5.62
CA PHE F 64 -27.79 6.49 5.68
C PHE F 64 -26.42 6.02 5.19
N ILE F 65 -25.94 4.90 5.72
CA ILE F 65 -24.62 4.41 5.33
C ILE F 65 -24.59 4.03 3.87
N LEU F 66 -25.65 3.39 3.38
CA LEU F 66 -25.69 2.95 1.99
C LEU F 66 -25.69 4.15 1.04
N LEU F 67 -26.42 5.21 1.38
CA LEU F 67 -26.44 6.40 0.54
C LEU F 67 -25.10 7.12 0.59
N MET F 68 -24.48 7.17 1.77
CA MET F 68 -23.17 7.82 1.90
C MET F 68 -22.09 7.01 1.19
N LEU F 69 -22.36 5.73 0.93
CA LEU F 69 -21.43 4.94 0.11
C LEU F 69 -21.74 5.12 -1.37
N VAL F 70 -23.02 5.26 -1.70
CA VAL F 70 -23.43 5.34 -3.11
C VAL F 70 -22.93 6.65 -3.72
N THR F 71 -23.32 7.78 -3.12
CA THR F 71 -23.12 9.06 -3.80
C THR F 71 -21.66 9.36 -4.14
N PRO F 72 -20.69 9.24 -3.22
CA PRO F 72 -19.31 9.59 -3.58
C PRO F 72 -18.75 8.71 -4.69
N SER F 73 -18.82 7.39 -4.52
CA SER F 73 -18.26 6.50 -5.51
C SER F 73 -19.00 6.62 -6.84
N MET F 74 -20.33 6.76 -6.81
CA MET F 74 -21.08 6.93 -8.04
C MET F 74 -20.64 8.19 -8.78
N THR F 75 -20.54 9.30 -8.06
CA THR F 75 -20.12 10.61 -8.59
C THR F 75 -20.46 10.83 -10.06
N GLN G 1 5.35 10.13 -32.62
CA GLN G 1 4.92 11.51 -32.76
C GLN G 1 6.09 12.46 -32.51
N VAL G 2 7.11 11.96 -31.81
CA VAL G 2 8.30 12.74 -31.51
C VAL G 2 9.08 12.93 -32.81
N GLU G 3 9.74 14.08 -32.94
CA GLU G 3 10.50 14.43 -34.13
C GLU G 3 11.87 14.93 -33.72
N LEU G 4 12.92 14.24 -34.18
CA LEU G 4 14.29 14.65 -33.96
C LEU G 4 14.91 14.96 -35.31
N VAL G 5 15.25 16.23 -35.53
CA VAL G 5 15.75 16.70 -36.82
C VAL G 5 17.17 17.20 -36.61
N GLU G 6 18.06 16.81 -37.52
CA GLU G 6 19.46 17.18 -37.44
C GLU G 6 19.68 18.57 -38.03
N SER G 7 20.84 19.15 -37.70
CA SER G 7 21.22 20.43 -38.29
C SER G 7 22.73 20.62 -38.13
N GLY G 8 23.28 21.49 -38.97
CA GLY G 8 24.69 21.84 -38.90
C GLY G 8 25.61 21.05 -39.79
N GLY G 9 25.14 19.94 -40.38
CA GLY G 9 25.99 19.13 -41.23
C GLY G 9 26.39 19.80 -42.53
N ASP G 10 27.68 19.77 -42.85
CA ASP G 10 28.20 20.37 -44.06
C ASP G 10 29.59 19.82 -44.31
N VAL G 11 30.20 20.28 -45.40
CA VAL G 11 31.58 19.89 -45.70
C VAL G 11 32.55 20.67 -44.82
N VAL G 12 33.71 20.09 -44.57
CA VAL G 12 34.72 20.71 -43.72
C VAL G 12 36.06 20.06 -44.01
N GLN G 13 37.10 20.89 -44.05
CA GLN G 13 38.46 20.41 -44.26
C GLN G 13 39.03 19.83 -42.97
N PRO G 14 39.99 18.91 -43.06
CA PRO G 14 40.56 18.31 -41.86
C PRO G 14 41.18 19.34 -40.94
N GLY G 15 40.99 19.14 -39.64
CA GLY G 15 41.49 20.04 -38.63
C GLY G 15 40.58 21.19 -38.28
N LYS G 16 39.57 21.47 -39.10
CA LYS G 16 38.66 22.56 -38.82
C LYS G 16 37.48 22.07 -37.99
N SER G 17 37.22 22.76 -36.88
CA SER G 17 36.19 22.32 -35.94
C SER G 17 34.80 22.57 -36.51
N LEU G 18 33.81 21.87 -35.96
CA LEU G 18 32.43 21.99 -36.38
C LEU G 18 31.52 21.75 -35.18
N ARG G 19 30.39 22.44 -35.15
CA ARG G 19 29.42 22.32 -34.07
C ARG G 19 28.12 21.78 -34.64
N LEU G 20 27.73 20.59 -34.20
CA LEU G 20 26.48 19.99 -34.61
C LEU G 20 25.36 20.35 -33.65
N SER G 21 24.13 20.40 -34.18
CA SER G 21 22.97 20.77 -33.38
C SER G 21 21.83 19.80 -33.68
N CYS G 22 21.23 19.27 -32.62
CA CYS G 22 20.10 18.35 -32.72
C CYS G 22 18.86 19.05 -32.17
N ALA G 23 17.94 19.44 -33.07
CA ALA G 23 16.70 20.06 -32.65
C ALA G 23 15.68 18.99 -32.28
N ALA G 24 15.02 19.19 -31.14
CA ALA G 24 14.10 18.21 -30.59
C ALA G 24 12.69 18.78 -30.50
N SER G 25 11.70 17.90 -30.62
CA SER G 25 10.30 18.28 -30.52
C SER G 25 9.47 17.04 -30.26
N GLY G 26 8.29 17.25 -29.68
CA GLY G 26 7.36 16.17 -29.42
C GLY G 26 7.41 15.57 -28.03
N PHE G 27 8.24 16.10 -27.14
CA PHE G 27 8.36 15.58 -25.78
C PHE G 27 9.08 16.61 -24.93
N THR G 28 8.98 16.43 -23.61
CA THR G 28 9.69 17.29 -22.68
C THR G 28 11.17 16.93 -22.72
N PHE G 29 12.01 17.89 -23.15
CA PHE G 29 13.40 17.58 -23.42
C PHE G 29 14.21 17.44 -22.13
N THR G 30 13.95 18.30 -21.14
CA THR G 30 14.84 18.40 -19.99
C THR G 30 14.90 17.11 -19.18
N ASN G 31 13.93 16.22 -19.35
CA ASN G 31 13.88 14.98 -18.58
C ASN G 31 14.51 13.79 -19.28
N TYR G 32 15.04 13.97 -20.48
CA TYR G 32 15.52 12.87 -21.31
C TYR G 32 17.02 12.99 -21.54
N ALA G 33 17.74 11.90 -21.25
CA ALA G 33 19.13 11.80 -21.69
C ALA G 33 19.18 11.69 -23.20
N MET G 34 20.18 12.34 -23.80
CA MET G 34 20.32 12.33 -25.26
C MET G 34 21.67 11.78 -25.65
N HIS G 35 21.74 11.26 -26.87
CA HIS G 35 22.93 10.61 -27.38
C HIS G 35 23.30 11.16 -28.74
N TRP G 36 24.54 10.93 -29.13
CA TRP G 36 25.01 11.17 -30.49
C TRP G 36 25.59 9.89 -31.04
N LEU G 37 25.12 9.47 -32.21
CA LEU G 37 25.60 8.24 -32.84
C LEU G 37 25.92 8.53 -34.30
N ARG G 38 26.89 7.78 -34.82
CA ARG G 38 27.37 7.98 -36.18
C ARG G 38 27.48 6.65 -36.90
N GLN G 39 27.31 6.68 -38.22
CA GLN G 39 27.49 5.50 -39.07
C GLN G 39 28.35 5.93 -40.26
N ALA G 40 29.63 5.54 -40.22
CA ALA G 40 30.49 5.77 -41.37
C ALA G 40 29.99 4.94 -42.55
N PRO G 41 30.11 5.44 -43.78
CA PRO G 41 29.53 4.74 -44.92
C PRO G 41 30.05 3.30 -45.04
N GLY G 42 29.11 2.36 -45.12
CA GLY G 42 29.48 0.96 -45.19
C GLY G 42 30.05 0.39 -43.92
N LYS G 43 29.82 1.04 -42.78
CA LYS G 43 30.37 0.61 -41.51
C LYS G 43 29.26 0.46 -40.47
N GLY G 44 29.56 -0.31 -39.43
CA GLY G 44 28.56 -0.56 -38.41
C GLY G 44 28.28 0.68 -37.58
N LEU G 45 27.12 0.69 -36.95
CA LEU G 45 26.72 1.80 -36.09
C LEU G 45 27.67 1.94 -34.92
N GLU G 46 28.07 3.18 -34.63
CA GLU G 46 29.07 3.46 -33.60
C GLU G 46 28.59 4.63 -32.76
N TRP G 47 28.37 4.39 -31.47
CA TRP G 47 27.90 5.43 -30.58
C TRP G 47 29.04 6.38 -30.23
N VAL G 48 28.74 7.67 -30.14
CA VAL G 48 29.76 8.70 -30.00
C VAL G 48 29.79 9.25 -28.57
N ALA G 49 28.67 9.83 -28.12
CA ALA G 49 28.67 10.50 -26.82
C ALA G 49 27.27 10.49 -26.25
N VAL G 50 27.19 10.66 -24.93
CA VAL G 50 25.92 10.66 -24.20
C VAL G 50 25.94 11.78 -23.17
N ILE G 51 24.81 12.48 -23.04
CA ILE G 51 24.59 13.43 -21.96
C ILE G 51 23.34 13.00 -21.21
N SER G 52 23.43 12.90 -19.90
CA SER G 52 22.33 12.41 -19.09
C SER G 52 21.33 13.53 -18.80
N SER G 53 20.34 13.21 -17.96
CA SER G 53 19.29 14.16 -17.65
C SER G 53 19.85 15.41 -16.99
N ASP G 54 20.71 15.25 -15.98
CA ASP G 54 21.44 16.38 -15.44
C ASP G 54 22.51 16.81 -16.44
N VAL G 55 22.62 18.13 -16.64
CA VAL G 55 23.46 18.64 -17.72
C VAL G 55 24.93 18.31 -17.48
N ASN G 56 25.36 18.34 -16.22
CA ASN G 56 26.78 18.22 -15.91
C ASN G 56 27.37 16.88 -16.36
N ASP G 57 26.62 15.80 -16.16
CA ASP G 57 27.16 14.46 -16.42
C ASP G 57 27.20 14.18 -17.91
N LYS G 58 28.38 13.86 -18.42
CA LYS G 58 28.57 13.51 -19.82
C LYS G 58 29.59 12.38 -19.92
N TYR G 59 29.54 11.67 -21.05
CA TYR G 59 30.50 10.62 -21.34
C TYR G 59 30.75 10.57 -22.84
N TYR G 60 31.94 10.11 -23.23
CA TYR G 60 32.35 10.07 -24.63
C TYR G 60 32.96 8.71 -24.96
N ALA G 61 32.83 8.32 -26.22
CA ALA G 61 33.50 7.10 -26.67
C ALA G 61 35.01 7.31 -26.72
N ASP G 62 35.76 6.28 -26.34
CA ASP G 62 37.21 6.41 -26.23
C ASP G 62 37.84 6.70 -27.58
N SER G 63 37.25 6.18 -28.67
CA SER G 63 37.81 6.44 -30.00
C SER G 63 37.71 7.92 -30.34
N VAL G 64 36.74 8.63 -29.77
CA VAL G 64 36.56 10.05 -30.01
C VAL G 64 36.75 10.88 -28.74
N LYS G 65 37.11 10.22 -27.63
CA LYS G 65 37.27 10.93 -26.36
C LYS G 65 38.37 11.97 -26.46
N GLY G 66 38.08 13.16 -25.93
CA GLY G 66 39.03 14.26 -25.96
C GLY G 66 39.00 15.10 -27.21
N ARG G 67 38.22 14.72 -28.21
CA ARG G 67 38.09 15.49 -29.45
C ARG G 67 36.73 16.16 -29.61
N PHE G 68 35.70 15.69 -28.91
CA PHE G 68 34.35 16.20 -29.06
C PHE G 68 33.91 16.88 -27.78
N THR G 69 32.77 17.56 -27.86
CA THR G 69 32.11 18.16 -26.70
C THR G 69 30.62 18.19 -26.96
N ILE G 70 29.85 17.75 -25.96
CA ILE G 70 28.41 17.62 -26.08
C ILE G 70 27.76 18.57 -25.08
N SER G 71 26.78 19.34 -25.56
CA SER G 71 26.10 20.34 -24.76
C SER G 71 24.60 20.25 -24.98
N ARG G 72 23.85 20.70 -23.98
CA ARG G 72 22.39 20.63 -24.00
C ARG G 72 21.81 22.02 -23.79
N ASP G 73 21.12 22.55 -24.81
CA ASP G 73 20.34 23.77 -24.67
C ASP G 73 18.87 23.35 -24.53
N ASN G 74 18.52 22.91 -23.32
CA ASN G 74 17.17 22.41 -23.08
C ASN G 74 16.14 23.52 -23.01
N SER G 75 16.56 24.76 -22.75
CA SER G 75 15.63 25.88 -22.76
C SER G 75 15.06 26.10 -24.17
N LYS G 76 15.89 25.91 -25.19
CA LYS G 76 15.46 25.98 -26.58
C LYS G 76 14.99 24.64 -27.12
N ASN G 77 15.04 23.60 -26.30
CA ASN G 77 14.68 22.24 -26.71
C ASN G 77 15.54 21.77 -27.88
N THR G 78 16.85 21.80 -27.70
CA THR G 78 17.77 21.36 -28.74
C THR G 78 19.05 20.83 -28.10
N LEU G 79 19.75 19.97 -28.83
CA LEU G 79 21.01 19.40 -28.37
C LEU G 79 22.17 19.94 -29.20
N TYR G 80 23.32 20.07 -28.55
CA TYR G 80 24.51 20.63 -29.19
C TYR G 80 25.66 19.63 -29.12
N LEU G 81 26.34 19.44 -30.23
CA LEU G 81 27.57 18.66 -30.28
C LEU G 81 28.69 19.49 -30.88
N GLN G 82 29.82 19.55 -30.18
CA GLN G 82 30.98 20.32 -30.63
C GLN G 82 32.06 19.34 -31.07
N MET G 83 32.39 19.38 -32.36
CA MET G 83 33.41 18.51 -32.93
C MET G 83 34.67 19.33 -33.16
N ASN G 84 35.78 18.88 -32.57
CA ASN G 84 37.04 19.59 -32.64
C ASN G 84 38.14 18.66 -33.14
N SER G 85 39.08 19.24 -33.88
CA SER G 85 40.21 18.49 -34.46
C SER G 85 39.71 17.32 -35.30
N LEU G 86 38.83 17.63 -36.25
CA LEU G 86 38.23 16.59 -37.08
C LEU G 86 39.26 15.92 -37.98
N THR G 87 39.09 14.63 -38.16
CA THR G 87 39.99 13.77 -38.93
C THR G 87 39.25 13.30 -40.17
N PRO G 88 39.95 13.06 -41.29
CA PRO G 88 39.26 12.47 -42.45
C PRO G 88 38.59 11.14 -42.14
N GLU G 89 39.01 10.46 -41.07
CA GLU G 89 38.27 9.27 -40.63
C GLU G 89 36.92 9.67 -40.02
N ASP G 90 36.85 10.84 -39.39
CA ASP G 90 35.64 11.27 -38.69
C ASP G 90 34.63 11.88 -39.67
N THR G 91 34.30 11.11 -40.70
CA THR G 91 33.24 11.45 -41.64
C THR G 91 32.20 10.34 -41.60
N ALA G 92 30.94 10.71 -41.38
CA ALA G 92 29.88 9.73 -41.20
C ALA G 92 28.54 10.44 -41.24
N VAL G 93 27.48 9.64 -41.21
CA VAL G 93 26.13 10.16 -40.98
C VAL G 93 25.87 10.13 -39.49
N TYR G 94 25.55 11.29 -38.91
CA TYR G 94 25.42 11.43 -37.47
C TYR G 94 23.95 11.47 -37.06
N TYR G 95 23.63 10.77 -35.99
CA TYR G 95 22.26 10.61 -35.51
C TYR G 95 22.12 11.19 -34.11
N CYS G 96 20.87 11.43 -33.72
CA CYS G 96 20.52 11.96 -32.41
C CYS G 96 19.47 11.05 -31.81
N ALA G 97 19.84 10.29 -30.79
CA ALA G 97 18.99 9.26 -30.20
C ALA G 97 18.49 9.70 -28.84
N ARG G 98 17.19 9.54 -28.62
CA ARG G 98 16.56 9.88 -27.36
C ARG G 98 16.79 8.78 -26.33
N GLU G 99 16.52 9.11 -25.07
CA GLU G 99 16.50 8.09 -24.03
C GLU G 99 15.28 7.19 -24.22
N GLN G 100 15.37 5.99 -23.67
CA GLN G 100 14.28 5.03 -23.80
C GLN G 100 13.05 5.51 -23.04
N ALA G 101 11.88 5.38 -23.66
CA ALA G 101 10.65 5.77 -23.00
C ALA G 101 10.32 4.84 -21.84
N VAL G 102 10.44 3.53 -22.06
CA VAL G 102 10.11 2.53 -21.05
C VAL G 102 11.26 1.54 -20.96
N GLY G 103 11.63 1.17 -19.75
CA GLY G 103 12.71 0.22 -19.56
C GLY G 103 13.39 0.43 -18.23
N THR G 104 14.57 -0.20 -18.09
CA THR G 104 15.36 -0.10 -16.87
C THR G 104 16.68 0.63 -17.07
N ASN G 105 17.27 0.56 -18.27
CA ASN G 105 18.55 1.22 -18.51
C ASN G 105 18.41 2.73 -18.40
N PRO G 106 19.27 3.39 -17.63
CA PRO G 106 19.25 4.87 -17.63
C PRO G 106 19.50 5.47 -19.00
N TRP G 107 20.29 4.79 -19.83
CA TRP G 107 20.59 5.26 -21.19
C TRP G 107 20.27 4.16 -22.18
N ALA G 108 19.43 4.48 -23.15
CA ALA G 108 19.09 3.58 -24.24
C ALA G 108 18.53 4.43 -25.38
N PHE G 109 18.35 3.79 -26.53
CA PHE G 109 17.84 4.47 -27.72
C PHE G 109 16.48 3.89 -28.08
N ASP G 110 15.52 4.77 -28.36
CA ASP G 110 14.22 4.34 -28.85
C ASP G 110 13.81 5.04 -30.14
N TYR G 111 14.19 6.30 -30.30
CA TYR G 111 13.86 7.07 -31.49
C TYR G 111 15.12 7.73 -32.03
N TRP G 112 15.37 7.53 -33.32
CA TRP G 112 16.56 8.03 -33.98
C TRP G 112 16.21 9.22 -34.87
N GLY G 113 17.13 10.18 -34.94
CA GLY G 113 16.94 11.34 -35.77
C GLY G 113 17.04 11.00 -37.25
N GLN G 114 16.65 11.98 -38.07
CA GLN G 114 16.69 11.80 -39.52
C GLN G 114 18.11 11.57 -40.04
N GLY G 115 19.10 12.19 -39.42
CA GLY G 115 20.47 11.97 -39.83
C GLY G 115 21.03 13.12 -40.64
N THR G 116 22.27 13.49 -40.31
CA THR G 116 23.00 14.51 -41.03
C THR G 116 24.34 13.94 -41.48
N LEU G 117 24.85 14.46 -42.58
CA LEU G 117 26.10 14.00 -43.17
C LEU G 117 27.17 15.07 -43.01
N VAL G 118 28.29 14.69 -42.42
CA VAL G 118 29.46 15.56 -42.29
C VAL G 118 30.62 14.88 -43.01
N THR G 119 31.31 15.65 -43.86
CA THR G 119 32.39 15.12 -44.69
C THR G 119 33.68 15.86 -44.33
N VAL G 120 34.69 15.12 -43.92
CA VAL G 120 36.00 15.67 -43.60
C VAL G 120 36.97 15.18 -44.67
N SER G 121 37.34 16.07 -45.58
CA SER G 121 38.22 15.71 -46.69
C SER G 121 38.89 16.99 -47.19
N SER G 122 39.93 16.79 -48.00
CA SER G 122 40.68 17.91 -48.56
C SER G 122 40.40 18.06 -50.05
N HIS H 1 33.73 -2.20 -22.62
CA HIS H 1 34.17 -2.43 -24.01
C HIS H 1 33.83 -3.84 -24.47
N ILE H 2 32.62 -4.30 -24.13
CA ILE H 2 32.19 -5.62 -24.55
C ILE H 2 31.97 -5.63 -26.05
N VAL H 3 32.65 -6.55 -26.74
CA VAL H 3 32.59 -6.66 -28.19
C VAL H 3 31.48 -7.65 -28.56
N MET H 4 30.65 -7.28 -29.53
CA MET H 4 29.50 -8.09 -29.93
C MET H 4 29.84 -8.77 -31.25
N THR H 5 29.81 -10.10 -31.25
CA THR H 5 30.08 -10.88 -32.44
C THR H 5 28.79 -11.53 -32.92
N GLN H 6 28.42 -11.26 -34.17
CA GLN H 6 27.22 -11.86 -34.75
C GLN H 6 27.58 -13.05 -35.62
N SER H 7 26.83 -14.14 -35.46
CA SER H 7 27.11 -15.35 -36.24
C SER H 7 26.85 -15.15 -37.73
N PRO H 8 25.67 -14.72 -38.17
CA PRO H 8 25.45 -14.56 -39.61
C PRO H 8 25.86 -13.18 -40.09
N LEU H 9 26.46 -13.14 -41.27
CA LEU H 9 26.82 -11.89 -41.93
C LEU H 9 25.97 -11.60 -43.16
N SER H 10 25.26 -12.59 -43.68
CA SER H 10 24.34 -12.40 -44.79
C SER H 10 23.31 -13.52 -44.74
N LEU H 11 22.03 -13.15 -44.80
CA LEU H 11 20.93 -14.09 -44.65
C LEU H 11 19.96 -13.89 -45.82
N SER H 12 20.13 -14.68 -46.86
CA SER H 12 19.24 -14.63 -48.03
C SER H 12 18.19 -15.72 -47.85
N VAL H 13 16.94 -15.30 -47.62
CA VAL H 13 15.85 -16.23 -47.34
C VAL H 13 14.64 -15.86 -48.19
N THR H 14 13.91 -16.87 -48.63
CA THR H 14 12.70 -16.68 -49.41
C THR H 14 11.58 -16.15 -48.52
N PRO H 15 10.60 -15.47 -49.10
CA PRO H 15 9.48 -14.95 -48.31
C PRO H 15 8.66 -16.08 -47.70
N GLY H 16 7.98 -15.74 -46.60
CA GLY H 16 7.18 -16.74 -45.90
C GLY H 16 8.00 -17.86 -45.30
N GLN H 17 9.16 -17.52 -44.73
CA GLN H 17 10.07 -18.50 -44.16
C GLN H 17 10.66 -17.93 -42.88
N PRO H 18 11.10 -18.78 -41.97
CA PRO H 18 11.72 -18.31 -40.73
C PRO H 18 13.15 -17.81 -40.99
N ALA H 19 13.73 -17.23 -39.95
CA ALA H 19 15.10 -16.71 -40.01
C ALA H 19 15.62 -16.58 -38.59
N SER H 20 16.88 -16.93 -38.39
CA SER H 20 17.51 -16.89 -37.06
C SER H 20 18.82 -16.11 -37.16
N ILE H 21 18.89 -15.01 -36.43
CA ILE H 21 20.11 -14.20 -36.34
C ILE H 21 20.68 -14.35 -34.95
N SER H 22 22.00 -14.49 -34.86
CA SER H 22 22.67 -14.70 -33.59
C SER H 22 23.62 -13.57 -33.30
N CYS H 23 23.58 -13.05 -32.07
CA CYS H 23 24.50 -12.02 -31.60
C CYS H 23 25.14 -12.51 -30.32
N LYS H 24 26.39 -12.96 -30.41
CA LYS H 24 27.09 -13.60 -29.30
C LYS H 24 27.98 -12.57 -28.62
N SER H 25 27.84 -12.46 -27.30
CA SER H 25 28.60 -11.49 -26.54
C SER H 25 29.94 -12.06 -26.09
N SER H 26 30.85 -11.15 -25.72
CA SER H 26 32.12 -11.54 -25.12
C SER H 26 32.03 -11.65 -23.61
N GLN H 27 30.89 -11.29 -23.02
CA GLN H 27 30.69 -11.39 -21.59
C GLN H 27 29.19 -11.40 -21.30
N ILE H 28 28.77 -12.07 -20.22
CA ILE H 28 27.35 -12.12 -19.90
C ILE H 28 26.84 -10.73 -19.58
N SER H 29 25.85 -10.28 -20.36
CA SER H 29 25.25 -8.96 -20.15
C SER H 29 23.99 -9.14 -19.32
N SER H 30 24.17 -9.59 -18.08
CA SER H 30 23.09 -9.81 -17.13
C SER H 30 23.38 -8.97 -15.89
N TRP H 31 22.67 -7.85 -15.76
CA TRP H 31 22.91 -6.95 -14.63
C TRP H 31 22.47 -7.63 -13.33
N GLY H 32 23.40 -7.70 -12.37
CA GLY H 32 23.17 -8.53 -11.20
C GLY H 32 22.05 -8.03 -10.31
N SER H 33 21.93 -6.71 -10.16
CA SER H 33 21.00 -6.16 -9.20
C SER H 33 19.56 -6.50 -9.55
N ASP H 34 19.20 -6.45 -10.84
CA ASP H 34 17.84 -6.71 -11.24
C ASP H 34 17.66 -8.06 -11.94
N GLY H 35 18.73 -8.68 -12.42
CA GLY H 35 18.59 -9.95 -13.10
C GLY H 35 18.14 -9.86 -14.54
N LYS H 36 18.11 -8.66 -15.11
CA LYS H 36 17.74 -8.46 -16.50
C LYS H 36 18.96 -8.56 -17.39
N THR H 37 18.71 -8.72 -18.69
CA THR H 37 19.75 -8.83 -19.71
C THR H 37 19.54 -7.74 -20.75
N TYR H 38 20.49 -6.81 -20.84
CA TYR H 38 20.34 -5.62 -21.68
C TYR H 38 20.98 -5.84 -23.05
N LEU H 39 20.22 -6.46 -23.94
CA LEU H 39 20.63 -6.64 -25.33
C LEU H 39 19.54 -6.13 -26.24
N TYR H 40 19.87 -5.21 -27.14
CA TYR H 40 18.90 -4.55 -27.98
C TYR H 40 19.13 -4.93 -29.44
N TRP H 41 18.07 -4.91 -30.23
CA TRP H 41 18.14 -5.25 -31.66
C TRP H 41 17.53 -4.13 -32.48
N TYR H 42 18.35 -3.48 -33.30
CA TYR H 42 17.90 -2.42 -34.19
C TYR H 42 17.86 -2.93 -35.62
N LEU H 43 17.13 -2.21 -36.47
CA LEU H 43 17.02 -2.51 -37.90
C LEU H 43 17.04 -1.19 -38.64
N GLN H 44 18.10 -0.95 -39.40
CA GLN H 44 18.14 0.20 -40.28
C GLN H 44 17.73 -0.21 -41.70
N LYS H 45 16.50 0.11 -42.07
CA LYS H 45 15.98 -0.18 -43.39
C LYS H 45 16.79 0.58 -44.43
N PRO H 46 17.01 -0.01 -45.61
CA PRO H 46 17.81 0.67 -46.64
C PRO H 46 17.23 2.04 -46.97
N GLY H 47 18.10 3.04 -47.00
CA GLY H 47 17.67 4.41 -47.21
C GLY H 47 16.75 4.94 -46.13
N GLN H 48 16.98 4.53 -44.88
CA GLN H 48 16.15 4.94 -43.76
C GLN H 48 17.03 5.11 -42.53
N SER H 49 16.40 5.40 -41.39
CA SER H 49 17.07 5.52 -40.11
C SER H 49 16.74 4.30 -39.24
N PRO H 50 17.67 3.89 -38.37
CA PRO H 50 17.46 2.67 -37.60
C PRO H 50 16.25 2.77 -36.67
N GLN H 51 15.55 1.65 -36.53
CA GLN H 51 14.43 1.50 -35.60
C GLN H 51 14.89 0.68 -34.41
N LEU H 52 13.97 0.38 -33.48
CA LEU H 52 14.25 -0.47 -32.32
C LEU H 52 13.17 -1.56 -32.30
N LEU H 53 13.61 -2.81 -32.48
CA LEU H 53 12.66 -3.92 -32.61
C LEU H 53 12.38 -4.58 -31.27
N ILE H 54 13.41 -5.06 -30.59
CA ILE H 54 13.26 -5.69 -29.29
C ILE H 54 14.14 -4.93 -28.31
N TYR H 55 13.52 -4.18 -27.41
CA TYR H 55 14.25 -3.34 -26.47
C TYR H 55 14.80 -4.11 -25.28
N GLU H 56 14.69 -5.43 -25.30
CA GLU H 56 15.38 -6.31 -24.35
C GLU H 56 15.81 -7.54 -25.12
N VAL H 57 16.16 -8.59 -24.38
CA VAL H 57 16.51 -9.85 -25.05
C VAL H 57 15.28 -10.47 -25.72
N SER H 58 14.12 -10.37 -25.08
CA SER H 58 12.93 -10.99 -25.67
C SER H 58 11.65 -10.16 -25.56
N SER H 59 11.69 -8.94 -25.01
CA SER H 59 10.49 -8.11 -24.91
C SER H 59 10.52 -7.10 -26.05
N ARG H 60 9.68 -7.32 -27.05
CA ARG H 60 9.73 -6.53 -28.28
C ARG H 60 9.24 -5.11 -28.04
N PHE H 61 9.70 -4.20 -28.90
CA PHE H 61 9.34 -2.79 -28.77
C PHE H 61 7.97 -2.52 -29.39
N SER H 62 7.41 -1.37 -29.04
CA SER H 62 6.10 -0.99 -29.54
C SER H 62 6.14 -0.70 -31.03
N GLY H 63 5.05 -1.01 -31.72
CA GLY H 63 4.97 -0.78 -33.15
C GLY H 63 5.67 -1.82 -34.00
N VAL H 64 6.22 -2.85 -33.39
CA VAL H 64 6.94 -3.90 -34.11
C VAL H 64 5.96 -4.99 -34.50
N SER H 65 6.17 -5.58 -35.68
CA SER H 65 5.29 -6.63 -36.18
C SER H 65 5.30 -7.82 -35.23
N ASP H 66 4.31 -8.69 -35.42
CA ASP H 66 4.08 -9.79 -34.48
C ASP H 66 5.19 -10.83 -34.51
N ARG H 67 5.94 -10.93 -35.59
CA ARG H 67 6.83 -12.06 -35.83
C ARG H 67 8.21 -11.93 -35.17
N PHE H 68 8.60 -10.72 -34.76
CA PHE H 68 9.95 -10.52 -34.25
C PHE H 68 10.02 -10.94 -32.78
N SER H 69 10.84 -11.94 -32.49
CA SER H 69 10.98 -12.46 -31.12
C SER H 69 12.42 -12.88 -30.89
N GLY H 70 12.92 -12.61 -29.69
CA GLY H 70 14.29 -12.93 -29.33
C GLY H 70 14.38 -13.95 -28.21
N SER H 71 15.63 -14.31 -27.90
CA SER H 71 15.92 -15.31 -26.88
C SER H 71 17.38 -15.18 -26.48
N GLY H 72 17.83 -16.08 -25.62
CA GLY H 72 19.20 -16.10 -25.14
C GLY H 72 19.25 -15.72 -23.68
N SER H 73 20.19 -16.32 -22.95
CA SER H 73 20.28 -16.09 -21.51
C SER H 73 21.56 -15.37 -21.10
N GLY H 74 22.73 -15.95 -21.37
CA GLY H 74 23.95 -15.29 -20.92
C GLY H 74 24.80 -14.65 -22.00
N THR H 75 25.10 -15.39 -23.07
CA THR H 75 25.93 -14.86 -24.15
C THR H 75 25.46 -15.21 -25.54
N ASP H 76 24.56 -16.18 -25.72
CA ASP H 76 24.12 -16.62 -27.04
C ASP H 76 22.67 -16.22 -27.21
N PHE H 77 22.45 -15.07 -27.83
CA PHE H 77 21.11 -14.53 -28.03
C PHE H 77 20.72 -14.69 -29.49
N THR H 78 19.41 -14.69 -29.74
CA THR H 78 18.89 -14.96 -31.07
C THR H 78 17.80 -13.95 -31.40
N LEU H 79 17.60 -13.72 -32.70
CA LEU H 79 16.48 -12.94 -33.20
C LEU H 79 15.72 -13.81 -34.19
N LYS H 80 14.53 -14.26 -33.80
CA LYS H 80 13.75 -15.18 -34.61
C LYS H 80 12.66 -14.41 -35.34
N ILE H 81 12.61 -14.57 -36.65
CA ILE H 81 11.53 -14.06 -37.49
C ILE H 81 10.72 -15.25 -37.97
N SER H 82 9.39 -15.18 -37.82
CA SER H 82 8.56 -16.34 -38.14
C SER H 82 8.33 -16.47 -39.63
N ARG H 83 7.81 -15.42 -40.26
CA ARG H 83 7.51 -15.43 -41.69
C ARG H 83 8.05 -14.15 -42.32
N VAL H 84 9.05 -14.30 -43.17
CA VAL H 84 9.74 -13.16 -43.75
C VAL H 84 8.89 -12.55 -44.85
N GLN H 85 8.68 -11.23 -44.79
CA GLN H 85 8.03 -10.49 -45.85
C GLN H 85 9.08 -9.78 -46.70
N ALA H 86 8.61 -8.98 -47.65
CA ALA H 86 9.49 -8.24 -48.54
C ALA H 86 10.03 -6.96 -47.91
N GLU H 87 9.53 -6.57 -46.74
CA GLU H 87 10.00 -5.37 -46.05
C GLU H 87 11.16 -5.64 -45.11
N ASP H 88 11.52 -6.91 -44.90
CA ASP H 88 12.54 -7.26 -43.92
C ASP H 88 13.96 -7.00 -44.40
N VAL H 89 14.13 -6.43 -45.60
CA VAL H 89 15.46 -6.05 -46.05
C VAL H 89 16.00 -4.96 -45.14
N GLY H 90 17.23 -5.14 -44.67
CA GLY H 90 17.83 -4.17 -43.79
C GLY H 90 19.09 -4.72 -43.15
N LEU H 91 19.50 -4.08 -42.06
CA LEU H 91 20.71 -4.44 -41.32
C LEU H 91 20.34 -4.58 -39.85
N TYR H 92 20.40 -5.82 -39.35
CA TYR H 92 19.93 -6.15 -38.01
C TYR H 92 21.09 -5.98 -37.01
N TYR H 93 21.39 -4.72 -36.70
CA TYR H 93 22.42 -4.44 -35.72
C TYR H 93 21.94 -4.77 -34.31
N CYS H 94 22.63 -5.69 -33.65
CA CYS H 94 22.40 -5.96 -32.25
C CYS H 94 23.20 -4.97 -31.41
N MET H 95 22.89 -4.88 -30.12
CA MET H 95 23.60 -3.97 -29.25
C MET H 95 23.51 -4.46 -27.83
N GLN H 96 24.52 -4.16 -27.03
CA GLN H 96 24.51 -4.40 -25.59
C GLN H 96 24.47 -3.05 -24.87
N GLY H 97 23.54 -2.92 -23.93
CA GLY H 97 23.46 -1.75 -23.10
C GLY H 97 24.00 -1.94 -21.70
N LEU H 98 24.69 -3.03 -21.42
CA LEU H 98 25.11 -3.32 -20.06
C LEU H 98 26.12 -2.30 -19.55
N HIS H 99 27.09 -1.93 -20.39
CA HIS H 99 28.16 -1.06 -19.96
C HIS H 99 28.16 0.25 -20.74
N LEU H 100 28.68 1.29 -20.09
CA LEU H 100 28.60 2.64 -20.63
C LEU H 100 29.20 2.77 -22.03
N PRO H 101 30.42 2.27 -22.31
CA PRO H 101 30.89 2.37 -23.71
C PRO H 101 30.25 1.29 -24.58
N LEU H 102 28.93 1.43 -24.76
CA LEU H 102 28.16 0.43 -25.47
C LEU H 102 28.58 0.33 -26.94
N THR H 103 28.67 -0.90 -27.44
CA THR H 103 29.19 -1.16 -28.77
C THR H 103 28.21 -2.03 -29.55
N PHE H 104 27.94 -1.62 -30.78
CA PHE H 104 27.08 -2.38 -31.68
C PHE H 104 27.86 -3.56 -32.28
N GLY H 105 27.11 -4.49 -32.85
CA GLY H 105 27.71 -5.54 -33.66
C GLY H 105 27.91 -5.07 -35.09
N GLN H 106 28.57 -5.92 -35.87
CA GLN H 106 28.81 -5.59 -37.27
C GLN H 106 27.50 -5.55 -38.05
N GLY H 107 26.52 -6.35 -37.65
CA GLY H 107 25.20 -6.28 -38.24
C GLY H 107 25.03 -7.15 -39.47
N THR H 108 24.08 -8.07 -39.42
CA THR H 108 23.82 -8.93 -40.56
C THR H 108 22.99 -8.20 -41.60
N ARG H 109 22.84 -8.82 -42.76
CA ARG H 109 22.04 -8.29 -43.85
C ARG H 109 21.06 -9.37 -44.32
N LEU H 110 19.82 -8.97 -44.57
CA LEU H 110 18.77 -9.89 -44.99
C LEU H 110 18.28 -9.49 -46.37
N GLU H 111 18.21 -10.46 -47.28
CA GLU H 111 17.71 -10.23 -48.63
C GLU H 111 16.81 -11.38 -49.03
N ILE H 112 15.97 -11.14 -50.03
CA ILE H 112 15.03 -12.15 -50.50
C ILE H 112 15.75 -13.08 -51.47
N LYS H 113 15.71 -14.38 -51.18
CA LYS H 113 16.38 -15.38 -52.01
C LYS H 113 15.57 -15.66 -53.27
C1 NAG I . 25.00 22.40 6.27
C2 NAG I . 25.38 22.37 4.80
C3 NAG I . 26.90 22.28 4.64
C4 NAG I . 27.58 23.39 5.42
C5 NAG I . 27.09 23.40 6.87
C6 NAG I . 27.63 24.56 7.67
C7 NAG I . 24.86 19.99 4.38
C8 NAG I . 24.07 19.04 3.53
N2 NAG I . 24.71 21.29 4.09
O3 NAG I . 27.22 22.35 3.26
O4 NAG I . 28.99 23.23 5.44
O5 NAG I . 25.66 23.48 6.91
O6 NAG I . 26.57 25.28 8.29
O7 NAG I . 25.57 19.60 5.29
C1 NAG I . 29.70 23.74 4.28
C2 NAG I . 30.05 25.23 4.42
C3 NAG I . 30.89 25.68 3.22
C4 NAG I . 32.09 24.77 3.03
C5 NAG I . 31.66 23.32 2.95
C6 NAG I . 32.82 22.35 2.88
C7 NAG I . 28.72 27.02 5.45
C8 NAG I . 29.88 27.23 6.37
N2 NAG I . 28.86 26.04 4.54
O3 NAG I . 31.30 27.02 3.42
O4 NAG I . 32.75 25.10 1.81
O5 NAG I . 30.89 22.97 4.12
O6 NAG I . 32.39 21.01 3.00
O7 NAG I . 27.70 27.69 5.53
C1 BMA I . 33.92 25.91 2.05
C2 BMA I . 35.12 25.23 1.35
C3 BMA I . 36.34 26.15 1.27
C4 BMA I . 35.95 27.59 0.86
C5 BMA I . 34.82 28.10 1.74
C6 BMA I . 34.38 29.50 1.36
O2 BMA I . 34.78 24.88 0.02
O3 BMA I . 37.30 25.61 0.37
O4 BMA I . 37.05 28.47 0.97
O5 BMA I . 33.70 27.23 1.56
O6 BMA I . 35.09 29.89 0.18
C1 MAN I . 38.64 25.80 0.88
C2 MAN I . 39.60 25.63 -0.33
C3 MAN I . 39.58 24.19 -0.79
C4 MAN I . 39.89 23.24 0.37
C5 MAN I . 38.89 23.48 1.52
C6 MAN I . 39.22 22.67 2.76
O2 MAN I . 40.95 25.91 0.03
O3 MAN I . 40.49 23.96 -1.86
O4 MAN I . 39.78 21.89 -0.05
O5 MAN I . 38.93 24.87 1.91
O6 MAN I . 40.53 23.04 3.20
C1 BMA I . 34.16 30.36 -0.82
C2 BMA I . 33.99 29.26 -1.90
C3 BMA I . 32.91 29.66 -2.90
C4 BMA I . 31.63 30.11 -2.19
C5 BMA I . 31.96 31.22 -1.18
C6 BMA I . 30.74 31.70 -0.41
O2 BMA I . 33.57 28.03 -1.32
O3 BMA I . 32.63 28.60 -3.80
O4 BMA I . 30.69 30.58 -3.13
O5 BMA I . 32.91 30.71 -0.23
O6 BMA I . 31.11 32.84 0.34
C1 NAG J . 39.92 -19.90 49.97
C2 NAG J . 40.66 -19.37 51.22
C3 NAG J . 42.03 -18.83 50.84
C4 NAG J . 42.82 -19.89 50.10
C5 NAG J . 42.02 -20.39 48.89
C6 NAG J . 42.69 -21.53 48.17
C7 NAG J . 39.48 -17.21 51.41
C8 NAG J . 38.68 -16.32 52.31
N2 NAG J . 39.87 -18.38 51.93
O3 NAG J . 42.71 -18.42 52.01
O4 NAG J . 44.08 -19.39 49.68
O5 NAG J . 40.74 -20.87 49.32
O6 NAG J . 42.42 -22.77 48.80
O7 NAG J . 39.76 -16.88 50.26
C1 NAG J . 45.06 -19.96 50.57
C2 NAG J . 46.30 -20.35 49.75
C3 NAG J . 47.36 -20.93 50.67
C4 NAG J . 47.66 -19.98 51.83
C5 NAG J . 46.36 -19.57 52.53
C6 NAG J . 46.56 -18.51 53.59
C7 NAG J . 46.09 -21.06 47.41
C8 NAG J . 46.63 -19.69 47.05
N2 NAG J . 45.95 -21.30 48.71
O3 NAG J . 48.54 -21.17 49.92
O4 NAG J . 48.51 -20.60 52.77
O5 NAG J . 45.44 -19.03 51.58
O6 NAG J . 45.34 -17.90 53.95
O7 NAG J . 45.79 -21.87 46.55
C1 BMA J . 49.85 -20.15 52.58
C2 BMA J . 50.57 -20.10 53.95
C3 BMA J . 52.05 -19.80 53.76
C4 BMA J . 52.68 -20.72 52.70
C5 BMA J . 51.88 -20.64 51.40
C6 BMA J . 52.40 -21.58 50.33
O2 BMA J . 50.47 -21.35 54.60
O3 BMA J . 52.76 -19.91 54.99
O4 BMA J . 54.02 -20.33 52.46
O5 BMA J . 50.53 -21.01 51.68
O6 BMA J . 51.88 -22.87 50.59
C1 NAG K . 22.65 3.02 -12.13
C2 NAG K . 24.06 3.17 -11.56
C3 NAG K . 25.04 3.56 -12.66
C4 NAG K . 24.95 2.58 -13.82
C5 NAG K . 23.51 2.45 -14.28
C6 NAG K . 23.30 1.40 -15.34
C7 NAG K . 23.76 5.44 -10.61
C8 NAG K . 23.85 6.27 -9.36
N2 NAG K . 24.08 4.15 -10.47
O3 NAG K . 26.34 3.57 -12.08
O4 NAG K . 25.70 3.05 -14.95
O5 NAG K . 22.68 2.07 -13.18
O6 NAG K . 22.44 0.35 -14.88
O7 NAG K . 23.40 5.92 -11.68
C1 NAG K . 27.13 2.95 -14.86
C2 NAG K . 27.66 1.80 -15.70
C3 NAG K . 29.19 1.78 -15.68
C4 NAG K . 29.76 3.14 -16.05
C5 NAG K . 29.12 4.22 -15.18
C6 NAG K . 29.54 5.62 -15.57
C7 NAG K . 26.18 -0.14 -15.92
C8 NAG K . 25.74 -1.43 -15.30
N2 NAG K . 27.13 0.53 -15.24
O3 NAG K . 29.63 0.77 -16.60
O4 NAG K . 31.16 3.16 -15.82
O5 NAG K . 27.69 4.18 -15.30
O6 NAG K . 28.65 6.59 -15.05
O7 NAG K . 25.70 0.29 -16.95
C1 BMA K . 31.91 2.71 -16.96
C2 BMA K . 32.94 3.78 -17.31
C3 BMA K . 33.94 3.26 -18.34
C4 BMA K . 34.44 1.86 -18.00
C5 BMA K . 33.28 0.92 -17.72
C6 BMA K . 33.72 -0.47 -17.31
O2 BMA K . 33.70 4.12 -16.16
O3 BMA K . 35.05 4.16 -18.45
O4 BMA K . 35.22 1.32 -19.06
O5 BMA K . 32.52 1.47 -16.65
O6 BMA K . 35.07 -0.67 -17.73
C1 MAN K . 35.42 4.34 -19.84
C2 MAN K . 36.83 5.00 -19.82
C3 MAN K . 36.71 6.47 -19.39
C4 MAN K . 35.66 7.20 -20.23
C5 MAN K . 34.31 6.49 -20.10
C6 MAN K . 33.24 7.12 -20.96
O2 MAN K . 37.39 5.03 -21.13
O3 MAN K . 37.96 7.13 -19.46
O4 MAN K . 35.52 8.53 -19.78
O5 MAN K . 34.46 5.12 -20.53
O6 MAN K . 33.48 6.73 -22.31
C1 BMA K . 35.78 -1.43 -16.73
C2 BMA K . 36.80 -0.46 -16.04
C3 BMA K . 37.46 -1.15 -14.85
C4 BMA K . 36.41 -1.78 -13.93
C5 BMA K . 35.55 -2.76 -14.75
C6 BMA K . 34.48 -3.44 -13.92
O2 BMA K . 36.15 0.68 -15.53
O3 BMA K . 38.26 -0.24 -14.11
O4 BMA K . 37.04 -2.48 -12.88
O5 BMA K . 34.89 -2.00 -15.77
O6 BMA K . 34.06 -4.61 -14.60
C1 NAG L . -17.00 42.23 -42.47
C2 NAG L . -17.29 41.85 -43.92
C3 NAG L . -16.02 41.96 -44.76
C4 NAG L . -15.40 43.34 -44.60
C5 NAG L . -15.20 43.65 -43.13
C6 NAG L . -14.70 45.06 -42.89
C7 NAG L . -17.28 39.40 -43.63
C8 NAG L . -18.08 38.14 -43.83
N2 NAG L . -17.89 40.52 -44.02
O3 NAG L . -16.35 41.71 -46.12
O4 NAG L . -14.14 43.38 -45.27
O5 NAG L . -16.44 43.54 -42.42
O6 NAG L . -15.74 46.01 -43.08
O7 NAG L . -16.16 39.38 -43.14
C1 NAG L . -14.30 44.03 -46.54
C2 NAG L . -13.20 45.07 -46.71
C3 NAG L . -13.29 45.73 -48.08
C4 NAG L . -13.31 44.66 -49.18
C5 NAG L . -14.42 43.65 -48.90
C6 NAG L . -14.43 42.51 -49.90
C7 NAG L . -12.21 46.37 -44.88
C8 NAG L . -10.95 45.61 -45.13
N2 NAG L . -13.25 46.07 -45.66
O3 NAG L . -12.19 46.61 -48.26
O4 NAG L . -13.52 45.27 -50.45
O5 NAG L . -14.25 43.08 -47.61
O6 NAG L . -15.56 41.67 -49.69
O7 NAG L . -12.28 47.22 -44.00
C1 BMA L . -12.25 45.35 -51.14
C2 BMA L . -12.45 44.92 -52.60
C3 BMA L . -11.18 45.19 -53.41
C4 BMA L . -10.65 46.61 -53.17
C5 BMA L . -10.46 46.84 -51.66
C6 BMA L . -9.97 48.24 -51.34
O2 BMA L . -13.49 45.66 -53.21
O3 BMA L . -11.38 44.97 -54.80
O4 BMA L . -9.41 46.79 -53.83
O5 BMA L . -11.74 46.68 -51.04
O6 BMA L . -11.10 49.10 -51.21
C1 NAG M . -4.65 12.86 -45.36
C2 NAG M . -4.68 13.16 -46.86
C3 NAG M . -3.34 12.81 -47.49
C4 NAG M . -2.20 13.48 -46.74
C5 NAG M . -2.29 13.18 -45.24
C6 NAG M . -1.27 13.94 -44.42
C7 NAG M . -5.92 11.15 -47.58
C8 NAG M . -7.12 10.66 -48.33
N2 NAG M . -5.78 12.48 -47.53
O3 NAG M . -3.34 13.23 -48.85
O4 NAG M . -0.95 12.99 -47.22
O5 NAG M . -3.59 13.55 -44.74
O6 NAG M . -1.77 15.22 -44.04
O7 NAG M . -5.12 10.38 -47.05
C1 NAG M . -0.33 14.01 -48.04
C2 NAG M . 1.19 13.87 -47.93
C3 NAG M . 1.88 14.88 -48.84
C4 NAG M . 1.36 14.77 -50.26
C5 NAG M . -0.17 14.87 -50.27
C6 NAG M . -0.76 14.63 -51.64
C7 NAG M . 2.15 13.03 -45.82
C8 NAG M . 2.27 11.71 -46.51
N2 NAG M . 1.62 14.03 -46.56
O3 NAG M . 3.28 14.66 -48.81
O4 NAG M . 1.91 15.80 -51.06
O5 NAG M . -0.73 13.88 -49.41
O6 NAG M . -2.17 14.50 -51.58
O7 NAG M . 2.51 13.20 -44.66
C1 NAG N . 22.00 -27.80 -4.68
C2 NAG N . 23.13 -27.44 -3.72
C3 NAG N . 24.42 -27.17 -4.51
C4 NAG N . 24.74 -28.35 -5.40
C5 NAG N . 23.54 -28.69 -6.28
C6 NAG N . 23.75 -29.93 -7.11
C7 NAG N . 22.55 -25.07 -3.32
C8 NAG N . 22.21 -24.05 -2.28
N2 NAG N . 22.79 -26.30 -2.88
O3 NAG N . 25.48 -26.92 -3.60
O4 NAG N . 25.88 -28.05 -6.21
O5 NAG N . 22.39 -28.91 -5.47
O6 NAG N . 23.87 -31.08 -6.28
O7 NAG N . 22.58 -24.78 -4.51
C1 NAG N . 26.99 -28.85 -5.76
C2 NAG N . 27.82 -29.23 -6.98
C3 NAG N . 29.05 -30.03 -6.54
C4 NAG N . 29.83 -29.28 -5.48
C5 NAG N . 28.91 -28.89 -4.32
C6 NAG N . 29.59 -28.04 -3.28
C7 NAG N . 26.60 -29.47 -9.09
C8 NAG N . 26.96 -28.04 -9.36
N2 NAG N . 27.04 -29.99 -7.94
O3 NAG N . 29.88 -30.27 -7.67
O4 NAG N . 30.88 -30.10 -4.97
O5 NAG N . 27.79 -28.14 -4.82
O6 NAG N . 29.21 -26.67 -3.41
O7 NAG N . 25.94 -30.13 -9.89
C1 BMA N . 32.15 -29.51 -5.34
C2 BMA N . 33.00 -29.38 -4.06
C3 BMA N . 34.38 -28.83 -4.41
C4 BMA N . 35.03 -29.64 -5.55
C5 BMA N . 34.07 -29.72 -6.75
C6 BMA N . 34.62 -30.58 -7.87
O2 BMA N . 33.20 -30.65 -3.46
O3 BMA N . 35.24 -28.82 -3.27
O4 BMA N . 36.24 -29.01 -5.95
O5 BMA N . 32.83 -30.30 -6.31
O6 BMA N . 34.66 -31.93 -7.42
#